data_1J10
#
_entry.id   1J10
#
_cell.length_a   177.900
_cell.length_b   112.900
_cell.length_c   146.200
_cell.angle_alpha   90.00
_cell.angle_beta   105.80
_cell.angle_gamma   90.00
#
_symmetry.space_group_name_H-M   'C 1 2 1'
#
loop_
_entity.id
_entity.type
_entity.pdbx_description
1 polymer Beta-amylase
2 branched alpha-D-glucopyranose-(1-4)-alpha-D-glucopyranose-(1-4)-beta-D-xylopyranose
3 branched alpha-D-glucopyranose-(1-4)-alpha-D-glucopyranose-(1-4)-alpha-D-xylopyranose
4 non-polymer 'CALCIUM ION'
5 water water
#
_entity_poly.entity_id   1
_entity_poly.type   'polypeptide(L)'
_entity_poly.pdbx_seq_one_letter_code
;AVNGKGMNPDYKAYLMAPLKKIPEVTNWETFENDLRWAKQNGFYAITVDFWWGDMEKNGDQQFDFSYAQRFAQSVKNAGM
KMIPIISTHQCGGNVGDDCNVPIPSWVWNQKSDDSLYFKSETGTVNKETLNPLASDVIRKEYGELYTAFAAAMKPYKDVI
AKIYLSGGPAGELRYPSYTTSDGTGYPSRGKFQAYTEFAKSKFRLWVLNKYGSLNEVNKAWGTKLISELAILPPSDGEQF
LMNGYLSMYGKDYLEWYQGILENHTKLIGELAHNAFDTTFQVPIGAKIAGVHWQYNNPTIPHGAEKPAGYNDYSHLLDAF
KSAKLDVTFTCLEMTDKGSYPEYSMPKTLVQNIATLANEKGIVLNGENALSIGNEEEYKRVAEMAFNYNFAGFTLLRYQD
VMYNNSLMGKFKDLLGVTPVMQTIVVKNVPTTIGDTVYITGNRAELGSWDTKQYPIQLYYDSHSNDWRGNVVLPAERNIE
FKAFIKSKDGTVKSWQTIQQSWNPVPLKTTSHTSSW
;
_entity_poly.pdbx_strand_id   A,B,C,D
#
# COMPACT_ATOMS: atom_id res chain seq x y z
N ALA A 1 -15.23 2.73 28.29
CA ALA A 1 -14.82 1.54 29.09
C ALA A 1 -16.03 0.68 29.40
N VAL A 2 -15.77 -0.50 29.98
CA VAL A 2 -16.80 -1.45 30.34
C VAL A 2 -18.00 -0.84 31.05
N ASN A 3 -19.20 -1.19 30.60
CA ASN A 3 -20.49 -0.78 31.15
C ASN A 3 -20.86 0.70 31.04
N GLY A 4 -20.04 1.58 30.46
CA GLY A 4 -20.52 2.97 30.35
C GLY A 4 -19.60 3.97 31.03
N LYS A 5 -18.48 3.46 31.55
CA LYS A 5 -17.50 4.29 32.22
C LYS A 5 -16.31 4.59 31.31
N GLY A 6 -15.41 5.46 31.77
CA GLY A 6 -14.23 5.81 31.01
C GLY A 6 -12.97 5.28 31.68
N MET A 7 -11.83 5.92 31.39
CA MET A 7 -10.57 5.50 32.00
C MET A 7 -10.55 5.91 33.48
N ASN A 8 -9.68 5.27 34.25
CA ASN A 8 -9.56 5.56 35.68
C ASN A 8 -8.95 6.95 35.90
N PRO A 9 -9.62 7.80 36.68
CA PRO A 9 -9.12 9.14 36.96
C PRO A 9 -7.73 9.11 37.60
N ASP A 10 -7.42 8.04 38.33
CA ASP A 10 -6.15 7.92 39.00
C ASP A 10 -5.05 7.21 38.23
N TYR A 11 -5.29 6.91 36.97
CA TYR A 11 -4.29 6.23 36.17
C TYR A 11 -2.92 6.92 36.21
N LYS A 12 -1.87 6.12 36.34
CA LYS A 12 -0.50 6.62 36.36
C LYS A 12 0.36 5.55 35.72
N ALA A 13 1.45 5.97 35.11
CA ALA A 13 2.39 5.08 34.46
C ALA A 13 3.69 5.07 35.25
N TYR A 14 4.27 3.89 35.42
CA TYR A 14 5.51 3.74 36.17
C TYR A 14 6.50 3.01 35.29
N LEU A 15 7.78 3.17 35.59
CA LEU A 15 8.82 2.52 34.83
C LEU A 15 9.61 1.62 35.78
N MET A 16 9.90 0.40 35.35
CA MET A 16 10.65 -0.56 36.16
C MET A 16 12.15 -0.29 36.00
N ALA A 17 12.86 -0.22 37.12
CA ALA A 17 14.30 0.00 37.09
C ALA A 17 15.01 -1.27 36.65
N PRO A 18 16.29 -1.16 36.25
CA PRO A 18 17.03 -2.35 35.81
C PRO A 18 17.28 -3.35 36.95
N LEU A 19 17.64 -4.59 36.60
CA LEU A 19 17.90 -5.64 37.61
C LEU A 19 19.16 -5.40 38.43
N LYS A 20 20.20 -4.94 37.76
CA LYS A 20 21.47 -4.64 38.43
C LYS A 20 21.38 -3.28 39.10
N LYS A 21 22.29 -3.02 40.03
CA LYS A 21 22.31 -1.73 40.73
C LYS A 21 22.68 -0.65 39.72
N ILE A 22 22.20 0.56 39.95
CA ILE A 22 22.48 1.67 39.05
C ILE A 22 23.95 1.86 38.72
N PRO A 23 24.83 1.90 39.74
CA PRO A 23 26.26 2.08 39.48
C PRO A 23 26.92 0.99 38.64
N GLU A 24 26.16 -0.04 38.26
CA GLU A 24 26.69 -1.11 37.44
C GLU A 24 26.26 -0.91 35.99
N VAL A 25 25.10 -0.28 35.79
CA VAL A 25 24.57 -0.04 34.46
C VAL A 25 24.78 1.38 33.94
N THR A 26 25.08 2.31 34.85
CA THR A 26 25.31 3.71 34.52
C THR A 26 25.86 4.40 35.79
N ASN A 27 25.65 5.70 35.94
CA ASN A 27 26.13 6.39 37.16
C ASN A 27 25.01 7.27 37.71
N TRP A 28 25.08 7.59 38.98
CA TRP A 28 24.04 8.39 39.62
C TRP A 28 23.64 9.68 38.93
N GLU A 29 24.61 10.38 38.34
CA GLU A 29 24.31 11.64 37.66
C GLU A 29 23.49 11.43 36.38
N THR A 30 23.84 10.41 35.59
CA THR A 30 23.13 10.10 34.36
C THR A 30 21.75 9.56 34.69
N PHE A 31 21.67 8.73 35.72
CA PHE A 31 20.43 8.15 36.19
C PHE A 31 19.41 9.26 36.46
N GLU A 32 19.81 10.30 37.17
CA GLU A 32 18.92 11.41 37.47
C GLU A 32 18.43 12.10 36.18
N ASN A 33 19.31 12.18 35.18
CA ASN A 33 18.97 12.78 33.90
C ASN A 33 17.89 11.92 33.24
N ASP A 34 18.10 10.60 33.32
CA ASP A 34 17.17 9.60 32.77
C ASP A 34 15.80 9.70 33.42
N LEU A 35 15.79 9.97 34.73
CA LEU A 35 14.54 10.10 35.47
C LEU A 35 13.77 11.33 35.06
N ARG A 36 14.48 12.43 34.81
CA ARG A 36 13.84 13.66 34.38
C ARG A 36 13.27 13.44 32.96
N TRP A 37 14.00 12.69 32.15
CA TRP A 37 13.55 12.37 30.79
C TRP A 37 12.32 11.47 30.85
N ALA A 38 12.34 10.46 31.71
CA ALA A 38 11.19 9.55 31.85
C ALA A 38 9.97 10.33 32.33
N LYS A 39 10.22 11.26 33.24
CA LYS A 39 9.19 12.13 33.81
C LYS A 39 8.56 12.98 32.71
N GLN A 40 9.39 13.40 31.77
CA GLN A 40 8.96 14.21 30.63
C GLN A 40 8.03 13.40 29.72
N ASN A 41 8.22 12.08 29.68
CA ASN A 41 7.41 11.21 28.85
C ASN A 41 6.17 10.60 29.52
N GLY A 42 5.75 11.19 30.63
CA GLY A 42 4.56 10.73 31.31
C GLY A 42 4.69 9.76 32.47
N PHE A 43 5.92 9.39 32.83
CA PHE A 43 6.12 8.46 33.95
C PHE A 43 6.07 9.18 35.29
N TYR A 44 5.28 8.63 36.20
CA TYR A 44 5.09 9.18 37.53
C TYR A 44 6.10 8.66 38.56
N ALA A 45 6.49 7.41 38.44
CA ALA A 45 7.42 6.82 39.40
C ALA A 45 8.26 5.71 38.81
N ILE A 46 9.35 5.40 39.51
CA ILE A 46 10.27 4.31 39.14
C ILE A 46 10.07 3.20 40.19
N THR A 47 9.75 1.98 39.75
CA THR A 47 9.59 0.87 40.69
C THR A 47 10.94 0.15 40.70
N VAL A 48 11.40 -0.27 41.87
CA VAL A 48 12.71 -0.91 41.98
C VAL A 48 12.77 -2.00 43.04
N ASP A 49 13.47 -3.09 42.71
CA ASP A 49 13.66 -4.22 43.62
C ASP A 49 14.79 -3.95 44.60
N PHE A 50 14.51 -4.13 45.88
CA PHE A 50 15.55 -4.00 46.89
C PHE A 50 15.65 -5.41 47.41
N TRP A 51 16.73 -6.07 47.03
CA TRP A 51 16.97 -7.47 47.37
C TRP A 51 17.33 -7.80 48.80
N TRP A 52 16.61 -8.77 49.35
CA TRP A 52 16.82 -9.25 50.70
C TRP A 52 18.27 -9.71 50.81
N GLY A 53 18.74 -10.42 49.79
CA GLY A 53 20.11 -10.91 49.78
C GLY A 53 21.16 -9.83 49.90
N ASP A 54 20.80 -8.60 49.54
CA ASP A 54 21.71 -7.47 49.63
C ASP A 54 21.59 -6.79 51.00
N MET A 55 20.34 -6.61 51.46
CA MET A 55 20.07 -5.89 52.70
C MET A 55 20.29 -6.58 54.05
N GLU A 56 20.34 -7.90 54.07
CA GLU A 56 20.57 -8.63 55.32
C GLU A 56 21.41 -9.85 54.99
N LYS A 57 22.41 -9.60 54.16
CA LYS A 57 23.33 -10.62 53.66
C LYS A 57 24.15 -11.41 54.68
N ASN A 58 24.95 -10.70 55.49
CA ASN A 58 25.84 -11.35 56.42
C ASN A 58 25.28 -12.10 57.61
N GLY A 59 24.08 -11.75 58.05
CA GLY A 59 23.51 -12.45 59.18
C GLY A 59 22.27 -11.79 59.72
N ASP A 60 21.60 -12.49 60.62
CA ASP A 60 20.39 -12.02 61.25
C ASP A 60 20.60 -10.62 61.82
N GLN A 61 19.75 -9.69 61.38
CA GLN A 61 19.79 -8.29 61.80
C GLN A 61 21.02 -7.51 61.39
N GLN A 62 21.83 -8.06 60.49
CA GLN A 62 23.00 -7.34 59.99
C GLN A 62 22.58 -6.69 58.68
N PHE A 63 21.80 -5.62 58.83
CA PHE A 63 21.23 -4.87 57.72
C PHE A 63 22.13 -3.89 56.98
N ASP A 64 21.80 -3.64 55.71
CA ASP A 64 22.54 -2.71 54.88
C ASP A 64 21.58 -2.05 53.92
N PHE A 65 21.01 -0.92 54.34
CA PHE A 65 20.08 -0.17 53.52
C PHE A 65 20.74 1.03 52.85
N SER A 66 22.07 1.03 52.80
CA SER A 66 22.77 2.15 52.18
C SER A 66 22.42 2.35 50.70
N TYR A 67 22.37 1.26 49.92
CA TYR A 67 22.04 1.39 48.50
C TYR A 67 20.65 1.98 48.33
N ALA A 68 19.69 1.41 49.03
CA ALA A 68 18.32 1.88 48.97
C ALA A 68 18.19 3.36 49.32
N GLN A 69 18.96 3.83 50.29
CA GLN A 69 18.90 5.24 50.69
C GLN A 69 19.55 6.14 49.65
N ARG A 70 20.63 5.66 49.04
CA ARG A 70 21.33 6.40 48.01
C ARG A 70 20.45 6.51 46.76
N PHE A 71 19.76 5.43 46.43
CA PHE A 71 18.86 5.38 45.29
C PHE A 71 17.76 6.43 45.49
N ALA A 72 17.17 6.44 46.67
CA ALA A 72 16.11 7.38 47.03
C ALA A 72 16.56 8.83 46.93
N GLN A 73 17.82 9.09 47.26
CA GLN A 73 18.36 10.44 47.20
C GLN A 73 18.36 10.95 45.75
N SER A 74 18.78 10.10 44.82
CA SER A 74 18.80 10.48 43.41
C SER A 74 17.39 10.68 42.86
N VAL A 75 16.43 9.89 43.35
CA VAL A 75 15.05 10.02 42.92
C VAL A 75 14.54 11.39 43.39
N LYS A 76 14.94 11.79 44.59
CA LYS A 76 14.54 13.07 45.13
C LYS A 76 15.23 14.17 44.34
N ASN A 77 16.46 13.92 43.92
CA ASN A 77 17.23 14.89 43.12
C ASN A 77 16.60 15.13 41.75
N ALA A 78 16.06 14.07 41.16
CA ALA A 78 15.44 14.14 39.84
C ALA A 78 14.00 14.58 39.89
N GLY A 79 13.50 14.86 41.09
CA GLY A 79 12.12 15.28 41.23
C GLY A 79 11.12 14.21 40.84
N MET A 80 11.48 12.96 41.09
CA MET A 80 10.61 11.83 40.77
C MET A 80 10.11 11.14 42.04
N LYS A 81 9.30 10.11 41.86
CA LYS A 81 8.77 9.30 42.95
C LYS A 81 9.30 7.89 42.75
N MET A 82 9.23 7.07 43.78
CA MET A 82 9.68 5.68 43.69
C MET A 82 8.74 4.73 44.40
N ILE A 83 8.70 3.50 43.91
CA ILE A 83 7.86 2.48 44.49
C ILE A 83 8.81 1.31 44.78
N PRO A 84 9.28 1.21 46.03
CA PRO A 84 10.19 0.12 46.36
C PRO A 84 9.51 -1.23 46.48
N ILE A 85 10.20 -2.27 46.05
CA ILE A 85 9.68 -3.63 46.15
C ILE A 85 10.65 -4.30 47.11
N ILE A 86 10.13 -4.74 48.25
CA ILE A 86 10.94 -5.44 49.24
C ILE A 86 11.05 -6.88 48.73
N SER A 87 12.07 -7.12 47.95
CA SER A 87 12.27 -8.42 47.33
C SER A 87 12.89 -9.53 48.13
N THR A 88 12.02 -10.30 48.76
CA THR A 88 12.43 -11.45 49.57
C THR A 88 12.53 -12.71 48.72
N HIS A 89 12.77 -12.54 47.42
CA HIS A 89 12.92 -13.67 46.51
C HIS A 89 14.28 -13.55 45.84
N GLN A 90 14.73 -14.61 45.21
CA GLN A 90 16.03 -14.62 44.55
C GLN A 90 16.03 -13.95 43.18
N CYS A 91 17.12 -13.25 42.87
CA CYS A 91 17.27 -12.60 41.57
C CYS A 91 18.16 -13.49 40.73
N GLY A 92 17.69 -13.82 39.52
CA GLY A 92 18.46 -14.64 38.61
C GLY A 92 18.91 -15.99 39.13
N GLY A 93 20.17 -16.32 38.87
CA GLY A 93 20.71 -17.58 39.32
C GLY A 93 20.52 -18.72 38.32
N ASN A 94 20.30 -18.38 37.06
CA ASN A 94 20.13 -19.37 36.00
C ASN A 94 21.15 -19.07 34.90
N VAL A 95 21.07 -19.81 33.79
CA VAL A 95 21.99 -19.61 32.68
C VAL A 95 21.89 -18.21 32.05
N GLY A 96 22.95 -17.42 32.23
CA GLY A 96 23.01 -16.09 31.68
C GLY A 96 21.93 -15.13 32.16
N ASP A 97 21.63 -15.16 33.46
CA ASP A 97 20.63 -14.25 34.01
C ASP A 97 21.29 -12.91 34.23
N ASP A 98 20.50 -11.84 34.21
CA ASP A 98 21.05 -10.51 34.40
C ASP A 98 21.29 -10.17 35.87
N CYS A 99 21.32 -11.20 36.71
CA CYS A 99 21.53 -11.03 38.14
C CYS A 99 21.62 -12.38 38.84
N ASN A 100 22.11 -12.35 40.07
CA ASN A 100 22.21 -13.54 40.89
C ASN A 100 22.31 -13.09 42.34
N VAL A 101 21.15 -12.86 42.95
CA VAL A 101 21.08 -12.41 44.33
C VAL A 101 20.13 -13.34 45.10
N PRO A 102 20.66 -14.45 45.62
CA PRO A 102 19.89 -15.44 46.38
C PRO A 102 19.51 -14.83 47.71
N ILE A 103 18.53 -15.41 48.39
CA ILE A 103 18.14 -14.89 49.70
C ILE A 103 19.30 -15.26 50.63
N PRO A 104 19.47 -14.51 51.74
CA PRO A 104 20.56 -14.76 52.70
C PRO A 104 20.76 -16.25 53.00
N SER A 105 21.99 -16.72 52.83
CA SER A 105 22.32 -18.12 53.06
C SER A 105 22.12 -18.62 54.49
N TRP A 106 22.26 -17.72 55.46
CA TRP A 106 22.08 -18.07 56.88
C TRP A 106 20.64 -18.43 57.23
N VAL A 107 19.69 -17.98 56.41
CA VAL A 107 18.29 -18.27 56.68
C VAL A 107 18.00 -19.78 56.60
N TRP A 108 18.63 -20.47 55.67
CA TRP A 108 18.41 -21.90 55.51
C TRP A 108 18.83 -22.72 56.72
N ASN A 109 19.69 -22.14 57.56
CA ASN A 109 20.19 -22.81 58.75
C ASN A 109 19.24 -22.67 59.94
N GLN A 110 18.19 -21.88 59.79
CA GLN A 110 17.22 -21.66 60.86
C GLN A 110 16.39 -22.93 61.13
N LYS A 111 16.42 -23.86 60.18
CA LYS A 111 15.66 -25.10 60.31
C LYS A 111 16.47 -26.34 60.00
N SER A 112 16.12 -27.43 60.68
CA SER A 112 16.77 -28.71 60.49
C SER A 112 15.94 -29.57 59.52
N ASP A 113 14.64 -29.33 59.50
CA ASP A 113 13.72 -30.05 58.62
C ASP A 113 13.70 -29.42 57.22
N ASP A 114 12.79 -29.89 56.36
CA ASP A 114 12.67 -29.36 55.00
C ASP A 114 11.54 -28.36 54.86
N SER A 115 11.20 -27.71 55.97
CA SER A 115 10.10 -26.76 56.00
C SER A 115 10.29 -25.47 55.22
N LEU A 116 11.55 -25.10 54.97
CA LEU A 116 11.84 -23.83 54.29
C LEU A 116 11.75 -23.78 52.77
N TYR A 117 11.93 -24.92 52.12
CA TYR A 117 11.90 -24.96 50.67
C TYR A 117 10.76 -25.78 50.08
N PHE A 118 10.75 -25.88 48.74
CA PHE A 118 9.73 -26.62 47.99
C PHE A 118 10.32 -27.87 47.33
N LYS A 119 9.47 -28.86 47.13
CA LYS A 119 9.89 -30.09 46.46
C LYS A 119 8.75 -30.46 45.52
N SER A 120 9.05 -30.62 44.24
CA SER A 120 8.02 -30.94 43.27
C SER A 120 7.62 -32.41 43.28
N GLU A 121 6.66 -32.74 42.42
CA GLU A 121 6.16 -34.10 42.27
C GLU A 121 7.31 -35.06 41.96
N THR A 122 8.27 -34.59 41.17
CA THR A 122 9.41 -35.40 40.80
C THR A 122 10.66 -35.20 41.67
N GLY A 123 10.47 -34.52 42.80
CA GLY A 123 11.58 -34.32 43.72
C GLY A 123 12.54 -33.17 43.45
N THR A 124 12.12 -32.22 42.63
CA THR A 124 12.97 -31.08 42.33
C THR A 124 12.86 -30.07 43.48
N VAL A 125 14.01 -29.73 44.05
CA VAL A 125 14.08 -28.76 45.15
C VAL A 125 14.16 -27.34 44.62
N ASN A 126 13.36 -26.45 45.20
CA ASN A 126 13.37 -25.04 44.82
C ASN A 126 13.60 -24.21 46.07
N LYS A 127 14.57 -23.31 46.00
CA LYS A 127 14.93 -22.47 47.12
C LYS A 127 15.05 -20.99 46.75
N GLU A 128 14.25 -20.51 45.81
CA GLU A 128 14.36 -19.11 45.43
C GLU A 128 13.47 -18.16 46.23
N THR A 129 12.80 -18.72 47.23
CA THR A 129 11.93 -17.97 48.12
C THR A 129 11.56 -18.95 49.24
N LEU A 130 11.23 -18.41 50.41
CA LEU A 130 10.85 -19.25 51.55
C LEU A 130 9.46 -19.84 51.35
N ASN A 131 9.31 -21.11 51.69
CA ASN A 131 8.04 -21.79 51.56
C ASN A 131 7.05 -21.13 52.52
N PRO A 132 5.89 -20.67 52.01
CA PRO A 132 4.87 -20.02 52.84
C PRO A 132 4.35 -20.87 54.00
N LEU A 133 4.71 -22.15 54.03
CA LEU A 133 4.30 -23.06 55.10
C LEU A 133 5.02 -22.71 56.40
N ALA A 134 6.28 -22.28 56.27
CA ALA A 134 7.11 -21.89 57.39
C ALA A 134 6.73 -20.48 57.84
N SER A 135 5.50 -20.32 58.31
CA SER A 135 4.99 -19.02 58.75
C SER A 135 5.73 -18.42 59.94
N ASP A 136 6.33 -19.27 60.77
CA ASP A 136 7.06 -18.82 61.94
C ASP A 136 8.33 -18.06 61.55
N VAL A 137 9.07 -18.59 60.59
CA VAL A 137 10.29 -17.97 60.10
C VAL A 137 9.93 -16.73 59.30
N ILE A 138 8.85 -16.82 58.52
CA ILE A 138 8.40 -15.69 57.71
C ILE A 138 7.94 -14.51 58.59
N ARG A 139 7.13 -14.80 59.60
CA ARG A 139 6.66 -13.75 60.50
C ARG A 139 7.84 -13.03 61.17
N LYS A 140 8.83 -13.79 61.61
CA LYS A 140 10.00 -13.21 62.24
C LYS A 140 10.86 -12.41 61.27
N GLU A 141 11.36 -13.07 60.22
CA GLU A 141 12.23 -12.43 59.25
C GLU A 141 11.62 -11.30 58.42
N TYR A 142 10.37 -11.46 57.97
CA TYR A 142 9.71 -10.41 57.19
C TYR A 142 9.35 -9.25 58.08
N GLY A 143 8.85 -9.55 59.28
CA GLY A 143 8.50 -8.51 60.20
C GLY A 143 9.73 -7.66 60.53
N GLU A 144 10.86 -8.33 60.77
CA GLU A 144 12.09 -7.63 61.09
C GLU A 144 12.57 -6.78 59.94
N LEU A 145 12.52 -7.33 58.73
CA LEU A 145 12.97 -6.64 57.53
C LEU A 145 12.09 -5.43 57.16
N TYR A 146 10.77 -5.61 57.22
CA TYR A 146 9.81 -4.55 56.90
C TYR A 146 9.96 -3.37 57.86
N THR A 147 10.07 -3.69 59.14
CA THR A 147 10.24 -2.67 60.19
C THR A 147 11.59 -1.95 60.06
N ALA A 148 12.65 -2.69 59.72
CA ALA A 148 13.98 -2.08 59.56
C ALA A 148 14.02 -1.19 58.33
N PHE A 149 13.36 -1.64 57.26
CA PHE A 149 13.31 -0.89 56.00
C PHE A 149 12.53 0.40 56.20
N ALA A 150 11.43 0.33 56.93
CA ALA A 150 10.58 1.49 57.20
C ALA A 150 11.37 2.57 57.94
N ALA A 151 12.16 2.15 58.93
CA ALA A 151 12.98 3.05 59.72
C ALA A 151 14.05 3.72 58.88
N ALA A 152 14.68 2.94 58.01
CA ALA A 152 15.74 3.42 57.13
C ALA A 152 15.22 4.36 56.05
N MET A 153 14.00 4.09 55.57
CA MET A 153 13.38 4.89 54.52
C MET A 153 12.57 6.07 55.05
N LYS A 154 12.38 6.14 56.37
CA LYS A 154 11.61 7.21 56.98
C LYS A 154 11.98 8.62 56.48
N PRO A 155 13.28 8.93 56.38
CA PRO A 155 13.63 10.27 55.89
C PRO A 155 13.27 10.58 54.43
N TYR A 156 12.95 9.56 53.64
CA TYR A 156 12.60 9.77 52.22
C TYR A 156 11.13 9.48 51.95
N LYS A 157 10.30 9.51 52.99
CA LYS A 157 8.88 9.24 52.83
C LYS A 157 8.19 10.09 51.76
N ASP A 158 8.74 11.26 51.50
CA ASP A 158 8.20 12.19 50.51
C ASP A 158 8.29 11.72 49.05
N VAL A 159 9.24 10.85 48.75
CA VAL A 159 9.37 10.35 47.38
C VAL A 159 8.80 8.95 47.23
N ILE A 160 8.21 8.41 48.28
CA ILE A 160 7.64 7.06 48.20
C ILE A 160 6.15 7.11 47.92
N ALA A 161 5.78 6.57 46.76
CA ALA A 161 4.38 6.57 46.31
C ALA A 161 3.57 5.33 46.72
N LYS A 162 4.24 4.18 46.82
CA LYS A 162 3.58 2.94 47.16
C LYS A 162 4.66 1.91 47.50
N ILE A 163 4.30 0.86 48.23
CA ILE A 163 5.28 -0.16 48.57
C ILE A 163 4.81 -1.53 48.08
N TYR A 164 5.70 -2.28 47.43
CA TYR A 164 5.38 -3.61 46.94
C TYR A 164 6.02 -4.67 47.82
N LEU A 165 5.31 -5.77 48.02
CA LEU A 165 5.84 -6.89 48.79
C LEU A 165 6.02 -8.06 47.82
N SER A 166 6.97 -8.94 48.11
CA SER A 166 7.19 -10.11 47.29
C SER A 166 6.46 -11.30 47.93
N GLY A 167 5.44 -11.80 47.25
CA GLY A 167 4.68 -12.92 47.78
C GLY A 167 5.23 -14.27 47.37
N GLY A 168 6.33 -14.26 46.63
CA GLY A 168 6.92 -15.53 46.22
C GLY A 168 7.92 -15.38 45.10
N PRO A 169 8.16 -16.45 44.34
CA PRO A 169 9.12 -16.45 43.22
C PRO A 169 8.80 -15.35 42.20
N ALA A 170 9.85 -14.71 41.70
CA ALA A 170 9.73 -13.61 40.72
C ALA A 170 8.92 -12.43 41.28
N GLY A 171 8.71 -12.44 42.59
CA GLY A 171 7.97 -11.38 43.25
C GLY A 171 6.46 -11.50 43.15
N GLU A 172 5.99 -12.70 42.84
CA GLU A 172 4.56 -12.97 42.69
C GLU A 172 4.04 -13.97 43.71
N LEU A 173 2.81 -13.80 44.13
CA LEU A 173 2.19 -14.73 45.07
C LEU A 173 1.85 -16.01 44.31
N ARG A 174 2.73 -17.01 44.39
CA ARG A 174 2.51 -18.28 43.70
C ARG A 174 3.54 -19.31 44.12
N TYR A 175 3.39 -20.52 43.60
CA TYR A 175 4.33 -21.61 43.84
C TYR A 175 5.27 -21.64 42.65
N PRO A 176 6.52 -22.09 42.84
CA PRO A 176 7.50 -22.16 41.76
C PRO A 176 7.20 -23.38 40.88
N SER A 177 6.03 -23.37 40.27
CA SER A 177 5.55 -24.48 39.43
C SER A 177 6.09 -24.56 38.00
N TYR A 178 6.61 -23.45 37.47
CA TYR A 178 7.17 -23.48 36.14
C TYR A 178 8.65 -23.09 36.10
N THR A 179 9.51 -24.10 36.11
CA THR A 179 10.95 -23.92 36.08
C THR A 179 11.58 -24.92 35.10
N THR A 180 12.70 -24.54 34.52
CA THR A 180 13.40 -25.40 33.56
C THR A 180 13.97 -26.66 34.22
N SER A 181 14.54 -26.50 35.41
CA SER A 181 15.13 -27.61 36.15
C SER A 181 14.08 -28.67 36.54
N ASP A 182 12.84 -28.23 36.73
CA ASP A 182 11.76 -29.12 37.07
C ASP A 182 11.06 -29.61 35.79
N GLY A 183 11.45 -29.07 34.65
CA GLY A 183 10.85 -29.47 33.38
C GLY A 183 9.40 -29.02 33.23
N THR A 184 9.10 -27.87 33.83
CA THR A 184 7.74 -27.32 33.80
C THR A 184 7.64 -25.94 33.18
N GLY A 185 8.69 -25.51 32.49
CA GLY A 185 8.69 -24.21 31.86
C GLY A 185 7.62 -24.10 30.79
N TYR A 186 7.31 -22.87 30.39
CA TYR A 186 6.32 -22.60 29.36
C TYR A 186 6.66 -23.41 28.10
N PRO A 187 5.66 -23.94 27.38
CA PRO A 187 4.23 -23.85 27.64
C PRO A 187 3.69 -25.11 28.32
N SER A 188 4.57 -25.81 29.04
CA SER A 188 4.21 -27.05 29.71
C SER A 188 3.30 -26.88 30.93
N ARG A 189 2.68 -27.97 31.36
CA ARG A 189 1.81 -27.93 32.54
C ARG A 189 2.74 -27.80 33.74
N GLY A 190 2.27 -27.17 34.81
CA GLY A 190 3.11 -27.03 35.97
C GLY A 190 3.10 -28.28 36.84
N LYS A 191 3.94 -28.28 37.87
CA LYS A 191 4.01 -29.40 38.79
C LYS A 191 3.69 -28.90 40.20
N PHE A 192 2.99 -29.70 40.98
CA PHE A 192 2.66 -29.33 42.34
C PHE A 192 3.94 -29.29 43.17
N GLN A 193 4.01 -28.33 44.08
CA GLN A 193 5.20 -28.14 44.91
C GLN A 193 4.93 -28.33 46.39
N ALA A 194 4.33 -29.45 46.76
CA ALA A 194 4.03 -29.74 48.16
C ALA A 194 4.51 -31.15 48.52
N TYR A 195 5.71 -31.50 48.10
CA TYR A 195 6.24 -32.85 48.36
C TYR A 195 7.35 -33.00 49.38
N THR A 196 7.52 -31.97 50.21
CA THR A 196 8.50 -32.03 51.28
C THR A 196 7.75 -32.75 52.39
N GLU A 197 8.49 -33.34 53.32
CA GLU A 197 7.86 -34.02 54.44
C GLU A 197 6.98 -33.06 55.23
N PHE A 198 7.47 -31.83 55.40
CA PHE A 198 6.72 -30.82 56.14
C PHE A 198 5.40 -30.50 55.44
N ALA A 199 5.43 -30.43 54.12
CA ALA A 199 4.23 -30.14 53.35
C ALA A 199 3.24 -31.29 53.47
N LYS A 200 3.75 -32.52 53.35
CA LYS A 200 2.90 -33.72 53.46
C LYS A 200 2.24 -33.77 54.84
N SER A 201 3.02 -33.49 55.87
CA SER A 201 2.53 -33.49 57.24
C SER A 201 1.45 -32.44 57.48
N LYS A 202 1.64 -31.24 56.93
CA LYS A 202 0.68 -30.15 57.08
C LYS A 202 -0.64 -30.49 56.41
N PHE A 203 -0.58 -31.02 55.19
CA PHE A 203 -1.80 -31.39 54.48
C PHE A 203 -2.56 -32.42 55.30
N ARG A 204 -1.83 -33.42 55.80
CA ARG A 204 -2.42 -34.48 56.64
C ARG A 204 -3.14 -33.91 57.86
N LEU A 205 -2.46 -33.04 58.60
CA LEU A 205 -3.05 -32.44 59.79
C LEU A 205 -4.19 -31.50 59.43
N TRP A 206 -4.09 -30.86 58.27
CA TRP A 206 -5.16 -29.98 57.82
C TRP A 206 -6.43 -30.81 57.57
N VAL A 207 -6.27 -31.93 56.87
CA VAL A 207 -7.38 -32.83 56.58
C VAL A 207 -7.98 -33.41 57.86
N LEU A 208 -7.14 -33.94 58.74
CA LEU A 208 -7.63 -34.52 59.98
C LEU A 208 -8.33 -33.49 60.85
N ASN A 209 -7.90 -32.24 60.73
CA ASN A 209 -8.50 -31.17 61.52
C ASN A 209 -9.94 -30.90 61.11
N LYS A 210 -10.20 -30.81 59.80
CA LYS A 210 -11.56 -30.54 59.36
C LYS A 210 -12.51 -31.72 59.47
N TYR A 211 -11.98 -32.94 59.41
CA TYR A 211 -12.81 -34.14 59.51
C TYR A 211 -12.75 -34.86 60.86
N GLY A 212 -11.70 -34.59 61.63
CA GLY A 212 -11.55 -35.22 62.93
C GLY A 212 -10.78 -36.52 62.92
N SER A 213 -11.32 -37.53 62.23
CA SER A 213 -10.67 -38.85 62.16
C SER A 213 -10.66 -39.44 60.74
N LEU A 214 -9.81 -40.44 60.56
CA LEU A 214 -9.68 -41.11 59.27
C LEU A 214 -11.01 -41.70 58.82
N ASN A 215 -11.85 -42.06 59.78
CA ASN A 215 -13.14 -42.64 59.44
C ASN A 215 -14.05 -41.60 58.80
N GLU A 216 -13.91 -40.35 59.23
CA GLU A 216 -14.70 -39.27 58.67
C GLU A 216 -14.11 -38.89 57.31
N VAL A 217 -12.79 -38.88 57.22
CA VAL A 217 -12.09 -38.56 55.97
C VAL A 217 -12.57 -39.51 54.87
N ASN A 218 -12.53 -40.81 55.16
CA ASN A 218 -12.95 -41.84 54.22
C ASN A 218 -14.41 -41.71 53.81
N LYS A 219 -15.25 -41.20 54.70
CA LYS A 219 -16.67 -41.00 54.40
C LYS A 219 -16.85 -39.89 53.36
N ALA A 220 -16.16 -38.78 53.58
CA ALA A 220 -16.21 -37.61 52.72
C ALA A 220 -15.58 -37.84 51.36
N TRP A 221 -14.40 -38.44 51.36
CA TRP A 221 -13.70 -38.72 50.11
C TRP A 221 -14.22 -39.95 49.39
N GLY A 222 -14.95 -40.80 50.10
CA GLY A 222 -15.46 -42.02 49.50
C GLY A 222 -14.30 -42.96 49.23
N THR A 223 -13.27 -42.85 50.06
CA THR A 223 -12.07 -43.67 49.94
C THR A 223 -12.06 -44.82 50.94
N LYS A 224 -10.99 -45.61 50.88
CA LYS A 224 -10.82 -46.74 51.80
C LYS A 224 -9.38 -46.76 52.34
N LEU A 225 -8.91 -45.60 52.80
CA LEU A 225 -7.55 -45.48 53.34
C LEU A 225 -7.44 -46.26 54.66
N ILE A 226 -6.40 -47.09 54.76
CA ILE A 226 -6.19 -47.89 55.97
C ILE A 226 -5.59 -47.11 57.12
N SER A 227 -4.70 -46.16 56.81
CA SER A 227 -4.08 -45.36 57.86
C SER A 227 -4.01 -43.89 57.49
N GLU A 228 -3.70 -43.07 58.48
CA GLU A 228 -3.60 -41.63 58.31
C GLU A 228 -2.42 -41.26 57.44
N LEU A 229 -1.38 -42.10 57.44
CA LEU A 229 -0.21 -41.81 56.62
C LEU A 229 -0.51 -41.96 55.15
N ALA A 230 -1.67 -42.52 54.83
CA ALA A 230 -2.08 -42.70 53.45
C ALA A 230 -2.63 -41.37 52.91
N ILE A 231 -2.87 -40.41 53.81
CA ILE A 231 -3.37 -39.10 53.42
C ILE A 231 -2.17 -38.37 52.83
N LEU A 232 -2.15 -38.26 51.50
CA LEU A 232 -1.04 -37.65 50.80
C LEU A 232 -1.50 -36.78 49.63
N PRO A 233 -0.60 -35.93 49.13
CA PRO A 233 -0.92 -35.06 48.00
C PRO A 233 -0.92 -35.96 46.74
N PRO A 234 -1.41 -35.44 45.61
CA PRO A 234 -1.47 -36.19 44.34
C PRO A 234 -0.20 -36.97 43.96
N SER A 235 -0.34 -38.28 43.81
CA SER A 235 0.82 -39.09 43.43
C SER A 235 1.14 -38.93 41.93
N ASP A 236 0.15 -38.55 41.15
CA ASP A 236 0.32 -38.31 39.72
C ASP A 236 -0.37 -36.99 39.40
N GLY A 237 0.43 -35.93 39.25
CA GLY A 237 -0.12 -34.62 38.96
C GLY A 237 -0.93 -34.55 37.68
N GLU A 238 -0.48 -35.25 36.63
CA GLU A 238 -1.19 -35.24 35.36
C GLU A 238 -2.59 -35.85 35.47
N GLN A 239 -2.68 -36.97 36.16
CA GLN A 239 -3.96 -37.66 36.35
C GLN A 239 -4.87 -36.79 37.20
N PHE A 240 -4.29 -36.12 38.19
CA PHE A 240 -5.06 -35.25 39.06
C PHE A 240 -5.66 -34.09 38.27
N LEU A 241 -4.86 -33.49 37.38
CA LEU A 241 -5.31 -32.37 36.55
C LEU A 241 -6.36 -32.81 35.51
N MET A 242 -6.26 -34.07 35.07
CA MET A 242 -7.19 -34.62 34.11
C MET A 242 -8.57 -34.85 34.74
N ASN A 243 -8.61 -35.59 35.85
CA ASN A 243 -9.90 -35.83 36.52
C ASN A 243 -9.90 -35.91 38.05
N GLY A 244 -8.74 -36.03 38.65
CA GLY A 244 -8.67 -36.11 40.09
C GLY A 244 -9.23 -34.88 40.79
N TYR A 245 -9.01 -33.70 40.20
CA TYR A 245 -9.46 -32.42 40.78
C TYR A 245 -10.97 -32.32 41.01
N LEU A 246 -11.72 -33.12 40.29
CA LEU A 246 -13.18 -33.15 40.36
C LEU A 246 -13.72 -33.81 41.64
N SER A 247 -12.93 -34.73 42.20
CA SER A 247 -13.33 -35.46 43.40
C SER A 247 -13.37 -34.62 44.67
N MET A 248 -13.98 -35.16 45.72
CA MET A 248 -14.06 -34.45 47.00
C MET A 248 -12.62 -34.28 47.51
N TYR A 249 -11.79 -35.28 47.28
CA TYR A 249 -10.38 -35.22 47.67
C TYR A 249 -9.71 -34.08 46.92
N GLY A 250 -9.93 -34.04 45.61
CA GLY A 250 -9.35 -32.99 44.77
C GLY A 250 -9.73 -31.59 45.20
N LYS A 251 -11.00 -31.37 45.50
CA LYS A 251 -11.46 -30.07 45.95
C LYS A 251 -10.76 -29.71 47.27
N ASP A 252 -10.65 -30.66 48.19
CA ASP A 252 -10.00 -30.43 49.49
C ASP A 252 -8.52 -30.09 49.38
N TYR A 253 -7.78 -30.88 48.59
CA TYR A 253 -6.37 -30.65 48.38
C TYR A 253 -6.09 -29.29 47.74
N LEU A 254 -6.94 -28.90 46.78
CA LEU A 254 -6.79 -27.61 46.09
C LEU A 254 -7.16 -26.47 47.03
N GLU A 255 -8.08 -26.73 47.94
CA GLU A 255 -8.49 -25.73 48.91
C GLU A 255 -7.31 -25.45 49.86
N TRP A 256 -6.66 -26.53 50.31
CA TRP A 256 -5.51 -26.41 51.21
C TRP A 256 -4.35 -25.73 50.49
N TYR A 257 -4.03 -26.23 49.30
CA TYR A 257 -2.95 -25.75 48.47
C TYR A 257 -3.00 -24.24 48.17
N GLN A 258 -4.16 -23.74 47.74
CA GLN A 258 -4.30 -22.32 47.46
C GLN A 258 -4.41 -21.58 48.77
N GLY A 259 -5.01 -22.23 49.76
CA GLY A 259 -5.19 -21.64 51.07
C GLY A 259 -3.89 -21.16 51.71
N ILE A 260 -2.80 -21.89 51.45
CA ILE A 260 -1.48 -21.52 51.98
C ILE A 260 -1.07 -20.14 51.44
N LEU A 261 -1.38 -19.89 50.16
CA LEU A 261 -1.05 -18.61 49.55
C LEU A 261 -1.92 -17.50 50.12
N GLU A 262 -3.19 -17.82 50.37
CA GLU A 262 -4.14 -16.85 50.92
C GLU A 262 -3.73 -16.42 52.32
N ASN A 263 -3.29 -17.39 53.12
CA ASN A 263 -2.85 -17.12 54.48
C ASN A 263 -1.56 -16.33 54.47
N HIS A 264 -0.69 -16.63 53.51
CA HIS A 264 0.58 -15.92 53.37
C HIS A 264 0.29 -14.45 53.05
N THR A 265 -0.74 -14.23 52.24
CA THR A 265 -1.15 -12.90 51.83
C THR A 265 -1.56 -12.08 53.03
N LYS A 266 -2.41 -12.67 53.86
CA LYS A 266 -2.88 -12.00 55.06
C LYS A 266 -1.76 -11.77 56.07
N LEU A 267 -0.79 -12.68 56.14
CA LEU A 267 0.34 -12.52 57.06
C LEU A 267 1.23 -11.37 56.65
N ILE A 268 1.72 -11.41 55.41
CA ILE A 268 2.62 -10.36 54.91
C ILE A 268 1.94 -8.99 54.80
N GLY A 269 0.62 -9.00 54.59
CA GLY A 269 -0.13 -7.76 54.53
C GLY A 269 -0.21 -7.17 55.92
N GLU A 270 -0.41 -8.01 56.91
CA GLU A 270 -0.52 -7.60 58.30
C GLU A 270 0.80 -7.02 58.80
N LEU A 271 1.90 -7.70 58.48
CA LEU A 271 3.24 -7.26 58.87
C LEU A 271 3.59 -5.93 58.19
N ALA A 272 3.26 -5.82 56.91
CA ALA A 272 3.52 -4.62 56.12
C ALA A 272 2.74 -3.41 56.65
N HIS A 273 1.44 -3.58 56.89
CA HIS A 273 0.63 -2.49 57.40
C HIS A 273 1.10 -2.07 58.80
N ASN A 274 1.57 -3.03 59.59
CA ASN A 274 2.09 -2.73 60.92
C ASN A 274 3.33 -1.88 60.79
N ALA A 275 4.19 -2.27 59.86
CA ALA A 275 5.45 -1.57 59.65
C ALA A 275 5.39 -0.21 58.93
N PHE A 276 4.57 -0.11 57.90
CA PHE A 276 4.51 1.10 57.08
C PHE A 276 3.38 2.11 57.25
N ASP A 277 2.21 1.67 57.67
CA ASP A 277 1.08 2.58 57.78
C ASP A 277 1.25 3.92 58.45
N THR A 278 1.58 3.92 59.73
CA THR A 278 1.74 5.16 60.48
C THR A 278 2.76 6.12 59.86
N THR A 279 3.89 5.56 59.41
CA THR A 279 4.94 6.37 58.84
C THR A 279 4.73 6.88 57.42
N PHE A 280 4.41 5.99 56.50
CA PHE A 280 4.26 6.40 55.10
C PHE A 280 2.83 6.67 54.64
N GLN A 281 1.87 5.90 55.15
CA GLN A 281 0.47 6.07 54.78
C GLN A 281 0.30 5.98 53.27
N VAL A 282 0.92 4.98 52.67
CA VAL A 282 0.82 4.77 51.23
C VAL A 282 0.25 3.38 50.95
N PRO A 283 -0.27 3.17 49.74
CA PRO A 283 -0.83 1.89 49.35
C PRO A 283 0.26 0.83 49.35
N ILE A 284 -0.13 -0.41 49.64
CA ILE A 284 0.79 -1.53 49.65
C ILE A 284 0.17 -2.53 48.69
N GLY A 285 1.01 -3.14 47.87
CA GLY A 285 0.50 -4.10 46.91
C GLY A 285 1.36 -5.34 46.79
N ALA A 286 0.81 -6.33 46.10
CA ALA A 286 1.50 -7.59 45.84
C ALA A 286 1.10 -7.96 44.42
N LYS A 287 1.81 -8.92 43.82
CA LYS A 287 1.56 -9.33 42.44
C LYS A 287 1.04 -10.75 42.25
N ILE A 288 0.27 -10.90 41.18
CA ILE A 288 -0.30 -12.18 40.77
C ILE A 288 0.23 -12.38 39.35
N ALA A 289 0.81 -13.55 39.09
CA ALA A 289 1.36 -13.85 37.77
C ALA A 289 0.27 -14.17 36.75
N GLY A 290 0.59 -14.00 35.47
CA GLY A 290 -0.36 -14.30 34.42
C GLY A 290 -0.01 -15.66 33.83
N VAL A 291 -0.54 -16.72 34.42
CA VAL A 291 -0.27 -18.08 33.94
C VAL A 291 -1.34 -18.41 32.90
N HIS A 292 -1.08 -17.93 31.68
CA HIS A 292 -1.99 -18.07 30.56
C HIS A 292 -1.91 -19.34 29.72
N TRP A 293 -0.85 -20.12 29.86
CA TRP A 293 -0.71 -21.35 29.08
C TRP A 293 -1.44 -22.52 29.73
N GLN A 294 -1.92 -23.43 28.88
CA GLN A 294 -2.69 -24.63 29.28
C GLN A 294 -4.03 -24.22 29.86
N TYR A 295 -4.40 -22.97 29.60
CA TYR A 295 -5.65 -22.41 30.09
C TYR A 295 -6.85 -23.19 29.60
N ASN A 296 -6.96 -23.33 28.28
CA ASN A 296 -8.09 -24.02 27.68
C ASN A 296 -7.76 -25.41 27.13
N ASN A 297 -6.85 -26.13 27.80
CA ASN A 297 -6.50 -27.47 27.36
C ASN A 297 -7.73 -28.32 27.64
N PRO A 298 -8.15 -29.16 26.67
CA PRO A 298 -9.32 -30.03 26.79
C PRO A 298 -9.21 -31.11 27.87
N THR A 299 -8.06 -31.79 27.91
CA THR A 299 -7.85 -32.85 28.88
C THR A 299 -7.38 -32.37 30.26
N ILE A 300 -6.41 -31.45 30.29
CA ILE A 300 -5.92 -30.89 31.56
C ILE A 300 -6.25 -29.41 31.65
N PRO A 301 -7.52 -29.07 31.89
CA PRO A 301 -7.90 -27.66 31.98
C PRO A 301 -7.16 -26.89 33.07
N HIS A 302 -6.55 -25.77 32.67
CA HIS A 302 -5.79 -24.90 33.58
C HIS A 302 -4.61 -25.65 34.18
N GLY A 303 -3.98 -26.48 33.37
CA GLY A 303 -2.86 -27.29 33.81
C GLY A 303 -1.59 -26.60 34.23
N ALA A 304 -1.56 -25.27 34.15
CA ALA A 304 -0.37 -24.54 34.56
C ALA A 304 -0.71 -23.60 35.72
N GLU A 305 -1.97 -23.18 35.77
CA GLU A 305 -2.46 -22.27 36.80
C GLU A 305 -2.65 -22.97 38.14
N LYS A 306 -3.21 -24.18 38.09
CA LYS A 306 -3.47 -24.97 39.29
C LYS A 306 -2.19 -25.29 40.07
N PRO A 307 -1.17 -25.84 39.40
CA PRO A 307 0.07 -26.16 40.11
C PRO A 307 0.72 -24.89 40.69
N ALA A 308 0.43 -23.74 40.09
CA ALA A 308 0.96 -22.47 40.55
C ALA A 308 0.21 -21.96 41.78
N GLY A 309 -0.94 -22.54 42.05
CA GLY A 309 -1.73 -22.14 43.20
C GLY A 309 -3.00 -21.38 42.87
N TYR A 310 -3.25 -21.16 41.58
CA TYR A 310 -4.44 -20.44 41.14
C TYR A 310 -5.58 -21.36 40.74
N ASN A 311 -6.46 -21.66 41.69
CA ASN A 311 -7.61 -22.53 41.44
C ASN A 311 -8.91 -21.75 41.36
N ASP A 312 -9.11 -20.85 42.33
CA ASP A 312 -10.29 -20.00 42.38
C ASP A 312 -9.78 -18.57 42.58
N TYR A 313 -9.74 -17.80 41.50
CA TYR A 313 -9.28 -16.42 41.53
C TYR A 313 -10.13 -15.50 42.40
N SER A 314 -11.42 -15.78 42.43
CA SER A 314 -12.32 -14.98 43.24
C SER A 314 -12.01 -15.15 44.74
N HIS A 315 -11.76 -16.39 45.13
CA HIS A 315 -11.44 -16.69 46.52
C HIS A 315 -10.05 -16.10 46.84
N LEU A 316 -9.16 -16.15 45.86
CA LEU A 316 -7.81 -15.63 46.00
C LEU A 316 -7.84 -14.10 46.17
N LEU A 317 -8.62 -13.42 45.34
CA LEU A 317 -8.73 -11.97 45.42
C LEU A 317 -9.35 -11.54 46.74
N ASP A 318 -10.20 -12.37 47.31
CA ASP A 318 -10.82 -12.06 48.59
C ASP A 318 -9.74 -11.92 49.67
N ALA A 319 -8.67 -12.70 49.54
CA ALA A 319 -7.57 -12.65 50.50
C ALA A 319 -6.89 -11.29 50.41
N PHE A 320 -6.71 -10.79 49.18
CA PHE A 320 -6.07 -9.49 48.96
C PHE A 320 -6.87 -8.36 49.55
N LYS A 321 -8.19 -8.46 49.45
CA LYS A 321 -9.04 -7.41 50.00
C LYS A 321 -9.00 -7.39 51.51
N SER A 322 -9.05 -8.56 52.14
CA SER A 322 -9.00 -8.64 53.60
C SER A 322 -7.63 -8.18 54.14
N ALA A 323 -6.56 -8.50 53.42
CA ALA A 323 -5.20 -8.11 53.80
C ALA A 323 -4.95 -6.64 53.50
N LYS A 324 -5.89 -6.02 52.79
CA LYS A 324 -5.81 -4.61 52.38
C LYS A 324 -4.60 -4.34 51.49
N LEU A 325 -4.48 -5.12 50.42
CA LEU A 325 -3.38 -4.99 49.47
C LEU A 325 -3.98 -4.77 48.08
N ASP A 326 -3.33 -3.91 47.29
CA ASP A 326 -3.76 -3.65 45.93
C ASP A 326 -3.17 -4.78 45.13
N VAL A 327 -3.79 -5.11 44.00
CA VAL A 327 -3.29 -6.20 43.17
C VAL A 327 -2.68 -5.69 41.87
N THR A 328 -1.61 -6.35 41.44
CA THR A 328 -0.93 -6.03 40.20
C THR A 328 -0.89 -7.29 39.33
N PHE A 329 -1.55 -7.23 38.18
CA PHE A 329 -1.55 -8.36 37.27
C PHE A 329 -0.39 -8.18 36.29
N THR A 330 0.51 -9.14 36.24
CA THR A 330 1.71 -9.02 35.41
C THR A 330 1.68 -9.52 33.97
N CYS A 331 0.57 -9.36 33.25
CA CYS A 331 0.50 -9.82 31.84
C CYS A 331 -0.58 -9.13 31.00
N LEU A 332 -0.32 -7.89 30.56
CA LEU A 332 -1.30 -7.11 29.79
C LEU A 332 -1.16 -6.96 28.26
N GLU A 333 0.05 -7.11 27.74
CA GLU A 333 0.32 -6.92 26.32
C GLU A 333 -0.02 -8.05 25.32
N MET A 334 -0.34 -9.24 25.82
CA MET A 334 -0.61 -10.38 24.93
C MET A 334 -2.07 -10.56 24.50
N THR A 335 -2.28 -11.43 23.52
CA THR A 335 -3.61 -11.73 22.99
C THR A 335 -3.89 -13.23 23.05
N ASP A 336 -5.17 -13.58 23.00
CA ASP A 336 -5.58 -14.98 23.03
C ASP A 336 -5.21 -15.75 21.77
N LYS A 337 -4.78 -17.00 21.95
CA LYS A 337 -4.45 -17.89 20.84
C LYS A 337 -5.41 -19.06 21.06
N GLY A 338 -5.25 -19.73 22.20
CA GLY A 338 -6.10 -20.85 22.56
C GLY A 338 -5.99 -22.08 21.69
N SER A 339 -4.87 -22.24 21.01
CA SER A 339 -4.66 -23.38 20.14
C SER A 339 -3.56 -24.29 20.66
N TYR A 340 -3.55 -25.52 20.16
CA TYR A 340 -2.54 -26.52 20.55
C TYR A 340 -1.17 -26.06 20.06
N PRO A 341 -0.10 -26.36 20.83
CA PRO A 341 -0.05 -27.05 22.12
C PRO A 341 -0.04 -26.13 23.35
N GLU A 342 0.07 -24.82 23.16
CA GLU A 342 0.13 -23.88 24.28
C GLU A 342 -1.17 -23.56 25.00
N TYR A 343 -2.30 -23.59 24.28
CA TYR A 343 -3.61 -23.27 24.86
C TYR A 343 -3.51 -21.99 25.70
N SER A 344 -2.90 -20.99 25.08
CA SER A 344 -2.66 -19.69 25.71
C SER A 344 -3.83 -18.72 25.56
N MET A 345 -4.42 -18.32 26.69
CA MET A 345 -5.53 -17.36 26.68
C MET A 345 -5.23 -16.20 27.62
N PRO A 346 -4.16 -15.43 27.33
CA PRO A 346 -3.74 -14.29 28.14
C PRO A 346 -4.78 -13.21 28.32
N LYS A 347 -5.39 -12.77 27.22
CA LYS A 347 -6.40 -11.71 27.26
C LYS A 347 -7.67 -12.07 28.05
N THR A 348 -8.19 -13.28 27.87
CA THR A 348 -9.38 -13.71 28.59
C THR A 348 -9.07 -13.67 30.10
N LEU A 349 -7.87 -14.14 30.42
CA LEU A 349 -7.37 -14.19 31.80
C LEU A 349 -7.44 -12.79 32.43
N VAL A 350 -6.76 -11.84 31.79
CA VAL A 350 -6.73 -10.48 32.27
C VAL A 350 -8.15 -9.94 32.44
N GLN A 351 -9.01 -10.21 31.45
CA GLN A 351 -10.40 -9.75 31.52
C GLN A 351 -11.12 -10.31 32.73
N ASN A 352 -10.91 -11.59 33.01
CA ASN A 352 -11.53 -12.23 34.16
C ASN A 352 -11.07 -11.57 35.46
N ILE A 353 -9.76 -11.46 35.63
CA ILE A 353 -9.17 -10.86 36.82
C ILE A 353 -9.66 -9.45 37.05
N ALA A 354 -9.62 -8.62 36.00
CA ALA A 354 -10.06 -7.24 36.08
C ALA A 354 -11.51 -7.14 36.53
N THR A 355 -12.37 -7.98 35.95
CA THR A 355 -13.77 -8.00 36.30
C THR A 355 -13.95 -8.30 37.79
N LEU A 356 -13.28 -9.35 38.27
CA LEU A 356 -13.35 -9.74 39.68
C LEU A 356 -12.83 -8.65 40.61
N ALA A 357 -11.64 -8.14 40.30
CA ALA A 357 -11.02 -7.10 41.10
C ALA A 357 -11.95 -5.91 41.22
N ASN A 358 -12.56 -5.53 40.10
CA ASN A 358 -13.46 -4.39 40.08
C ASN A 358 -14.75 -4.62 40.85
N GLU A 359 -15.30 -5.83 40.80
CA GLU A 359 -16.53 -6.16 41.53
C GLU A 359 -16.27 -6.06 43.02
N LYS A 360 -15.08 -6.52 43.43
CA LYS A 360 -14.68 -6.53 44.84
C LYS A 360 -14.15 -5.18 45.33
N GLY A 361 -13.87 -4.27 44.41
CA GLY A 361 -13.35 -2.98 44.81
C GLY A 361 -11.87 -3.05 45.18
N ILE A 362 -11.12 -3.85 44.45
CA ILE A 362 -9.70 -3.98 44.68
C ILE A 362 -9.02 -3.11 43.62
N VAL A 363 -8.17 -2.18 44.05
CA VAL A 363 -7.46 -1.32 43.11
C VAL A 363 -6.59 -2.22 42.25
N LEU A 364 -6.74 -2.07 40.95
CA LEU A 364 -6.05 -2.90 40.00
C LEU A 364 -4.94 -2.21 39.22
N ASN A 365 -3.77 -2.85 39.15
CA ASN A 365 -2.62 -2.31 38.43
C ASN A 365 -2.15 -3.37 37.43
N GLY A 366 -1.54 -2.94 36.34
CA GLY A 366 -1.08 -3.87 35.33
C GLY A 366 0.39 -3.76 35.01
N GLU A 367 0.90 -4.74 34.27
CA GLU A 367 2.31 -4.76 33.92
C GLU A 367 2.48 -5.65 32.70
N ASN A 368 3.49 -5.39 31.88
CA ASN A 368 3.71 -6.24 30.71
C ASN A 368 4.58 -7.41 31.15
N ALA A 369 4.35 -8.59 30.57
CA ALA A 369 5.11 -9.78 30.93
C ALA A 369 6.49 -9.80 30.28
N LEU A 370 6.56 -9.41 29.01
CA LEU A 370 7.82 -9.40 28.28
C LEU A 370 8.07 -8.02 27.70
N SER A 371 9.33 -7.72 27.40
CA SER A 371 9.72 -6.44 26.83
C SER A 371 9.03 -6.15 25.52
N ILE A 372 8.49 -4.94 25.40
CA ILE A 372 7.78 -4.50 24.22
C ILE A 372 8.71 -3.73 23.29
N GLY A 373 8.75 -4.14 22.04
CA GLY A 373 9.58 -3.47 21.05
C GLY A 373 8.72 -2.98 19.90
N ASN A 374 7.43 -3.26 19.97
CA ASN A 374 6.49 -2.88 18.92
C ASN A 374 5.34 -2.04 19.46
N GLU A 375 4.99 -1.00 18.72
CA GLU A 375 3.92 -0.09 19.07
C GLU A 375 2.58 -0.80 19.28
N GLU A 376 2.36 -1.85 18.50
CA GLU A 376 1.11 -2.61 18.60
C GLU A 376 0.87 -3.16 20.00
N GLU A 377 1.92 -3.56 20.68
CA GLU A 377 1.79 -4.09 22.03
C GLU A 377 1.34 -2.98 22.96
N TYR A 378 1.87 -1.77 22.77
CA TYR A 378 1.47 -0.64 23.60
C TYR A 378 -0.02 -0.46 23.38
N LYS A 379 -0.46 -0.66 22.14
CA LYS A 379 -1.87 -0.51 21.79
C LYS A 379 -2.73 -1.54 22.52
N ARG A 380 -2.23 -2.76 22.66
CA ARG A 380 -2.98 -3.79 23.37
C ARG A 380 -3.06 -3.46 24.85
N VAL A 381 -1.97 -2.96 25.42
CA VAL A 381 -1.95 -2.59 26.83
C VAL A 381 -2.95 -1.47 27.10
N ALA A 382 -3.01 -0.50 26.19
CA ALA A 382 -3.93 0.63 26.34
C ALA A 382 -5.39 0.20 26.38
N GLU A 383 -5.75 -0.76 25.53
CA GLU A 383 -7.13 -1.25 25.50
C GLU A 383 -7.56 -1.85 26.83
N MET A 384 -6.69 -2.68 27.40
CA MET A 384 -7.00 -3.30 28.69
C MET A 384 -7.01 -2.28 29.83
N ALA A 385 -5.94 -1.50 29.91
CA ALA A 385 -5.80 -0.49 30.95
C ALA A 385 -6.88 0.57 30.97
N PHE A 386 -7.20 1.12 29.79
CA PHE A 386 -8.21 2.18 29.72
C PHE A 386 -9.66 1.72 29.66
N ASN A 387 -9.90 0.44 29.43
CA ASN A 387 -11.27 -0.06 29.39
C ASN A 387 -11.65 -0.97 30.56
N TYR A 388 -10.65 -1.44 31.30
CA TYR A 388 -10.90 -2.31 32.46
C TYR A 388 -10.57 -1.69 33.83
N ASN A 389 -10.57 -0.36 33.87
CA ASN A 389 -10.35 0.41 35.08
C ASN A 389 -9.01 0.26 35.84
N PHE A 390 -7.92 0.03 35.11
CA PHE A 390 -6.63 -0.09 35.78
C PHE A 390 -6.19 1.25 36.35
N ALA A 391 -5.77 1.24 37.62
CA ALA A 391 -5.31 2.43 38.30
C ALA A 391 -3.88 2.77 37.91
N GLY A 392 -3.17 1.81 37.32
CA GLY A 392 -1.81 2.07 36.90
C GLY A 392 -1.19 0.99 36.04
N PHE A 393 -0.13 1.36 35.32
CA PHE A 393 0.59 0.43 34.47
C PHE A 393 2.07 0.67 34.66
N THR A 394 2.83 -0.41 34.84
CA THR A 394 4.27 -0.33 35.02
C THR A 394 4.96 -0.94 33.80
N LEU A 395 5.86 -0.18 33.18
CA LEU A 395 6.57 -0.67 32.02
C LEU A 395 7.89 -1.36 32.35
N LEU A 396 7.96 -2.63 31.97
CA LEU A 396 9.14 -3.44 32.15
C LEU A 396 9.76 -3.45 30.75
N ARG A 397 10.97 -2.92 30.59
CA ARG A 397 11.77 -2.38 31.68
C ARG A 397 12.54 -1.14 31.21
N TYR A 398 13.11 -0.42 32.17
CA TYR A 398 13.92 0.80 31.98
C TYR A 398 14.65 0.98 30.63
N GLN A 399 15.69 0.18 30.42
CA GLN A 399 16.50 0.26 29.20
C GLN A 399 15.78 0.22 27.86
N ASP A 400 14.66 -0.49 27.80
CA ASP A 400 13.88 -0.62 26.56
C ASP A 400 13.47 0.71 25.93
N VAL A 401 13.05 1.65 26.77
CA VAL A 401 12.63 2.97 26.29
C VAL A 401 13.65 4.06 26.53
N MET A 402 14.48 3.88 27.56
CA MET A 402 15.49 4.88 27.89
C MET A 402 16.51 5.08 26.80
N TYR A 403 16.77 4.03 26.04
CA TYR A 403 17.74 4.07 24.95
C TYR A 403 17.11 3.91 23.57
N ASN A 404 15.80 4.19 23.46
CA ASN A 404 15.08 4.10 22.19
C ASN A 404 14.03 5.20 22.15
N ASN A 405 14.42 6.36 21.62
CA ASN A 405 13.54 7.52 21.51
C ASN A 405 12.20 7.27 20.83
N SER A 406 12.21 6.45 19.78
CA SER A 406 10.99 6.14 19.02
C SER A 406 9.98 5.40 19.88
N LEU A 407 10.45 4.38 20.56
CA LEU A 407 9.60 3.58 21.43
C LEU A 407 9.12 4.47 22.56
N MET A 408 10.00 5.32 23.06
CA MET A 408 9.67 6.25 24.14
C MET A 408 8.54 7.19 23.72
N GLY A 409 8.61 7.68 22.48
CA GLY A 409 7.60 8.58 21.95
C GLY A 409 6.22 7.93 21.79
N LYS A 410 6.20 6.68 21.33
CA LYS A 410 4.96 5.93 21.16
C LYS A 410 4.36 5.64 22.54
N PHE A 411 5.22 5.42 23.54
CA PHE A 411 4.75 5.18 24.88
C PHE A 411 4.09 6.45 25.40
N LYS A 412 4.78 7.58 25.28
CA LYS A 412 4.26 8.86 25.73
C LYS A 412 2.88 9.11 25.13
N ASP A 413 2.78 8.95 23.81
CA ASP A 413 1.53 9.14 23.11
C ASP A 413 0.41 8.22 23.60
N LEU A 414 0.68 6.92 23.55
CA LEU A 414 -0.32 5.92 23.89
C LEU A 414 -0.61 5.66 25.36
N LEU A 415 0.45 5.54 26.17
CA LEU A 415 0.31 5.22 27.58
C LEU A 415 0.77 6.25 28.61
N GLY A 416 1.65 7.17 28.23
CA GLY A 416 2.14 8.16 29.17
C GLY A 416 1.22 9.36 29.27
N VAL A 417 -0.06 9.07 29.45
CA VAL A 417 -1.07 10.11 29.50
C VAL A 417 -1.56 10.52 30.87
N THR A 418 -2.08 11.74 30.93
CA THR A 418 -2.62 12.32 32.14
C THR A 418 -4.14 12.42 32.01
N PRO A 419 -4.88 11.65 32.81
CA PRO A 419 -6.34 11.73 32.71
C PRO A 419 -6.86 13.09 33.16
N VAL A 420 -7.84 13.63 32.43
CA VAL A 420 -8.44 14.92 32.79
C VAL A 420 -9.96 14.82 32.61
N MET A 421 -10.69 15.39 33.56
CA MET A 421 -12.15 15.37 33.54
C MET A 421 -12.68 16.45 32.59
N GLN A 422 -13.56 16.04 31.66
CA GLN A 422 -14.14 16.97 30.69
C GLN A 422 -15.63 16.67 30.59
N THR A 423 -16.40 17.63 30.09
CA THR A 423 -17.84 17.43 29.93
C THR A 423 -18.21 17.43 28.45
N ILE A 424 -18.77 16.33 27.98
CA ILE A 424 -19.19 16.23 26.58
C ILE A 424 -20.70 16.50 26.53
N VAL A 425 -21.10 17.41 25.64
CA VAL A 425 -22.51 17.78 25.47
C VAL A 425 -22.96 17.62 24.02
N VAL A 426 -24.08 16.93 23.82
CA VAL A 426 -24.65 16.71 22.50
C VAL A 426 -26.09 17.23 22.47
N LYS A 427 -26.34 18.13 21.53
CA LYS A 427 -27.66 18.75 21.36
C LYS A 427 -28.41 18.08 20.21
N ASN A 428 -29.74 18.29 20.18
CA ASN A 428 -30.62 17.76 19.13
C ASN A 428 -30.73 16.24 19.00
N VAL A 429 -30.45 15.48 20.06
CA VAL A 429 -30.52 14.03 19.98
C VAL A 429 -31.97 13.52 19.90
N PRO A 430 -32.34 12.89 18.76
CA PRO A 430 -33.68 12.35 18.52
C PRO A 430 -33.93 11.02 19.26
N THR A 431 -34.06 11.11 20.58
CA THR A 431 -34.29 9.94 21.40
C THR A 431 -35.77 9.58 21.60
N THR A 432 -36.01 8.29 21.83
CA THR A 432 -37.35 7.75 22.05
C THR A 432 -37.31 7.15 23.46
N ILE A 433 -38.46 6.90 24.04
CA ILE A 433 -38.50 6.33 25.40
C ILE A 433 -37.74 4.99 25.41
N GLY A 434 -36.64 4.96 26.15
CA GLY A 434 -35.84 3.76 26.24
C GLY A 434 -34.53 3.88 25.46
N ASP A 435 -34.29 5.05 24.88
CA ASP A 435 -33.05 5.28 24.12
C ASP A 435 -31.97 5.89 24.98
N THR A 436 -30.81 5.26 24.97
CA THR A 436 -29.65 5.74 25.72
C THR A 436 -28.64 6.30 24.73
N VAL A 437 -27.96 7.35 25.12
CA VAL A 437 -26.97 7.98 24.25
C VAL A 437 -25.54 7.67 24.72
N TYR A 438 -24.69 7.26 23.79
CA TYR A 438 -23.31 6.92 24.09
C TYR A 438 -22.38 7.66 23.15
N ILE A 439 -21.09 7.59 23.43
CA ILE A 439 -20.08 8.18 22.59
C ILE A 439 -18.94 7.17 22.52
N THR A 440 -18.30 7.09 21.37
CA THR A 440 -17.17 6.20 21.19
C THR A 440 -16.23 6.96 20.28
N GLY A 441 -14.94 6.67 20.36
CA GLY A 441 -13.99 7.41 19.56
C GLY A 441 -12.80 6.58 19.18
N ASN A 442 -11.81 7.24 18.58
CA ASN A 442 -10.62 6.55 18.10
C ASN A 442 -9.63 5.95 19.08
N ARG A 443 -9.24 6.71 20.11
CA ARG A 443 -8.29 6.22 21.10
C ARG A 443 -8.86 5.17 22.04
N ALA A 444 -7.98 4.37 22.65
CA ALA A 444 -8.35 3.33 23.59
C ALA A 444 -9.18 3.90 24.76
N GLU A 445 -8.92 5.15 25.11
CA GLU A 445 -9.62 5.82 26.19
C GLU A 445 -11.10 6.08 25.83
N LEU A 446 -11.40 6.03 24.54
CA LEU A 446 -12.76 6.25 24.05
C LEU A 446 -13.44 4.97 23.57
N GLY A 447 -12.78 3.84 23.78
CA GLY A 447 -13.34 2.56 23.39
C GLY A 447 -13.05 2.11 21.97
N SER A 448 -12.13 2.81 21.31
CA SER A 448 -11.72 2.50 19.94
C SER A 448 -12.86 2.18 18.96
N TRP A 449 -13.89 3.02 18.95
CA TRP A 449 -15.05 2.87 18.06
C TRP A 449 -15.97 1.70 18.38
N ASP A 450 -15.71 1.03 19.50
CA ASP A 450 -16.54 -0.09 19.92
C ASP A 450 -17.88 0.41 20.44
N THR A 451 -18.95 -0.26 20.02
CA THR A 451 -20.29 0.11 20.44
C THR A 451 -20.94 -0.93 21.34
N LYS A 452 -20.27 -2.08 21.50
CA LYS A 452 -20.81 -3.15 22.33
C LYS A 452 -20.52 -3.06 23.83
N GLN A 453 -19.27 -3.21 24.22
CA GLN A 453 -18.95 -3.17 25.64
C GLN A 453 -18.13 -1.99 26.16
N TYR A 454 -17.41 -1.31 25.26
CA TYR A 454 -16.57 -0.18 25.64
C TYR A 454 -17.13 1.25 25.52
N PRO A 455 -18.33 1.46 24.93
CA PRO A 455 -18.80 2.84 24.82
C PRO A 455 -19.06 3.58 26.15
N ILE A 456 -18.86 4.88 26.12
CA ILE A 456 -19.05 5.75 27.28
C ILE A 456 -20.46 6.32 27.23
N GLN A 457 -21.22 6.10 28.29
CA GLN A 457 -22.61 6.55 28.37
C GLN A 457 -22.82 8.01 28.76
N LEU A 458 -23.79 8.65 28.11
CA LEU A 458 -24.15 10.03 28.37
C LEU A 458 -25.51 10.02 29.09
N TYR A 459 -25.85 11.14 29.71
CA TYR A 459 -27.10 11.24 30.46
C TYR A 459 -27.88 12.50 30.10
N TYR A 460 -29.20 12.38 30.18
CA TYR A 460 -30.07 13.50 29.85
C TYR A 460 -30.16 14.52 30.98
N ASP A 461 -29.81 15.76 30.66
CA ASP A 461 -29.86 16.87 31.60
C ASP A 461 -31.22 17.53 31.44
N SER A 462 -32.14 17.17 32.34
CA SER A 462 -33.50 17.70 32.33
C SER A 462 -33.55 19.23 32.27
N HIS A 463 -32.63 19.86 32.99
CA HIS A 463 -32.54 21.32 33.02
C HIS A 463 -32.13 21.87 31.64
N SER A 464 -30.93 21.52 31.21
CA SER A 464 -30.38 21.98 29.93
C SER A 464 -31.02 21.33 28.71
N ASN A 465 -31.80 20.28 28.94
CA ASN A 465 -32.48 19.55 27.87
C ASN A 465 -31.49 19.08 26.80
N ASP A 466 -30.68 18.10 27.16
CA ASP A 466 -29.69 17.55 26.24
C ASP A 466 -28.96 16.39 26.89
N TRP A 467 -28.03 15.79 26.15
CA TRP A 467 -27.26 14.68 26.66
C TRP A 467 -25.83 15.12 26.90
N ARG A 468 -25.33 14.85 28.10
CA ARG A 468 -23.98 15.23 28.46
C ARG A 468 -23.44 14.32 29.53
N GLY A 469 -22.14 14.38 29.77
CA GLY A 469 -21.53 13.54 30.77
C GLY A 469 -20.09 13.94 31.05
N ASN A 470 -19.64 13.69 32.27
CA ASN A 470 -18.27 14.02 32.67
C ASN A 470 -17.41 12.83 32.31
N VAL A 471 -16.66 12.97 31.24
CA VAL A 471 -15.80 11.91 30.75
C VAL A 471 -14.35 12.24 31.06
N VAL A 472 -13.57 11.22 31.40
CA VAL A 472 -12.16 11.41 31.69
C VAL A 472 -11.41 11.08 30.39
N LEU A 473 -10.73 12.07 29.84
CA LEU A 473 -9.99 11.90 28.60
C LEU A 473 -8.50 12.13 28.80
N PRO A 474 -7.66 11.65 27.86
CA PRO A 474 -6.22 11.85 28.00
C PRO A 474 -5.91 13.30 27.61
N ALA A 475 -5.28 14.06 28.52
CA ALA A 475 -4.95 15.44 28.24
C ALA A 475 -3.93 15.58 27.11
N GLU A 476 -4.04 16.68 26.37
CA GLU A 476 -3.12 16.98 25.28
C GLU A 476 -2.96 15.89 24.21
N ARG A 477 -4.04 15.23 23.86
CA ARG A 477 -4.02 14.21 22.81
C ARG A 477 -5.19 14.54 21.90
N ASN A 478 -4.99 14.35 20.59
CA ASN A 478 -6.05 14.61 19.61
C ASN A 478 -7.02 13.45 19.67
N ILE A 479 -8.33 13.74 19.69
CA ILE A 479 -9.33 12.68 19.72
C ILE A 479 -10.41 12.92 18.68
N GLU A 480 -11.07 11.84 18.29
CA GLU A 480 -12.18 11.90 17.36
C GLU A 480 -13.28 11.03 17.94
N PHE A 481 -14.52 11.49 17.84
CA PHE A 481 -15.62 10.76 18.39
C PHE A 481 -16.95 11.11 17.74
N LYS A 482 -17.94 10.26 17.98
CA LYS A 482 -19.29 10.43 17.46
C LYS A 482 -20.22 9.88 18.53
N ALA A 483 -21.37 10.54 18.68
CA ALA A 483 -22.38 10.07 19.63
C ALA A 483 -23.28 9.11 18.85
N PHE A 484 -23.94 8.20 19.55
CA PHE A 484 -24.85 7.27 18.90
C PHE A 484 -25.95 6.87 19.87
N ILE A 485 -27.11 6.54 19.32
CA ILE A 485 -28.24 6.12 20.13
C ILE A 485 -28.30 4.60 20.16
N LYS A 486 -28.59 4.05 21.34
CA LYS A 486 -28.70 2.62 21.53
C LYS A 486 -30.14 2.35 21.95
N SER A 487 -30.83 1.53 21.18
CA SER A 487 -32.23 1.21 21.46
C SER A 487 -32.40 0.46 22.77
N LYS A 488 -33.66 0.28 23.14
CA LYS A 488 -34.07 -0.40 24.36
C LYS A 488 -33.46 -1.80 24.42
N ASP A 489 -33.43 -2.46 23.26
CA ASP A 489 -32.89 -3.82 23.12
C ASP A 489 -31.37 -3.90 22.99
N GLY A 490 -30.72 -2.74 23.13
CA GLY A 490 -29.26 -2.69 23.04
C GLY A 490 -28.63 -2.66 21.66
N THR A 491 -29.40 -2.31 20.64
CA THR A 491 -28.85 -2.24 19.31
C THR A 491 -28.67 -0.78 18.90
N VAL A 492 -27.64 -0.51 18.11
CA VAL A 492 -27.39 0.84 17.65
C VAL A 492 -28.56 1.25 16.75
N LYS A 493 -29.15 2.40 17.07
CA LYS A 493 -30.28 2.93 16.34
C LYS A 493 -29.82 3.91 15.25
N SER A 494 -28.92 4.81 15.61
CA SER A 494 -28.40 5.81 14.68
C SER A 494 -27.11 6.42 15.19
N TRP A 495 -26.48 7.23 14.34
CA TRP A 495 -25.22 7.89 14.67
C TRP A 495 -25.30 9.39 14.45
N GLN A 496 -24.44 10.12 15.16
CA GLN A 496 -24.37 11.56 15.03
C GLN A 496 -23.95 11.79 13.58
N THR A 497 -24.44 12.87 12.98
CA THR A 497 -24.13 13.17 11.58
C THR A 497 -22.67 13.48 11.27
N ILE A 498 -22.10 14.49 11.91
CA ILE A 498 -20.71 14.85 11.66
C ILE A 498 -19.78 14.34 12.74
N GLN A 499 -18.64 13.80 12.34
CA GLN A 499 -17.68 13.29 13.29
C GLN A 499 -17.03 14.43 14.03
N GLN A 500 -16.97 14.31 15.35
CA GLN A 500 -16.39 15.32 16.21
C GLN A 500 -14.91 15.10 16.51
N SER A 501 -14.27 16.13 17.04
CA SER A 501 -12.87 16.07 17.39
C SER A 501 -12.52 17.11 18.45
N TRP A 502 -11.36 16.93 19.07
CA TRP A 502 -10.85 17.83 20.08
C TRP A 502 -9.35 17.73 19.88
N ASN A 503 -8.80 18.71 19.20
CA ASN A 503 -7.39 18.71 18.86
C ASN A 503 -6.60 19.87 19.45
N PRO A 504 -6.00 19.64 20.64
CA PRO A 504 -6.08 18.41 21.42
C PRO A 504 -7.06 18.55 22.58
N VAL A 505 -7.10 17.53 23.43
CA VAL A 505 -7.94 17.57 24.62
C VAL A 505 -7.26 18.59 25.53
N PRO A 506 -8.01 19.61 25.99
CA PRO A 506 -7.47 20.64 26.86
C PRO A 506 -6.96 20.10 28.19
N LEU A 507 -5.91 20.75 28.71
CA LEU A 507 -5.30 20.38 29.96
C LEU A 507 -6.20 20.82 31.12
N LYS A 508 -7.09 21.77 30.83
CA LYS A 508 -8.04 22.27 31.83
C LYS A 508 -9.45 21.81 31.49
N THR A 509 -10.23 21.56 32.53
CA THR A 509 -11.61 21.13 32.39
C THR A 509 -12.51 22.18 31.73
N THR A 510 -13.22 21.75 30.69
CA THR A 510 -14.14 22.59 29.93
C THR A 510 -15.22 21.65 29.40
N SER A 511 -15.82 21.99 28.27
CA SER A 511 -16.84 21.14 27.67
C SER A 511 -16.75 21.20 26.15
N HIS A 512 -17.23 20.15 25.51
CA HIS A 512 -17.24 20.09 24.05
C HIS A 512 -18.72 19.94 23.70
N THR A 513 -19.27 20.93 23.03
CA THR A 513 -20.69 20.90 22.65
C THR A 513 -20.84 20.70 21.15
N SER A 514 -21.72 19.78 20.77
CA SER A 514 -21.97 19.50 19.37
C SER A 514 -23.44 19.16 19.16
N SER A 515 -23.92 19.33 17.93
CA SER A 515 -25.30 19.01 17.59
C SER A 515 -25.31 17.64 16.93
N TRP A 516 -26.44 16.96 17.04
CA TRP A 516 -26.63 15.65 16.44
C TRP A 516 -26.45 15.76 14.92
N ALA B 1 29.10 26.11 -20.00
CA ALA B 1 28.06 26.24 -18.95
C ALA B 1 26.98 27.26 -19.35
N VAL B 2 25.95 27.35 -18.53
CA VAL B 2 24.83 28.26 -18.78
C VAL B 2 25.27 29.71 -19.01
N ASN B 3 24.56 30.40 -19.90
CA ASN B 3 24.86 31.80 -20.23
C ASN B 3 26.26 32.07 -20.80
N GLY B 4 26.83 31.08 -21.47
CA GLY B 4 28.14 31.25 -22.08
C GLY B 4 29.35 31.12 -21.17
N LYS B 5 29.13 31.09 -19.86
CA LYS B 5 30.23 30.97 -18.89
C LYS B 5 30.62 29.49 -18.72
N GLY B 6 31.53 29.21 -17.80
CA GLY B 6 31.94 27.82 -17.61
C GLY B 6 31.87 27.31 -16.18
N MET B 7 32.76 26.39 -15.85
CA MET B 7 32.80 25.83 -14.50
C MET B 7 33.40 26.87 -13.56
N ASN B 8 32.99 26.83 -12.29
CA ASN B 8 33.48 27.77 -11.28
C ASN B 8 34.96 27.49 -11.01
N PRO B 9 35.82 28.52 -11.17
CA PRO B 9 37.26 28.34 -10.94
C PRO B 9 37.61 27.96 -9.50
N ASP B 10 36.64 28.13 -8.59
CA ASP B 10 36.84 27.80 -7.19
C ASP B 10 36.28 26.41 -6.81
N TYR B 11 35.81 25.66 -7.80
CA TYR B 11 35.24 24.33 -7.57
C TYR B 11 36.12 23.34 -6.83
N LYS B 12 35.54 22.70 -5.81
CA LYS B 12 36.23 21.71 -5.01
C LYS B 12 35.32 20.52 -4.69
N ALA B 13 35.90 19.33 -4.65
CA ALA B 13 35.18 18.10 -4.33
C ALA B 13 35.42 17.70 -2.88
N TYR B 14 34.35 17.30 -2.19
CA TYR B 14 34.45 16.90 -0.81
C TYR B 14 33.90 15.50 -0.61
N LEU B 15 34.39 14.81 0.42
CA LEU B 15 33.93 13.47 0.72
C LEU B 15 33.25 13.50 2.08
N MET B 16 32.09 12.87 2.18
CA MET B 16 31.35 12.82 3.45
C MET B 16 31.88 11.65 4.27
N ALA B 17 32.14 11.88 5.55
CA ALA B 17 32.64 10.83 6.43
C ALA B 17 31.49 9.88 6.78
N PRO B 18 31.81 8.68 7.29
CA PRO B 18 30.72 7.74 7.62
C PRO B 18 29.91 8.25 8.81
N LEU B 19 28.77 7.63 9.06
CA LEU B 19 27.91 8.03 10.16
C LEU B 19 28.44 7.52 11.51
N LYS B 20 29.10 6.37 11.48
CA LYS B 20 29.69 5.78 12.67
C LYS B 20 31.06 6.43 12.94
N LYS B 21 31.43 6.56 14.21
CA LYS B 21 32.71 7.16 14.56
C LYS B 21 33.83 6.29 14.00
N ILE B 22 34.87 6.93 13.51
CA ILE B 22 36.01 6.23 12.91
C ILE B 22 36.50 4.99 13.65
N PRO B 23 36.72 5.08 14.98
CA PRO B 23 37.19 3.90 15.73
C PRO B 23 36.23 2.71 15.64
N GLU B 24 34.96 2.98 15.40
CA GLU B 24 33.96 1.91 15.27
C GLU B 24 34.10 1.25 13.90
N VAL B 25 34.60 2.00 12.94
CA VAL B 25 34.77 1.52 11.57
C VAL B 25 36.18 0.99 11.27
N THR B 26 37.19 1.60 11.88
CA THR B 26 38.58 1.22 11.65
C THR B 26 39.47 1.90 12.70
N ASN B 27 40.76 2.02 12.41
CA ASN B 27 41.70 2.69 13.34
C ASN B 27 42.18 4.00 12.71
N TRP B 28 42.67 4.91 13.53
CA TRP B 28 43.13 6.21 13.05
C TRP B 28 44.22 6.18 11.98
N GLU B 29 45.12 5.21 12.07
CA GLU B 29 46.23 5.09 11.11
C GLU B 29 45.73 4.67 9.73
N THR B 30 44.69 3.87 9.70
CA THR B 30 44.12 3.42 8.44
C THR B 30 43.32 4.58 7.86
N PHE B 31 42.59 5.27 8.72
CA PHE B 31 41.78 6.43 8.34
C PHE B 31 42.64 7.46 7.63
N GLU B 32 43.87 7.65 8.12
CA GLU B 32 44.80 8.60 7.54
C GLU B 32 45.25 8.19 6.14
N ASN B 33 45.43 6.88 5.94
CA ASN B 33 45.84 6.39 4.64
C ASN B 33 44.69 6.49 3.64
N ASP B 34 43.47 6.31 4.12
CA ASP B 34 42.29 6.44 3.27
C ASP B 34 42.17 7.88 2.80
N LEU B 35 42.46 8.82 3.70
CA LEU B 35 42.40 10.23 3.36
C LEU B 35 43.45 10.60 2.31
N ARG B 36 44.65 10.03 2.42
CA ARG B 36 45.69 10.32 1.44
C ARG B 36 45.27 9.75 0.08
N TRP B 37 44.53 8.65 0.10
CA TRP B 37 44.04 8.05 -1.14
C TRP B 37 42.91 8.93 -1.69
N ALA B 38 42.06 9.47 -0.81
CA ALA B 38 40.96 10.34 -1.22
C ALA B 38 41.54 11.59 -1.87
N LYS B 39 42.60 12.10 -1.27
CA LYS B 39 43.29 13.30 -1.76
C LYS B 39 43.84 13.06 -3.17
N GLN B 40 44.41 11.88 -3.38
CA GLN B 40 44.95 11.48 -4.68
C GLN B 40 43.87 11.45 -5.75
N ASN B 41 42.63 11.19 -5.34
CA ASN B 41 41.53 11.15 -6.29
C ASN B 41 40.76 12.45 -6.43
N GLY B 42 41.40 13.55 -6.05
CA GLY B 42 40.78 14.86 -6.19
C GLY B 42 39.93 15.43 -5.08
N PHE B 43 39.76 14.71 -3.97
CA PHE B 43 38.97 15.24 -2.86
C PHE B 43 39.83 16.25 -2.09
N TYR B 44 39.26 17.42 -1.83
CA TYR B 44 39.97 18.49 -1.12
C TYR B 44 39.80 18.42 0.40
N ALA B 45 38.59 18.09 0.84
CA ALA B 45 38.30 18.02 2.26
C ALA B 45 37.30 16.94 2.59
N ILE B 46 37.20 16.61 3.87
CA ILE B 46 36.23 15.62 4.33
C ILE B 46 35.21 16.32 5.23
N THR B 47 33.93 16.13 4.94
CA THR B 47 32.86 16.72 5.75
C THR B 47 32.50 15.69 6.83
N VAL B 48 32.25 16.16 8.05
CA VAL B 48 31.94 15.24 9.15
C VAL B 48 30.96 15.82 10.16
N ASP B 49 30.02 15.01 10.61
CA ASP B 49 29.05 15.46 11.60
C ASP B 49 29.63 15.34 12.99
N PHE B 50 29.49 16.40 13.77
CA PHE B 50 29.89 16.38 15.17
C PHE B 50 28.55 16.61 15.87
N TRP B 51 28.03 15.53 16.45
CA TRP B 51 26.73 15.54 17.10
C TRP B 51 26.68 16.22 18.44
N TRP B 52 25.64 17.03 18.61
CA TRP B 52 25.40 17.76 19.85
C TRP B 52 25.17 16.75 20.98
N GLY B 53 24.52 15.63 20.65
CA GLY B 53 24.25 14.59 21.62
C GLY B 53 25.50 13.99 22.24
N ASP B 54 26.63 14.05 21.51
CA ASP B 54 27.91 13.54 21.99
C ASP B 54 28.71 14.62 22.74
N MET B 55 28.72 15.83 22.19
CA MET B 55 29.47 16.96 22.72
C MET B 55 29.01 17.65 24.01
N GLU B 56 27.73 17.56 24.35
CA GLU B 56 27.20 18.19 25.57
C GLU B 56 26.15 17.27 26.14
N LYS B 57 26.48 15.98 26.15
CA LYS B 57 25.61 14.91 26.61
C LYS B 57 25.12 14.91 28.05
N ASN B 58 26.04 15.05 28.99
CA ASN B 58 25.71 14.98 30.41
C ASN B 58 24.97 16.12 31.08
N GLY B 59 25.08 17.31 30.51
CA GLY B 59 24.40 18.46 31.10
C GLY B 59 24.83 19.74 30.45
N ASP B 60 24.16 20.82 30.82
CA ASP B 60 24.46 22.13 30.29
C ASP B 60 25.90 22.50 30.57
N GLN B 61 26.61 22.88 29.51
CA GLN B 61 27.99 23.29 29.57
C GLN B 61 28.95 22.18 29.99
N GLN B 62 28.50 20.93 29.88
CA GLN B 62 29.37 19.81 30.20
C GLN B 62 29.81 19.25 28.84
N PHE B 63 30.80 19.92 28.25
CA PHE B 63 31.34 19.58 26.93
C PHE B 63 32.37 18.49 26.84
N ASP B 64 32.37 17.84 25.69
CA ASP B 64 33.32 16.80 25.37
C ASP B 64 33.66 16.94 23.88
N PHE B 65 34.79 17.57 23.60
CA PHE B 65 35.24 17.77 22.22
C PHE B 65 36.42 16.88 21.89
N SER B 66 36.70 15.92 22.77
CA SER B 66 37.82 15.01 22.58
C SER B 66 37.82 14.33 21.20
N TYR B 67 36.71 13.69 20.83
CA TYR B 67 36.61 13.01 19.54
C TYR B 67 36.81 13.97 18.37
N ALA B 68 36.23 15.16 18.45
CA ALA B 68 36.36 16.17 17.41
C ALA B 68 37.83 16.57 17.25
N GLN B 69 38.52 16.72 18.39
CA GLN B 69 39.94 17.09 18.39
C GLN B 69 40.82 15.96 17.87
N ARG B 70 40.45 14.72 18.15
CA ARG B 70 41.22 13.56 17.67
C ARG B 70 41.07 13.38 16.16
N PHE B 71 39.85 13.62 15.68
CA PHE B 71 39.53 13.53 14.26
C PHE B 71 40.37 14.56 13.51
N ALA B 72 40.35 15.80 13.99
CA ALA B 72 41.11 16.89 13.37
C ALA B 72 42.59 16.55 13.26
N GLN B 73 43.14 15.93 14.30
CA GLN B 73 44.55 15.54 14.32
C GLN B 73 44.88 14.59 13.18
N SER B 74 44.01 13.59 12.95
CA SER B 74 44.23 12.63 11.88
C SER B 74 44.14 13.30 10.52
N VAL B 75 43.19 14.21 10.38
CA VAL B 75 43.02 14.95 9.13
C VAL B 75 44.32 15.70 8.88
N LYS B 76 44.80 16.38 9.91
CA LYS B 76 46.05 17.14 9.83
C LYS B 76 47.19 16.21 9.41
N ASN B 77 47.26 15.05 10.03
CA ASN B 77 48.30 14.07 9.72
C ASN B 77 48.28 13.66 8.25
N ALA B 78 47.09 13.39 7.71
CA ALA B 78 46.97 12.95 6.31
C ALA B 78 47.18 14.04 5.26
N GLY B 79 47.27 15.29 5.71
CA GLY B 79 47.48 16.41 4.79
C GLY B 79 46.20 16.86 4.10
N MET B 80 45.08 16.63 4.75
CA MET B 80 43.77 17.00 4.22
C MET B 80 43.19 18.17 4.97
N LYS B 81 42.01 18.61 4.53
CA LYS B 81 41.28 19.69 5.16
C LYS B 81 39.96 19.05 5.57
N MET B 82 39.26 19.66 6.52
CA MET B 82 37.99 19.11 6.98
C MET B 82 36.94 20.18 7.06
N ILE B 83 35.68 19.76 6.97
CA ILE B 83 34.56 20.67 7.06
C ILE B 83 33.61 20.10 8.10
N PRO B 84 33.70 20.59 9.34
CA PRO B 84 32.83 20.09 10.40
C PRO B 84 31.41 20.62 10.29
N ILE B 85 30.46 19.79 10.68
CA ILE B 85 29.08 20.18 10.68
C ILE B 85 28.68 20.14 12.15
N ILE B 86 28.23 21.27 12.69
CA ILE B 86 27.82 21.29 14.08
C ILE B 86 26.41 20.74 14.04
N SER B 87 26.30 19.43 14.17
CA SER B 87 25.01 18.76 14.08
C SER B 87 24.12 18.80 15.32
N THR B 88 23.31 19.84 15.40
CA THR B 88 22.38 20.05 16.50
C THR B 88 21.05 19.32 16.30
N HIS B 89 21.07 18.26 15.50
CA HIS B 89 19.90 17.44 15.23
C HIS B 89 20.20 15.98 15.60
N GLN B 90 19.17 15.16 15.59
CA GLN B 90 19.30 13.76 15.93
C GLN B 90 19.83 12.88 14.80
N CYS B 91 20.74 11.97 15.15
CA CYS B 91 21.28 11.02 14.17
C CYS B 91 20.47 9.74 14.32
N GLY B 92 19.98 9.26 13.18
CA GLY B 92 19.20 8.04 13.13
C GLY B 92 18.20 7.76 14.23
N GLY B 93 18.40 6.64 14.91
CA GLY B 93 17.51 6.24 16.00
C GLY B 93 16.28 5.50 15.52
N ASN B 94 16.19 5.27 14.21
CA ASN B 94 15.04 4.59 13.60
C ASN B 94 15.29 3.12 13.24
N VAL B 95 14.47 2.63 12.30
CA VAL B 95 14.52 1.24 11.80
C VAL B 95 15.89 0.83 11.26
N GLY B 96 16.64 0.09 12.08
CA GLY B 96 17.96 -0.38 11.68
C GLY B 96 18.89 0.71 11.17
N ASP B 97 18.87 1.87 11.84
CA ASP B 97 19.72 2.99 11.45
C ASP B 97 21.15 2.83 11.93
N ASP B 98 22.09 3.31 11.12
CA ASP B 98 23.52 3.24 11.43
C ASP B 98 24.02 4.12 12.58
N CYS B 99 23.10 4.78 13.28
CA CYS B 99 23.47 5.65 14.39
C CYS B 99 22.22 5.96 15.20
N ASN B 100 22.43 6.32 16.46
CA ASN B 100 21.34 6.71 17.35
C ASN B 100 21.93 7.75 18.28
N VAL B 101 21.82 9.02 17.90
CA VAL B 101 22.34 10.09 18.70
C VAL B 101 21.36 11.25 18.79
N PRO B 102 20.38 11.16 19.69
CA PRO B 102 19.41 12.26 19.83
C PRO B 102 20.07 13.45 20.49
N ILE B 103 19.40 14.61 20.47
CA ILE B 103 19.97 15.78 21.10
C ILE B 103 19.87 15.55 22.61
N PRO B 104 20.80 16.13 23.39
CA PRO B 104 20.82 15.97 24.86
C PRO B 104 19.44 16.07 25.50
N SER B 105 19.10 15.04 26.27
CA SER B 105 17.80 14.96 26.94
C SER B 105 17.49 16.07 27.96
N TRP B 106 18.53 16.68 28.52
CA TRP B 106 18.35 17.75 29.51
C TRP B 106 17.77 19.02 28.91
N VAL B 107 17.95 19.20 27.60
CA VAL B 107 17.44 20.38 26.90
C VAL B 107 15.94 20.53 27.02
N TRP B 108 15.22 19.41 26.91
CA TRP B 108 13.77 19.39 26.99
C TRP B 108 13.24 19.85 28.34
N ASN B 109 14.05 19.73 29.39
CA ASN B 109 13.63 20.13 30.73
C ASN B 109 13.66 21.65 30.92
N GLN B 110 14.18 22.37 29.94
CA GLN B 110 14.29 23.81 30.04
C GLN B 110 13.00 24.61 29.80
N LYS B 111 11.96 23.92 29.35
CA LYS B 111 10.67 24.57 29.12
C LYS B 111 9.57 23.70 29.68
N SER B 112 8.49 24.33 30.15
CA SER B 112 7.36 23.59 30.72
C SER B 112 6.17 23.54 29.75
N ASP B 113 6.28 24.25 28.64
CA ASP B 113 5.23 24.27 27.62
C ASP B 113 5.69 23.43 26.43
N ASP B 114 5.01 23.57 25.29
CA ASP B 114 5.38 22.83 24.09
C ASP B 114 6.14 23.64 23.06
N SER B 115 6.89 24.63 23.52
CA SER B 115 7.66 25.50 22.63
C SER B 115 8.85 24.87 21.95
N LEU B 116 9.44 23.86 22.57
CA LEU B 116 10.64 23.22 22.04
C LEU B 116 10.50 22.19 20.93
N TYR B 117 9.33 21.57 20.78
CA TYR B 117 9.19 20.56 19.74
C TYR B 117 8.10 20.86 18.71
N PHE B 118 7.87 19.91 17.80
CA PHE B 118 6.86 20.05 16.75
C PHE B 118 5.69 19.08 16.96
N LYS B 119 4.53 19.48 16.46
CA LYS B 119 3.32 18.67 16.51
C LYS B 119 2.70 18.87 15.11
N SER B 120 2.34 17.77 14.46
CA SER B 120 1.78 17.84 13.12
C SER B 120 0.28 18.02 13.09
N GLU B 121 -0.25 18.04 11.86
CA GLU B 121 -1.68 18.17 11.63
C GLU B 121 -2.45 17.13 12.44
N THR B 122 -1.94 15.91 12.47
CA THR B 122 -2.60 14.81 13.19
C THR B 122 -2.16 14.57 14.65
N GLY B 123 -1.36 15.48 15.18
CA GLY B 123 -0.92 15.35 16.56
C GLY B 123 0.41 14.65 16.77
N THR B 124 1.08 14.26 15.69
CA THR B 124 2.36 13.58 15.80
C THR B 124 3.45 14.54 16.28
N VAL B 125 4.06 14.21 17.41
CA VAL B 125 5.13 15.00 18.02
C VAL B 125 6.48 14.63 17.42
N ASN B 126 7.31 15.63 17.17
CA ASN B 126 8.64 15.39 16.62
C ASN B 126 9.65 16.11 17.49
N LYS B 127 10.71 15.41 17.87
CA LYS B 127 11.75 15.98 18.72
C LYS B 127 13.16 15.71 18.14
N GLU B 128 13.28 15.73 16.83
CA GLU B 128 14.57 15.48 16.16
C GLU B 128 15.50 16.69 16.18
N THR B 129 14.97 17.85 16.55
CA THR B 129 15.72 19.08 16.58
C THR B 129 14.83 20.10 17.28
N LEU B 130 15.41 21.18 17.78
CA LEU B 130 14.63 22.21 18.47
C LEU B 130 13.75 23.00 17.51
N ASN B 131 12.53 23.31 17.93
CA ASN B 131 11.64 24.10 17.10
C ASN B 131 12.22 25.51 17.01
N PRO B 132 12.45 26.02 15.78
CA PRO B 132 13.02 27.36 15.58
C PRO B 132 12.22 28.50 16.19
N LEU B 133 11.02 28.20 16.68
CA LEU B 133 10.17 29.20 17.34
C LEU B 133 10.74 29.54 18.72
N ALA B 134 11.39 28.57 19.36
CA ALA B 134 11.99 28.77 20.67
C ALA B 134 13.37 29.38 20.44
N SER B 135 13.38 30.61 19.97
CA SER B 135 14.60 31.31 19.65
C SER B 135 15.44 31.66 20.88
N ASP B 136 14.80 31.81 22.03
CA ASP B 136 15.49 32.12 23.27
C ASP B 136 16.41 30.97 23.70
N VAL B 137 15.91 29.74 23.61
CA VAL B 137 16.69 28.55 23.97
C VAL B 137 17.74 28.26 22.89
N ILE B 138 17.38 28.50 21.64
CA ILE B 138 18.30 28.27 20.53
C ILE B 138 19.47 29.26 20.63
N ARG B 139 19.17 30.53 20.89
CA ARG B 139 20.21 31.53 21.01
C ARG B 139 21.17 31.18 22.13
N LYS B 140 20.63 30.74 23.25
CA LYS B 140 21.46 30.36 24.39
C LYS B 140 22.32 29.15 24.10
N GLU B 141 21.69 28.01 23.80
CA GLU B 141 22.40 26.77 23.54
C GLU B 141 23.28 26.72 22.30
N TYR B 142 22.81 27.25 21.18
CA TYR B 142 23.63 27.25 19.97
C TYR B 142 24.79 28.23 20.14
N GLY B 143 24.50 29.37 20.78
CA GLY B 143 25.55 30.35 21.03
C GLY B 143 26.63 29.71 21.90
N GLU B 144 26.23 29.05 22.99
CA GLU B 144 27.17 28.40 23.88
C GLU B 144 27.96 27.28 23.21
N LEU B 145 27.28 26.51 22.38
CA LEU B 145 27.91 25.40 21.68
C LEU B 145 28.89 25.86 20.61
N TYR B 146 28.49 26.85 19.80
CA TYR B 146 29.36 27.35 18.74
C TYR B 146 30.67 27.90 19.30
N THR B 147 30.56 28.74 20.32
CA THR B 147 31.72 29.36 20.98
C THR B 147 32.65 28.33 21.63
N ALA B 148 32.08 27.38 22.35
CA ALA B 148 32.90 26.33 22.98
C ALA B 148 33.59 25.48 21.92
N PHE B 149 32.91 25.23 20.81
CA PHE B 149 33.46 24.43 19.70
C PHE B 149 34.65 25.16 19.08
N ALA B 150 34.47 26.46 18.84
CA ALA B 150 35.53 27.28 18.25
C ALA B 150 36.79 27.22 19.12
N ALA B 151 36.62 27.36 20.43
CA ALA B 151 37.73 27.33 21.38
C ALA B 151 38.46 26.00 21.37
N ALA B 152 37.70 24.92 21.29
CA ALA B 152 38.26 23.57 21.27
C ALA B 152 38.98 23.29 19.95
N MET B 153 38.45 23.84 18.86
CA MET B 153 39.04 23.62 17.54
C MET B 153 40.13 24.61 17.13
N LYS B 154 40.28 25.70 17.88
CA LYS B 154 41.28 26.74 17.62
C LYS B 154 42.66 26.19 17.22
N PRO B 155 43.17 25.18 17.93
CA PRO B 155 44.49 24.61 17.59
C PRO B 155 44.56 23.98 16.19
N TYR B 156 43.41 23.64 15.60
CA TYR B 156 43.41 23.02 14.28
C TYR B 156 42.79 23.89 13.21
N LYS B 157 42.79 25.21 13.43
CA LYS B 157 42.20 26.15 12.48
C LYS B 157 42.79 26.03 11.09
N ASP B 158 44.03 25.60 11.01
CA ASP B 158 44.71 25.43 9.74
C ASP B 158 44.15 24.28 8.89
N VAL B 159 43.40 23.36 9.51
CA VAL B 159 42.83 22.24 8.75
C VAL B 159 41.35 22.41 8.43
N ILE B 160 40.73 23.44 8.99
CA ILE B 160 39.32 23.72 8.76
C ILE B 160 39.14 24.61 7.53
N ALA B 161 38.45 24.08 6.54
CA ALA B 161 38.22 24.79 5.28
C ALA B 161 36.92 25.57 5.23
N LYS B 162 35.93 25.11 5.99
CA LYS B 162 34.60 25.72 6.03
C LYS B 162 33.83 25.08 7.18
N ILE B 163 32.77 25.76 7.63
CA ILE B 163 31.95 25.25 8.72
C ILE B 163 30.48 25.20 8.31
N TYR B 164 29.82 24.07 8.57
CA TYR B 164 28.41 23.90 8.26
C TYR B 164 27.59 23.89 9.55
N LEU B 165 26.41 24.50 9.49
CA LEU B 165 25.50 24.55 10.64
C LEU B 165 24.31 23.67 10.30
N SER B 166 23.62 23.17 11.32
CA SER B 166 22.43 22.35 11.13
C SER B 166 21.21 23.22 11.38
N GLY B 167 20.41 23.43 10.33
CA GLY B 167 19.23 24.26 10.46
C GLY B 167 17.95 23.52 10.79
N GLY B 168 18.06 22.20 10.91
CA GLY B 168 16.89 21.42 11.22
C GLY B 168 17.10 19.92 11.10
N PRO B 169 16.03 19.16 10.85
CA PRO B 169 16.07 17.70 10.71
C PRO B 169 17.03 17.31 9.62
N ALA B 170 17.81 16.26 9.88
CA ALA B 170 18.79 15.77 8.94
C ALA B 170 19.79 16.85 8.52
N GLY B 171 19.92 17.89 9.33
CA GLY B 171 20.84 18.96 9.04
C GLY B 171 20.37 19.95 7.99
N GLU B 172 19.08 19.95 7.70
CA GLU B 172 18.52 20.84 6.70
C GLU B 172 17.54 21.84 7.27
N LEU B 173 17.58 23.06 6.75
CA LEU B 173 16.68 24.10 7.18
C LEU B 173 15.28 23.82 6.64
N ARG B 174 14.44 23.23 7.47
CA ARG B 174 13.09 22.87 7.07
C ARG B 174 12.34 22.33 8.28
N TYR B 175 11.06 22.03 8.07
CA TYR B 175 10.21 21.45 9.08
C TYR B 175 10.23 19.94 8.86
N PRO B 176 10.00 19.15 9.92
CA PRO B 176 10.00 17.69 9.81
C PRO B 176 8.67 17.18 9.23
N SER B 177 8.34 17.66 8.03
CA SER B 177 7.08 17.32 7.37
C SER B 177 6.98 15.94 6.73
N TYR B 178 8.11 15.27 6.53
CA TYR B 178 8.12 13.94 5.94
C TYR B 178 8.78 12.90 6.83
N THR B 179 7.97 12.17 7.57
CA THR B 179 8.46 11.14 8.48
C THR B 179 7.56 9.92 8.38
N THR B 180 8.11 8.75 8.68
CA THR B 180 7.35 7.51 8.63
C THR B 180 6.20 7.50 9.65
N SER B 181 6.51 7.89 10.90
CA SER B 181 5.52 7.90 11.96
C SER B 181 4.41 8.92 11.77
N ASP B 182 4.63 9.95 10.97
CA ASP B 182 3.61 10.94 10.71
C ASP B 182 2.85 10.51 9.46
N GLY B 183 3.34 9.44 8.83
CA GLY B 183 2.74 8.91 7.62
C GLY B 183 2.92 9.85 6.45
N THR B 184 4.04 10.56 6.45
CA THR B 184 4.34 11.55 5.40
C THR B 184 5.65 11.33 4.66
N GLY B 185 6.16 10.10 4.69
CA GLY B 185 7.40 9.80 4.01
C GLY B 185 7.20 9.83 2.50
N TYR B 186 8.31 9.88 1.75
CA TYR B 186 8.28 9.90 0.29
C TYR B 186 7.39 8.77 -0.24
N PRO B 187 6.59 9.03 -1.28
CA PRO B 187 6.39 10.27 -2.03
C PRO B 187 5.08 10.97 -1.66
N SER B 188 4.65 10.83 -0.41
CA SER B 188 3.41 11.43 0.04
C SER B 188 3.54 12.94 0.19
N ARG B 189 2.41 13.61 0.39
CA ARG B 189 2.42 15.06 0.61
C ARG B 189 2.84 15.21 2.07
N GLY B 190 3.40 16.35 2.44
CA GLY B 190 3.80 16.51 3.81
C GLY B 190 2.68 17.04 4.66
N LYS B 191 2.87 16.98 5.98
CA LYS B 191 1.88 17.53 6.92
C LYS B 191 2.52 18.76 7.53
N PHE B 192 1.71 19.78 7.78
CA PHE B 192 2.21 21.00 8.39
C PHE B 192 2.57 20.72 9.85
N GLN B 193 3.65 21.35 10.31
CA GLN B 193 4.18 21.15 11.66
C GLN B 193 4.07 22.38 12.57
N ALA B 194 2.88 22.93 12.69
CA ALA B 194 2.70 24.12 13.53
C ALA B 194 1.47 23.95 14.40
N TYR B 195 1.34 22.76 14.99
CA TYR B 195 0.17 22.47 15.80
C TYR B 195 0.34 22.43 17.31
N THR B 196 1.52 22.83 17.79
CA THR B 196 1.76 22.89 19.23
C THR B 196 1.00 24.15 19.66
N GLU B 197 0.62 24.22 20.93
CA GLU B 197 -0.08 25.41 21.41
C GLU B 197 0.76 26.66 21.23
N PHE B 198 2.08 26.49 21.32
CA PHE B 198 3.00 27.61 21.16
C PHE B 198 3.02 28.14 19.71
N ALA B 199 2.97 27.24 18.73
CA ALA B 199 2.95 27.64 17.31
C ALA B 199 1.66 28.40 17.01
N LYS B 200 0.55 27.90 17.54
CA LYS B 200 -0.76 28.53 17.35
C LYS B 200 -0.78 29.95 17.94
N SER B 201 -0.19 30.11 19.12
CA SER B 201 -0.13 31.43 19.76
C SER B 201 0.70 32.39 18.95
N LYS B 202 1.84 31.91 18.46
CA LYS B 202 2.73 32.73 17.65
C LYS B 202 2.06 33.20 16.37
N PHE B 203 1.39 32.29 15.66
CA PHE B 203 0.71 32.66 14.42
C PHE B 203 -0.35 33.70 14.71
N ARG B 204 -1.16 33.42 15.74
CA ARG B 204 -2.22 34.31 16.17
C ARG B 204 -1.69 35.72 16.46
N LEU B 205 -0.58 35.80 17.19
CA LEU B 205 0.03 37.08 17.52
C LEU B 205 0.57 37.80 16.30
N TRP B 206 1.11 37.02 15.36
CA TRP B 206 1.67 37.58 14.13
C TRP B 206 0.57 38.22 13.32
N VAL B 207 -0.53 37.48 13.13
CA VAL B 207 -1.67 37.97 12.37
C VAL B 207 -2.26 39.22 13.01
N LEU B 208 -2.47 39.17 14.33
CA LEU B 208 -3.02 40.30 15.05
C LEU B 208 -2.11 41.50 15.02
N ASN B 209 -0.81 41.25 14.85
CA ASN B 209 0.14 42.34 14.79
C ASN B 209 0.09 42.95 13.40
N LYS B 210 -0.11 42.11 12.39
CA LYS B 210 -0.18 42.57 11.00
C LYS B 210 -1.42 43.41 10.72
N TYR B 211 -2.56 42.96 11.21
CA TYR B 211 -3.84 43.67 11.00
C TYR B 211 -4.30 44.51 12.17
N GLY B 212 -3.66 44.34 13.31
CA GLY B 212 -3.99 45.12 14.49
C GLY B 212 -5.30 44.84 15.18
N SER B 213 -6.32 44.41 14.43
CA SER B 213 -7.62 44.14 14.99
C SER B 213 -8.25 42.91 14.36
N LEU B 214 -9.01 42.16 15.16
CA LEU B 214 -9.70 40.98 14.66
C LEU B 214 -10.65 41.43 13.54
N ASN B 215 -11.18 42.65 13.69
CA ASN B 215 -12.10 43.21 12.70
C ASN B 215 -11.35 43.36 11.39
N GLU B 216 -10.11 43.82 11.46
CA GLU B 216 -9.28 43.99 10.27
C GLU B 216 -8.79 42.65 9.71
N VAL B 217 -8.66 41.64 10.57
CA VAL B 217 -8.24 40.33 10.11
C VAL B 217 -9.39 39.77 9.28
N ASN B 218 -10.61 39.93 9.79
CA ASN B 218 -11.79 39.47 9.10
C ASN B 218 -11.98 40.23 7.79
N LYS B 219 -11.46 41.46 7.76
CA LYS B 219 -11.54 42.33 6.58
C LYS B 219 -10.63 41.79 5.49
N ALA B 220 -9.36 41.60 5.82
CA ALA B 220 -8.39 41.10 4.86
C ALA B 220 -8.70 39.68 4.39
N TRP B 221 -9.11 38.82 5.32
CA TRP B 221 -9.42 37.43 5.01
C TRP B 221 -10.84 37.20 4.51
N GLY B 222 -11.70 38.20 4.65
CA GLY B 222 -13.08 38.05 4.22
C GLY B 222 -13.74 36.95 5.04
N THR B 223 -13.44 36.92 6.33
CA THR B 223 -13.98 35.93 7.23
C THR B 223 -14.90 36.57 8.26
N LYS B 224 -15.49 35.74 9.11
CA LYS B 224 -16.39 36.21 10.17
C LYS B 224 -16.00 35.55 11.50
N LEU B 225 -14.73 35.71 11.87
CA LEU B 225 -14.21 35.14 13.11
C LEU B 225 -14.74 35.92 14.30
N ILE B 226 -15.40 35.21 15.20
CA ILE B 226 -15.97 35.81 16.39
C ILE B 226 -14.98 35.93 17.56
N SER B 227 -13.92 35.12 17.52
CA SER B 227 -12.91 35.11 18.58
C SER B 227 -11.51 35.04 18.02
N GLU B 228 -10.53 35.58 18.76
CA GLU B 228 -9.15 35.52 18.32
C GLU B 228 -8.68 34.06 18.35
N LEU B 229 -9.34 33.28 19.19
CA LEU B 229 -9.04 31.87 19.34
C LEU B 229 -9.42 31.09 18.09
N ALA B 230 -10.11 31.76 17.17
CA ALA B 230 -10.52 31.12 15.93
C ALA B 230 -9.45 31.31 14.85
N ILE B 231 -8.46 32.17 15.13
CA ILE B 231 -7.36 32.40 14.20
C ILE B 231 -6.41 31.21 14.41
N LEU B 232 -6.42 30.28 13.47
CA LEU B 232 -5.61 29.06 13.58
C LEU B 232 -5.03 28.62 12.26
N PRO B 233 -4.03 27.70 12.31
CA PRO B 233 -3.40 27.18 11.10
C PRO B 233 -4.46 26.26 10.45
N PRO B 234 -4.23 25.81 9.21
CA PRO B 234 -5.19 24.93 8.53
C PRO B 234 -5.62 23.62 9.21
N SER B 235 -6.92 23.43 9.36
CA SER B 235 -7.46 22.21 9.97
C SER B 235 -7.29 21.02 9.04
N ASP B 236 -7.34 21.26 7.74
CA ASP B 236 -7.16 20.20 6.75
C ASP B 236 -6.08 20.61 5.78
N GLY B 237 -4.91 19.99 5.93
CA GLY B 237 -3.77 20.27 5.08
C GLY B 237 -4.03 20.03 3.61
N GLU B 238 -4.74 18.94 3.30
CA GLU B 238 -5.06 18.58 1.93
C GLU B 238 -5.89 19.67 1.25
N GLN B 239 -6.96 20.10 1.92
CA GLN B 239 -7.82 21.15 1.41
C GLN B 239 -7.03 22.42 1.24
N PHE B 240 -6.18 22.72 2.23
CA PHE B 240 -5.36 23.92 2.18
C PHE B 240 -4.43 23.86 0.97
N LEU B 241 -3.85 22.68 0.74
CA LEU B 241 -2.92 22.49 -0.37
C LEU B 241 -3.62 22.43 -1.72
N MET B 242 -4.92 22.09 -1.72
CA MET B 242 -5.69 22.02 -2.95
C MET B 242 -6.08 23.42 -3.44
N ASN B 243 -6.65 24.24 -2.57
CA ASN B 243 -7.04 25.58 -2.96
C ASN B 243 -6.99 26.63 -1.86
N GLY B 244 -6.83 26.21 -0.61
CA GLY B 244 -6.76 27.15 0.50
C GLY B 244 -5.59 28.10 0.45
N TYR B 245 -4.47 27.64 -0.10
CA TYR B 245 -3.25 28.46 -0.21
C TYR B 245 -3.43 29.68 -1.11
N LEU B 246 -4.46 29.66 -1.95
CA LEU B 246 -4.76 30.75 -2.87
C LEU B 246 -5.43 31.95 -2.21
N SER B 247 -6.02 31.72 -1.03
CA SER B 247 -6.70 32.78 -0.29
C SER B 247 -5.73 33.73 0.43
N MET B 248 -6.23 34.86 0.91
CA MET B 248 -5.40 35.82 1.64
C MET B 248 -4.89 35.15 2.92
N TYR B 249 -5.75 34.36 3.55
CA TYR B 249 -5.40 33.60 4.75
C TYR B 249 -4.24 32.68 4.42
N GLY B 250 -4.38 31.95 3.32
CA GLY B 250 -3.34 31.03 2.88
C GLY B 250 -2.01 31.73 2.64
N LYS B 251 -2.06 32.89 1.99
CA LYS B 251 -0.86 33.66 1.70
C LYS B 251 -0.18 34.08 3.00
N ASP B 252 -0.98 34.52 3.96
CA ASP B 252 -0.49 34.96 5.27
C ASP B 252 0.09 33.83 6.10
N TYR B 253 -0.60 32.68 6.12
CA TYR B 253 -0.13 31.55 6.89
C TYR B 253 1.20 31.07 6.34
N LEU B 254 1.28 30.93 5.02
CA LEU B 254 2.51 30.50 4.36
C LEU B 254 3.66 31.47 4.52
N GLU B 255 3.35 32.76 4.66
CA GLU B 255 4.38 33.77 4.86
C GLU B 255 4.96 33.61 6.26
N TRP B 256 4.08 33.47 7.25
CA TRP B 256 4.50 33.29 8.62
C TRP B 256 5.29 32.00 8.80
N TYR B 257 4.72 30.91 8.29
CA TYR B 257 5.33 29.57 8.35
C TYR B 257 6.75 29.52 7.78
N GLN B 258 6.95 30.10 6.60
CA GLN B 258 8.29 30.11 6.01
C GLN B 258 9.15 31.16 6.71
N GLY B 259 8.51 32.23 7.18
CA GLY B 259 9.23 33.28 7.87
C GLY B 259 10.03 32.75 9.06
N ILE B 260 9.45 31.81 9.78
CA ILE B 260 10.10 31.20 10.94
C ILE B 260 11.47 30.65 10.52
N LEU B 261 11.51 29.98 9.37
CA LEU B 261 12.75 29.42 8.87
C LEU B 261 13.74 30.51 8.47
N GLU B 262 13.23 31.60 7.92
CA GLU B 262 14.08 32.71 7.52
C GLU B 262 14.68 33.41 8.73
N ASN B 263 13.89 33.54 9.79
CA ASN B 263 14.37 34.17 11.00
C ASN B 263 15.37 33.25 11.70
N HIS B 264 15.15 31.95 11.61
CA HIS B 264 16.04 30.96 12.19
C HIS B 264 17.40 31.04 11.50
N THR B 265 17.37 31.16 10.17
CA THR B 265 18.59 31.26 9.35
C THR B 265 19.44 32.48 9.74
N LYS B 266 18.77 33.60 10.00
CA LYS B 266 19.48 34.82 10.38
C LYS B 266 20.07 34.72 11.78
N LEU B 267 19.40 34.00 12.67
CA LEU B 267 19.88 33.85 14.04
C LEU B 267 21.09 32.94 14.13
N ILE B 268 21.03 31.77 13.50
CA ILE B 268 22.17 30.87 13.55
C ILE B 268 23.35 31.45 12.78
N GLY B 269 23.05 32.21 11.72
CA GLY B 269 24.09 32.84 10.93
C GLY B 269 24.85 33.85 11.77
N GLU B 270 24.12 34.63 12.55
CA GLU B 270 24.69 35.63 13.45
C GLU B 270 25.55 34.94 14.53
N LEU B 271 24.98 33.93 15.19
CA LEU B 271 25.69 33.19 16.21
C LEU B 271 27.00 32.59 15.69
N ALA B 272 26.96 32.00 14.51
CA ALA B 272 28.16 31.39 13.91
C ALA B 272 29.24 32.39 13.53
N HIS B 273 28.86 33.46 12.83
CA HIS B 273 29.83 34.48 12.43
C HIS B 273 30.50 35.05 13.67
N ASN B 274 29.70 35.30 14.70
CA ASN B 274 30.23 35.85 15.95
C ASN B 274 31.26 34.91 16.57
N ALA B 275 30.98 33.61 16.51
CA ALA B 275 31.85 32.60 17.09
C ALA B 275 33.08 32.20 16.29
N PHE B 276 32.97 32.20 14.96
CA PHE B 276 34.06 31.74 14.12
C PHE B 276 34.85 32.73 13.26
N ASP B 277 34.27 33.88 12.97
CA ASP B 277 34.96 34.83 12.10
C ASP B 277 36.37 35.24 12.44
N THR B 278 36.57 35.79 13.63
CA THR B 278 37.91 36.23 14.03
C THR B 278 38.92 35.08 14.09
N THR B 279 38.51 33.97 14.71
CA THR B 279 39.37 32.81 14.86
C THR B 279 39.68 32.07 13.56
N PHE B 280 38.63 31.68 12.85
CA PHE B 280 38.78 30.89 11.64
C PHE B 280 38.77 31.62 10.31
N GLN B 281 37.88 32.59 10.16
CA GLN B 281 37.79 33.34 8.91
C GLN B 281 37.54 32.41 7.72
N VAL B 282 36.67 31.43 7.89
CA VAL B 282 36.34 30.49 6.81
C VAL B 282 34.87 30.65 6.48
N PRO B 283 34.45 30.20 5.28
CA PRO B 283 33.03 30.31 4.91
C PRO B 283 32.15 29.43 5.82
N ILE B 284 30.93 29.91 6.06
CA ILE B 284 29.96 29.21 6.89
C ILE B 284 28.77 28.90 6.00
N GLY B 285 28.25 27.68 6.07
CA GLY B 285 27.12 27.33 5.23
C GLY B 285 26.01 26.58 5.93
N ALA B 286 24.91 26.38 5.21
CA ALA B 286 23.74 25.66 5.70
C ALA B 286 23.11 24.90 4.53
N LYS B 287 22.23 23.95 4.82
CA LYS B 287 21.62 23.13 3.78
C LYS B 287 20.13 23.27 3.61
N ILE B 288 19.70 23.12 2.35
CA ILE B 288 18.30 23.17 1.96
C ILE B 288 18.05 21.79 1.33
N ALA B 289 16.97 21.13 1.74
CA ALA B 289 16.67 19.80 1.22
C ALA B 289 16.03 19.88 -0.17
N GLY B 290 16.25 18.85 -0.97
CA GLY B 290 15.65 18.81 -2.29
C GLY B 290 14.32 18.08 -2.17
N VAL B 291 13.25 18.79 -1.83
CA VAL B 291 11.95 18.16 -1.70
C VAL B 291 11.30 18.16 -3.09
N HIS B 292 11.70 17.18 -3.88
CA HIS B 292 11.27 17.03 -5.26
C HIS B 292 9.96 16.31 -5.56
N TRP B 293 9.39 15.61 -4.59
CA TRP B 293 8.14 14.89 -4.83
C TRP B 293 6.90 15.74 -4.63
N GLN B 294 5.84 15.44 -5.40
CA GLN B 294 4.58 16.18 -5.38
C GLN B 294 4.77 17.58 -5.95
N TYR B 295 5.86 17.74 -6.70
CA TYR B 295 6.22 19.01 -7.31
C TYR B 295 5.20 19.48 -8.35
N ASN B 296 4.92 18.63 -9.33
CA ASN B 296 3.97 18.98 -10.37
C ASN B 296 2.63 18.28 -10.25
N ASN B 297 2.20 18.01 -9.03
CA ASN B 297 0.91 17.37 -8.82
C ASN B 297 -0.12 18.43 -9.22
N PRO B 298 -1.07 18.08 -10.09
CA PRO B 298 -2.13 18.99 -10.57
C PRO B 298 -3.12 19.53 -9.53
N THR B 299 -3.53 18.69 -8.59
CA THR B 299 -4.47 19.10 -7.56
C THR B 299 -3.82 19.69 -6.32
N ILE B 300 -2.69 19.13 -5.89
CA ILE B 300 -1.97 19.68 -4.73
C ILE B 300 -0.54 20.04 -5.16
N PRO B 301 -0.40 21.14 -5.94
CA PRO B 301 0.91 21.58 -6.41
C PRO B 301 1.90 21.84 -5.28
N HIS B 302 3.10 21.27 -5.41
CA HIS B 302 4.16 21.41 -4.41
C HIS B 302 3.68 20.97 -3.03
N GLY B 303 2.97 19.84 -3.02
CA GLY B 303 2.40 19.27 -1.81
C GLY B 303 3.35 18.78 -0.74
N ALA B 304 4.61 18.56 -1.10
CA ALA B 304 5.60 18.12 -0.13
C ALA B 304 6.49 19.29 0.30
N GLU B 305 6.76 20.21 -0.63
CA GLU B 305 7.60 21.39 -0.35
C GLU B 305 6.97 22.37 0.64
N LYS B 306 5.75 22.80 0.36
CA LYS B 306 5.10 23.77 1.23
C LYS B 306 5.06 23.39 2.72
N PRO B 307 4.72 22.13 3.04
CA PRO B 307 4.68 21.72 4.46
C PRO B 307 6.10 21.72 5.06
N ALA B 308 7.10 21.47 4.22
CA ALA B 308 8.48 21.47 4.67
C ALA B 308 8.94 22.90 4.91
N GLY B 309 8.13 23.86 4.47
CA GLY B 309 8.44 25.27 4.66
C GLY B 309 8.97 25.99 3.44
N TYR B 310 8.94 25.33 2.29
CA TYR B 310 9.44 25.93 1.05
C TYR B 310 8.31 26.39 0.13
N ASN B 311 7.81 27.59 0.37
CA ASN B 311 6.74 28.17 -0.43
C ASN B 311 7.28 29.19 -1.45
N ASP B 312 8.36 29.88 -1.11
CA ASP B 312 8.97 30.88 -1.99
C ASP B 312 10.49 30.84 -1.81
N TYR B 313 11.15 30.12 -2.72
CA TYR B 313 12.59 29.95 -2.68
C TYR B 313 13.37 31.25 -2.82
N SER B 314 12.83 32.20 -3.58
CA SER B 314 13.51 33.48 -3.76
C SER B 314 13.60 34.22 -2.43
N HIS B 315 12.48 34.29 -1.73
CA HIS B 315 12.43 34.98 -0.46
C HIS B 315 13.32 34.24 0.53
N LEU B 316 13.31 32.90 0.44
CA LEU B 316 14.10 32.05 1.32
C LEU B 316 15.59 32.31 1.13
N LEU B 317 16.04 32.32 -0.11
CA LEU B 317 17.45 32.56 -0.40
C LEU B 317 17.91 33.96 0.03
N ASP B 318 16.98 34.91 0.13
CA ASP B 318 17.34 36.25 0.57
C ASP B 318 17.89 36.21 2.00
N ALA B 319 17.34 35.31 2.81
CA ALA B 319 17.75 35.14 4.21
C ALA B 319 19.20 34.66 4.29
N PHE B 320 19.57 33.71 3.43
CA PHE B 320 20.93 33.18 3.39
C PHE B 320 21.88 34.29 2.96
N LYS B 321 21.41 35.14 2.05
CA LYS B 321 22.19 36.26 1.55
C LYS B 321 22.50 37.25 2.69
N SER B 322 21.48 37.62 3.47
CA SER B 322 21.66 38.54 4.59
C SER B 322 22.35 37.90 5.81
N ALA B 323 22.20 36.58 5.96
CA ALA B 323 22.83 35.87 7.07
C ALA B 323 24.29 35.61 6.74
N LYS B 324 24.65 35.86 5.48
CA LYS B 324 26.01 35.63 4.99
C LYS B 324 26.35 34.15 5.13
N LEU B 325 25.44 33.31 4.65
CA LEU B 325 25.58 31.86 4.68
C LEU B 325 25.60 31.29 3.26
N ASP B 326 26.57 30.41 3.00
CA ASP B 326 26.69 29.74 1.71
C ASP B 326 25.59 28.71 1.73
N VAL B 327 25.03 28.41 0.56
CA VAL B 327 23.94 27.44 0.48
C VAL B 327 24.36 26.13 -0.15
N THR B 328 23.86 25.03 0.41
CA THR B 328 24.12 23.71 -0.11
C THR B 328 22.80 23.05 -0.46
N PHE B 329 22.67 22.58 -1.71
CA PHE B 329 21.47 21.91 -2.15
C PHE B 329 21.80 20.42 -2.17
N THR B 330 20.93 19.63 -1.56
CA THR B 330 21.17 18.21 -1.41
C THR B 330 20.53 17.19 -2.35
N CYS B 331 20.60 17.39 -3.68
CA CYS B 331 19.94 16.44 -4.58
C CYS B 331 20.38 16.49 -6.06
N LEU B 332 21.67 16.63 -6.34
CA LEU B 332 22.15 16.75 -7.73
C LEU B 332 22.17 15.56 -8.69
N GLU B 333 22.06 14.33 -8.19
CA GLU B 333 22.15 13.17 -9.07
C GLU B 333 20.89 12.64 -9.75
N MET B 334 19.75 13.29 -9.54
CA MET B 334 18.48 12.82 -10.10
C MET B 334 17.94 13.51 -11.36
N THR B 335 17.00 12.84 -12.02
CA THR B 335 16.36 13.34 -13.24
C THR B 335 14.87 13.53 -13.00
N ASP B 336 14.26 14.41 -13.79
CA ASP B 336 12.82 14.67 -13.68
C ASP B 336 12.03 13.46 -14.13
N LYS B 337 10.85 13.30 -13.57
CA LYS B 337 9.95 12.21 -13.90
C LYS B 337 8.60 12.86 -14.13
N GLY B 338 8.12 13.57 -13.11
CA GLY B 338 6.86 14.27 -13.20
C GLY B 338 5.64 13.45 -13.51
N SER B 339 5.71 12.17 -13.20
CA SER B 339 4.59 11.26 -13.46
C SER B 339 3.92 10.80 -12.17
N TYR B 340 2.65 10.43 -12.29
CA TYR B 340 1.86 9.93 -11.17
C TYR B 340 2.49 8.62 -10.69
N PRO B 341 2.43 8.35 -9.38
CA PRO B 341 1.87 9.16 -8.31
C PRO B 341 2.89 10.06 -7.58
N GLU B 342 4.17 9.91 -7.88
CA GLU B 342 5.22 10.68 -7.20
C GLU B 342 5.39 12.12 -7.65
N TYR B 343 5.14 12.40 -8.92
CA TYR B 343 5.28 13.74 -9.48
C TYR B 343 6.61 14.35 -9.05
N SER B 344 7.69 13.60 -9.30
CA SER B 344 9.04 14.02 -8.93
C SER B 344 9.76 14.80 -10.00
N MET B 345 10.18 16.02 -9.67
CA MET B 345 10.91 16.87 -10.61
C MET B 345 12.20 17.38 -9.98
N PRO B 346 13.17 16.48 -9.71
CA PRO B 346 14.46 16.82 -9.10
C PRO B 346 15.33 17.80 -9.90
N LYS B 347 15.61 17.47 -11.16
CA LYS B 347 16.47 18.31 -12.01
C LYS B 347 15.93 19.73 -12.20
N THR B 348 14.62 19.86 -12.38
CA THR B 348 14.00 21.15 -12.55
C THR B 348 14.18 21.98 -11.27
N LEU B 349 14.00 21.32 -10.12
CA LEU B 349 14.15 21.97 -8.82
C LEU B 349 15.56 22.54 -8.68
N VAL B 350 16.56 21.69 -8.87
CA VAL B 350 17.96 22.09 -8.77
C VAL B 350 18.27 23.27 -9.70
N GLN B 351 17.80 23.17 -10.94
CA GLN B 351 18.00 24.22 -11.95
C GLN B 351 17.42 25.55 -11.52
N ASN B 352 16.20 25.53 -11.00
CA ASN B 352 15.53 26.74 -10.54
C ASN B 352 16.23 27.38 -9.34
N ILE B 353 16.64 26.55 -8.40
CA ILE B 353 17.34 27.03 -7.21
C ILE B 353 18.72 27.57 -7.55
N ALA B 354 19.44 26.85 -8.42
CA ALA B 354 20.77 27.27 -8.85
C ALA B 354 20.71 28.63 -9.54
N THR B 355 19.68 28.82 -10.35
CA THR B 355 19.46 30.07 -11.06
C THR B 355 19.29 31.20 -10.07
N LEU B 356 18.38 31.04 -9.11
CA LEU B 356 18.12 32.05 -8.09
C LEU B 356 19.35 32.36 -7.27
N ALA B 357 20.09 31.32 -6.87
CA ALA B 357 21.29 31.50 -6.08
C ALA B 357 22.31 32.33 -6.84
N ASN B 358 22.55 31.95 -8.09
CA ASN B 358 23.51 32.66 -8.94
C ASN B 358 23.08 34.10 -9.22
N GLU B 359 21.78 34.30 -9.39
CA GLU B 359 21.23 35.62 -9.66
C GLU B 359 21.43 36.52 -8.42
N LYS B 360 21.35 35.91 -7.24
CA LYS B 360 21.50 36.63 -5.99
C LYS B 360 22.95 36.74 -5.51
N GLY B 361 23.87 36.06 -6.20
CA GLY B 361 25.27 36.11 -5.82
C GLY B 361 25.58 35.28 -4.58
N ILE B 362 24.86 34.18 -4.41
CA ILE B 362 25.05 33.30 -3.26
C ILE B 362 25.90 32.10 -3.69
N VAL B 363 26.93 31.78 -2.91
CA VAL B 363 27.80 30.65 -3.21
C VAL B 363 26.99 29.37 -3.06
N LEU B 364 26.96 28.61 -4.14
CA LEU B 364 26.18 27.39 -4.23
C LEU B 364 27.02 26.12 -4.20
N ASN B 365 26.66 25.22 -3.30
CA ASN B 365 27.33 23.94 -3.17
C ASN B 365 26.27 22.87 -3.34
N GLY B 366 26.67 21.66 -3.69
CA GLY B 366 25.69 20.62 -3.87
C GLY B 366 26.16 19.27 -3.43
N GLU B 367 25.22 18.35 -3.24
CA GLU B 367 25.57 16.99 -2.86
C GLU B 367 24.49 16.04 -3.33
N ASN B 368 24.86 14.78 -3.52
CA ASN B 368 23.92 13.77 -3.95
C ASN B 368 23.02 13.37 -2.77
N ALA B 369 21.78 13.03 -3.08
CA ALA B 369 20.79 12.63 -2.08
C ALA B 369 20.95 11.18 -1.67
N LEU B 370 21.18 10.31 -2.65
CA LEU B 370 21.33 8.89 -2.37
C LEU B 370 22.65 8.38 -2.92
N SER B 371 23.07 7.22 -2.44
CA SER B 371 24.31 6.59 -2.86
C SER B 371 24.39 6.33 -4.36
N ILE B 372 25.52 6.66 -4.94
CA ILE B 372 25.75 6.49 -6.36
C ILE B 372 26.49 5.18 -6.61
N GLY B 373 25.88 4.32 -7.43
CA GLY B 373 26.47 3.03 -7.76
C GLY B 373 27.04 2.92 -9.16
N ASN B 374 26.62 3.81 -10.06
CA ASN B 374 27.12 3.78 -11.43
C ASN B 374 27.67 5.15 -11.87
N GLU B 375 28.41 5.18 -12.96
CA GLU B 375 29.00 6.42 -13.46
C GLU B 375 28.02 7.39 -14.11
N GLU B 376 26.88 6.89 -14.59
CA GLU B 376 25.88 7.74 -15.24
C GLU B 376 25.36 8.79 -14.28
N GLU B 377 25.23 8.40 -13.01
CA GLU B 377 24.76 9.32 -11.99
C GLU B 377 25.83 10.40 -11.80
N TYR B 378 27.11 10.02 -11.92
CA TYR B 378 28.21 10.97 -11.80
C TYR B 378 28.12 11.97 -12.93
N LYS B 379 27.73 11.49 -14.11
CA LYS B 379 27.60 12.36 -15.28
C LYS B 379 26.49 13.38 -15.08
N ARG B 380 25.43 12.99 -14.37
CA ARG B 380 24.34 13.90 -14.08
C ARG B 380 24.77 14.99 -13.10
N VAL B 381 25.54 14.60 -12.08
CA VAL B 381 26.06 15.56 -11.10
C VAL B 381 27.01 16.53 -11.78
N ALA B 382 27.87 15.98 -12.63
CA ALA B 382 28.84 16.77 -13.41
C ALA B 382 28.16 17.86 -14.23
N GLU B 383 27.05 17.50 -14.88
CA GLU B 383 26.30 18.46 -15.71
C GLU B 383 25.77 19.64 -14.91
N MET B 384 25.16 19.37 -13.77
CA MET B 384 24.62 20.42 -12.92
C MET B 384 25.75 21.23 -12.31
N ALA B 385 26.72 20.53 -11.75
CA ALA B 385 27.84 21.18 -11.09
C ALA B 385 28.62 22.14 -11.99
N PHE B 386 29.05 21.63 -13.15
CA PHE B 386 29.84 22.44 -14.08
C PHE B 386 29.09 23.37 -15.01
N ASN B 387 27.77 23.21 -15.10
CA ASN B 387 26.99 24.09 -15.96
C ASN B 387 26.16 25.10 -15.19
N TYR B 388 26.05 24.93 -13.87
CA TYR B 388 25.27 25.85 -13.04
C TYR B 388 26.05 26.62 -11.98
N ASN B 389 27.36 26.72 -12.18
CA ASN B 389 28.26 27.46 -11.30
C ASN B 389 28.42 26.97 -9.85
N PHE B 390 28.38 25.66 -9.64
CA PHE B 390 28.55 25.11 -8.29
C PHE B 390 30.02 25.25 -7.85
N ALA B 391 30.23 25.84 -6.67
CA ALA B 391 31.57 26.03 -6.14
C ALA B 391 32.09 24.75 -5.47
N GLY B 392 31.21 23.82 -5.18
CA GLY B 392 31.66 22.58 -4.55
C GLY B 392 30.65 21.47 -4.64
N PHE B 393 31.12 20.24 -4.56
CA PHE B 393 30.24 19.09 -4.59
C PHE B 393 30.70 18.11 -3.53
N THR B 394 29.77 17.67 -2.69
CA THR B 394 30.07 16.72 -1.62
C THR B 394 29.49 15.35 -1.95
N LEU B 395 30.35 14.33 -1.94
CA LEU B 395 29.92 12.98 -2.23
C LEU B 395 29.55 12.20 -0.99
N LEU B 396 28.31 11.72 -0.95
CA LEU B 396 27.84 10.90 0.15
C LEU B 396 27.83 9.47 -0.38
N ARG B 397 28.68 8.60 0.14
CA ARG B 397 29.63 8.96 1.20
C ARG B 397 30.81 7.99 1.25
N TYR B 398 31.78 8.33 2.08
CA TYR B 398 33.01 7.58 2.32
C TYR B 398 33.15 6.17 1.76
N GLN B 399 32.48 5.21 2.39
CA GLN B 399 32.52 3.81 2.02
C GLN B 399 32.20 3.44 0.57
N ASP B 400 31.31 4.19 -0.06
CA ASP B 400 30.90 3.92 -1.43
C ASP B 400 32.06 3.89 -2.43
N VAL B 401 32.92 4.90 -2.37
CA VAL B 401 34.08 4.95 -3.26
C VAL B 401 35.34 4.39 -2.62
N MET B 402 35.40 4.45 -1.30
CA MET B 402 36.56 3.95 -0.56
C MET B 402 36.78 2.47 -0.82
N TYR B 403 35.67 1.74 -0.87
CA TYR B 403 35.73 0.31 -1.10
C TYR B 403 35.31 -0.12 -2.50
N ASN B 404 35.54 0.75 -3.49
CA ASN B 404 35.19 0.46 -4.88
C ASN B 404 36.08 1.26 -5.84
N ASN B 405 37.24 0.72 -6.16
CA ASN B 405 38.19 1.38 -7.06
C ASN B 405 37.60 1.82 -8.39
N SER B 406 36.67 1.03 -8.93
CA SER B 406 36.04 1.37 -10.20
C SER B 406 35.31 2.71 -10.07
N LEU B 407 34.49 2.82 -9.04
CA LEU B 407 33.74 4.06 -8.78
C LEU B 407 34.67 5.21 -8.44
N MET B 408 35.67 4.94 -7.61
CA MET B 408 36.65 5.95 -7.21
C MET B 408 37.34 6.50 -8.46
N GLY B 409 37.69 5.59 -9.37
CA GLY B 409 38.35 5.98 -10.61
C GLY B 409 37.48 6.86 -11.49
N LYS B 410 36.20 6.51 -11.58
CA LYS B 410 35.27 7.29 -12.37
C LYS B 410 35.08 8.65 -11.72
N PHE B 411 35.01 8.69 -10.38
CA PHE B 411 34.85 9.95 -9.70
C PHE B 411 36.03 10.87 -9.98
N LYS B 412 37.24 10.34 -9.85
CA LYS B 412 38.44 11.13 -10.11
C LYS B 412 38.36 11.76 -11.49
N ASP B 413 38.06 10.92 -12.47
CA ASP B 413 37.95 11.36 -13.85
C ASP B 413 36.85 12.39 -14.09
N LEU B 414 35.63 12.08 -13.66
CA LEU B 414 34.49 12.96 -13.86
C LEU B 414 34.37 14.19 -12.95
N LEU B 415 34.51 14.00 -11.63
CA LEU B 415 34.33 15.08 -10.67
C LEU B 415 35.49 15.56 -9.79
N GLY B 416 36.46 14.69 -9.52
CA GLY B 416 37.59 15.10 -8.69
C GLY B 416 38.60 15.84 -9.54
N VAL B 417 38.12 16.88 -10.21
CA VAL B 417 38.95 17.68 -11.10
C VAL B 417 39.39 19.04 -10.54
N THR B 418 40.54 19.51 -11.00
CA THR B 418 41.08 20.81 -10.58
C THR B 418 40.88 21.82 -11.70
N PRO B 419 40.03 22.83 -11.49
CA PRO B 419 39.82 23.80 -12.56
C PRO B 419 41.06 24.66 -12.81
N VAL B 420 41.33 24.92 -14.09
CA VAL B 420 42.46 25.74 -14.51
C VAL B 420 42.01 26.69 -15.62
N MET B 421 42.59 27.89 -15.67
CA MET B 421 42.24 28.86 -16.70
C MET B 421 43.12 28.70 -17.94
N GLN B 422 42.49 28.65 -19.11
CA GLN B 422 43.18 28.49 -20.37
C GLN B 422 42.58 29.49 -21.37
N THR B 423 43.31 29.76 -22.46
CA THR B 423 42.81 30.66 -23.48
C THR B 423 42.70 29.90 -24.79
N ILE B 424 41.48 29.88 -25.33
CA ILE B 424 41.19 29.19 -26.58
C ILE B 424 41.20 30.23 -27.69
N VAL B 425 42.01 29.99 -28.72
CA VAL B 425 42.12 30.90 -29.86
C VAL B 425 41.74 30.23 -31.17
N VAL B 426 40.64 30.68 -31.76
CA VAL B 426 40.18 30.14 -33.04
C VAL B 426 40.29 31.24 -34.08
N LYS B 427 41.03 30.96 -35.15
CA LYS B 427 41.21 31.93 -36.21
C LYS B 427 40.62 31.47 -37.54
N ASN B 428 40.51 32.40 -38.48
CA ASN B 428 39.95 32.16 -39.82
C ASN B 428 38.46 31.86 -39.76
N VAL B 429 37.77 32.48 -38.79
CA VAL B 429 36.34 32.27 -38.62
C VAL B 429 35.51 33.15 -39.55
N PRO B 430 34.74 32.53 -40.47
CA PRO B 430 33.88 33.18 -41.45
C PRO B 430 32.57 33.69 -40.83
N THR B 431 32.69 34.60 -39.88
CA THR B 431 31.52 35.16 -39.21
C THR B 431 31.03 36.37 -39.99
N THR B 432 29.74 36.66 -39.89
CA THR B 432 29.18 37.81 -40.58
C THR B 432 28.77 38.82 -39.53
N ILE B 433 28.13 39.89 -39.95
CA ILE B 433 27.69 40.90 -39.02
C ILE B 433 26.49 40.33 -38.24
N GLY B 434 26.63 40.28 -36.92
CA GLY B 434 25.54 39.76 -36.10
C GLY B 434 25.74 38.36 -35.59
N ASP B 435 26.76 37.66 -36.09
CA ASP B 435 27.05 36.29 -35.66
C ASP B 435 27.75 36.26 -34.29
N THR B 436 27.86 35.06 -33.73
CA THR B 436 28.51 34.84 -32.44
C THR B 436 29.32 33.54 -32.48
N VAL B 437 30.46 33.53 -31.82
CA VAL B 437 31.29 32.32 -31.81
C VAL B 437 31.25 31.65 -30.44
N TYR B 438 31.15 30.32 -30.46
CA TYR B 438 31.09 29.50 -29.25
C TYR B 438 31.89 28.24 -29.42
N ILE B 439 32.09 27.52 -28.32
CA ILE B 439 32.77 26.24 -28.33
C ILE B 439 31.95 25.31 -27.44
N THR B 440 31.96 24.03 -27.79
CA THR B 440 31.25 23.04 -27.00
C THR B 440 32.10 21.79 -27.14
N GLY B 441 32.04 20.91 -26.16
CA GLY B 441 32.85 19.71 -26.23
C GLY B 441 32.24 18.52 -25.54
N ASN B 442 33.02 17.45 -25.46
CA ASN B 442 32.55 16.21 -24.87
C ASN B 442 32.28 16.22 -23.36
N ARG B 443 33.12 16.91 -22.60
CA ARG B 443 32.96 16.96 -21.15
C ARG B 443 31.87 17.90 -20.67
N ALA B 444 31.36 17.61 -19.47
CA ALA B 444 30.31 18.42 -18.84
C ALA B 444 30.80 19.85 -18.66
N GLU B 445 32.10 20.01 -18.46
CA GLU B 445 32.74 21.32 -18.29
C GLU B 445 32.62 22.16 -19.57
N LEU B 446 32.51 21.47 -20.71
CA LEU B 446 32.40 22.10 -22.02
C LEU B 446 30.96 22.15 -22.53
N GLY B 447 30.02 21.57 -21.77
CA GLY B 447 28.63 21.60 -22.18
C GLY B 447 28.10 20.31 -22.78
N SER B 448 28.95 19.30 -22.90
CA SER B 448 28.57 18.00 -23.46
C SER B 448 27.94 18.08 -24.85
N TRP B 449 28.54 18.89 -25.73
CA TRP B 449 28.08 19.10 -27.10
C TRP B 449 26.77 19.86 -27.26
N ASP B 450 26.29 20.49 -26.20
CA ASP B 450 25.05 21.26 -26.27
C ASP B 450 25.36 22.63 -26.84
N THR B 451 24.56 23.08 -27.79
CA THR B 451 24.74 24.37 -28.43
C THR B 451 23.60 25.30 -28.05
N LYS B 452 22.62 24.77 -27.34
CA LYS B 452 21.46 25.55 -26.94
C LYS B 452 21.71 26.47 -25.75
N GLN B 453 21.96 25.90 -24.57
CA GLN B 453 22.20 26.73 -23.39
C GLN B 453 23.48 26.49 -22.55
N TYR B 454 24.36 25.60 -23.02
CA TYR B 454 25.62 25.29 -22.33
C TYR B 454 26.96 25.64 -23.03
N PRO B 455 26.94 26.04 -24.33
CA PRO B 455 28.23 26.36 -24.97
C PRO B 455 28.93 27.59 -24.37
N ILE B 456 30.25 27.57 -24.41
CA ILE B 456 31.06 28.67 -23.88
C ILE B 456 31.21 29.71 -25.00
N GLN B 457 30.89 30.96 -24.71
CA GLN B 457 30.97 32.03 -25.70
C GLN B 457 32.36 32.63 -25.88
N LEU B 458 32.86 32.62 -27.11
CA LEU B 458 34.17 33.19 -27.42
C LEU B 458 33.96 34.65 -27.83
N TYR B 459 35.05 35.42 -27.84
CA TYR B 459 34.99 36.84 -28.19
C TYR B 459 36.00 37.23 -29.27
N TYR B 460 35.62 38.21 -30.07
CA TYR B 460 36.46 38.69 -31.16
C TYR B 460 37.54 39.69 -30.73
N ASP B 461 38.80 39.28 -30.84
CA ASP B 461 39.93 40.15 -30.48
C ASP B 461 40.16 41.11 -31.64
N SER B 462 39.47 42.25 -31.64
CA SER B 462 39.63 43.25 -32.70
C SER B 462 40.97 43.97 -32.48
N HIS B 463 42.04 43.26 -32.82
CA HIS B 463 43.41 43.73 -32.71
C HIS B 463 44.25 42.57 -33.21
N SER B 464 43.92 41.39 -32.70
CA SER B 464 44.59 40.15 -33.10
C SER B 464 43.68 39.60 -34.20
N ASN B 465 42.51 40.24 -34.31
CA ASN B 465 41.47 39.93 -35.28
C ASN B 465 41.19 38.45 -35.40
N ASP B 466 40.77 37.89 -34.28
CA ASP B 466 40.42 36.47 -34.18
C ASP B 466 39.40 36.29 -33.07
N TRP B 467 39.08 35.03 -32.77
CA TRP B 467 38.13 34.71 -31.71
C TRP B 467 38.90 33.96 -30.63
N ARG B 468 38.75 34.43 -29.40
CA ARG B 468 39.44 33.82 -28.29
C ARG B 468 38.61 33.88 -27.02
N GLY B 469 39.08 33.20 -25.98
CA GLY B 469 38.37 33.21 -24.72
C GLY B 469 39.17 32.57 -23.61
N ASN B 470 39.03 33.09 -22.39
CA ASN B 470 39.72 32.50 -21.24
C ASN B 470 38.70 31.54 -20.64
N VAL B 471 38.90 30.27 -20.91
CA VAL B 471 38.00 29.21 -20.47
C VAL B 471 38.55 28.39 -19.31
N VAL B 472 37.72 28.15 -18.30
CA VAL B 472 38.13 27.34 -17.15
C VAL B 472 37.86 25.88 -17.53
N LEU B 473 38.92 25.09 -17.54
CA LEU B 473 38.82 23.68 -17.91
C LEU B 473 39.38 22.75 -16.83
N PRO B 474 39.01 21.46 -16.88
CA PRO B 474 39.51 20.50 -15.88
C PRO B 474 40.97 20.19 -16.20
N ALA B 475 41.84 20.26 -15.19
CA ALA B 475 43.26 19.98 -15.39
C ALA B 475 43.60 18.52 -15.61
N GLU B 476 44.50 18.28 -16.55
CA GLU B 476 44.97 16.94 -16.87
C GLU B 476 43.92 15.93 -17.32
N ARG B 477 42.89 16.43 -17.99
CA ARG B 477 41.85 15.57 -18.52
C ARG B 477 41.87 15.78 -20.04
N ASN B 478 41.62 14.72 -20.80
CA ASN B 478 41.61 14.81 -22.25
C ASN B 478 40.26 15.38 -22.69
N ILE B 479 40.29 16.39 -23.54
CA ILE B 479 39.07 17.01 -24.03
C ILE B 479 39.01 17.10 -25.54
N GLU B 480 37.78 17.09 -26.07
CA GLU B 480 37.52 17.22 -27.50
C GLU B 480 36.53 18.35 -27.62
N PHE B 481 36.76 19.25 -28.56
CA PHE B 481 35.86 20.37 -28.72
C PHE B 481 35.84 20.87 -30.15
N LYS B 482 34.88 21.75 -30.44
CA LYS B 482 34.72 22.34 -31.75
C LYS B 482 34.11 23.71 -31.56
N ALA B 483 34.39 24.61 -32.50
CA ALA B 483 33.83 25.95 -32.48
C ALA B 483 32.69 25.94 -33.50
N PHE B 484 31.71 26.80 -33.30
CA PHE B 484 30.58 26.90 -34.21
C PHE B 484 30.04 28.32 -34.13
N ILE B 485 29.35 28.75 -35.17
CA ILE B 485 28.80 30.10 -35.24
C ILE B 485 27.28 30.08 -35.01
N LYS B 486 26.78 31.15 -34.41
CA LYS B 486 25.36 31.32 -34.16
C LYS B 486 24.94 32.62 -34.84
N SER B 487 23.76 32.61 -35.47
CA SER B 487 23.25 33.81 -36.14
C SER B 487 22.55 34.67 -35.09
N LYS B 488 21.99 35.80 -35.51
CA LYS B 488 21.28 36.69 -34.59
C LYS B 488 19.89 36.15 -34.24
N ASP B 489 19.61 34.93 -34.67
CA ASP B 489 18.32 34.30 -34.40
C ASP B 489 18.51 33.04 -33.56
N GLY B 490 19.69 32.92 -32.96
CA GLY B 490 20.01 31.76 -32.14
C GLY B 490 20.16 30.51 -32.99
N THR B 491 20.35 30.72 -34.29
CA THR B 491 20.49 29.61 -35.23
C THR B 491 21.94 29.19 -35.40
N VAL B 492 22.22 27.90 -35.21
CA VAL B 492 23.58 27.40 -35.40
C VAL B 492 23.91 27.44 -36.89
N LYS B 493 24.71 28.43 -37.28
CA LYS B 493 25.10 28.60 -38.68
C LYS B 493 25.99 27.49 -39.20
N SER B 494 27.13 27.30 -38.57
CA SER B 494 28.09 26.28 -39.01
C SER B 494 29.10 25.91 -37.96
N TRP B 495 29.77 24.76 -38.16
CA TRP B 495 30.77 24.25 -37.24
C TRP B 495 32.17 24.39 -37.83
N GLN B 496 33.17 24.28 -36.96
CA GLN B 496 34.57 24.33 -37.35
C GLN B 496 34.77 23.06 -38.17
N THR B 497 35.58 23.11 -39.21
CA THR B 497 35.80 21.96 -40.09
C THR B 497 36.41 20.72 -39.43
N ILE B 498 37.45 20.93 -38.63
CA ILE B 498 38.13 19.85 -37.93
C ILE B 498 37.89 19.95 -36.42
N GLN B 499 37.65 18.80 -35.80
CA GLN B 499 37.42 18.76 -34.37
C GLN B 499 38.72 18.90 -33.60
N GLN B 500 38.73 19.82 -32.64
CA GLN B 500 39.90 20.07 -31.82
C GLN B 500 39.95 19.17 -30.59
N SER B 501 41.09 19.18 -29.92
CA SER B 501 41.28 18.38 -28.71
C SER B 501 42.49 18.88 -27.92
N TRP B 502 42.57 18.46 -26.66
CA TRP B 502 43.66 18.83 -25.77
C TRP B 502 43.86 17.60 -24.91
N ASN B 503 44.90 16.84 -25.24
CA ASN B 503 45.19 15.61 -24.52
C ASN B 503 46.51 15.66 -23.73
N PRO B 504 46.45 16.05 -22.45
CA PRO B 504 45.26 16.50 -21.73
C PRO B 504 45.32 18.02 -21.68
N VAL B 505 44.36 18.66 -21.02
CA VAL B 505 44.44 20.10 -20.90
C VAL B 505 45.58 20.30 -19.90
N PRO B 506 46.52 21.21 -20.20
CA PRO B 506 47.67 21.52 -19.36
C PRO B 506 47.33 21.96 -17.95
N LEU B 507 48.21 21.58 -17.02
CA LEU B 507 48.05 21.95 -15.63
C LEU B 507 48.41 23.43 -15.48
N LYS B 508 49.25 23.91 -16.40
CA LYS B 508 49.68 25.31 -16.40
C LYS B 508 48.96 26.11 -17.49
N THR B 509 48.61 27.35 -17.19
CA THR B 509 47.92 28.21 -18.14
C THR B 509 48.72 28.44 -19.43
N THR B 510 48.15 27.96 -20.53
CA THR B 510 48.73 28.08 -21.86
C THR B 510 47.67 28.63 -22.81
N SER B 511 47.62 28.09 -24.03
CA SER B 511 46.65 28.51 -25.03
C SER B 511 46.50 27.43 -26.08
N HIS B 512 45.28 27.31 -26.61
CA HIS B 512 45.00 26.33 -27.65
C HIS B 512 44.54 27.11 -28.86
N THR B 513 45.46 27.31 -29.80
CA THR B 513 45.17 28.04 -31.03
C THR B 513 44.88 27.07 -32.18
N SER B 514 43.78 27.31 -32.88
CA SER B 514 43.37 26.47 -34.00
C SER B 514 42.68 27.31 -35.05
N SER B 515 42.69 26.81 -36.28
CA SER B 515 42.08 27.49 -37.41
C SER B 515 40.71 26.87 -37.71
N TRP B 516 39.77 27.70 -38.12
CA TRP B 516 38.41 27.30 -38.45
C TRP B 516 38.38 26.29 -39.61
N ALA C 1 -20.48 -34.05 18.15
CA ALA C 1 -20.95 -32.88 17.37
C ALA C 1 -21.93 -32.05 18.19
N VAL C 2 -22.19 -30.83 17.73
CA VAL C 2 -23.08 -29.89 18.41
C VAL C 2 -24.44 -30.50 18.74
N ASN C 3 -24.86 -30.30 19.99
CA ASN C 3 -26.13 -30.81 20.51
C ASN C 3 -26.14 -32.31 20.84
N GLY C 4 -24.95 -32.84 21.13
CA GLY C 4 -24.83 -34.24 21.47
C GLY C 4 -24.91 -35.22 20.31
N LYS C 5 -24.98 -34.70 19.09
CA LYS C 5 -25.06 -35.54 17.90
C LYS C 5 -23.66 -35.93 17.43
N GLY C 6 -23.60 -36.76 16.39
CA GLY C 6 -22.32 -37.18 15.85
C GLY C 6 -22.14 -36.64 14.44
N MET C 7 -21.22 -37.24 13.69
CA MET C 7 -20.96 -36.80 12.31
C MET C 7 -22.15 -37.21 11.43
N ASN C 8 -22.27 -36.58 10.27
CA ASN C 8 -23.36 -36.89 9.36
C ASN C 8 -23.14 -38.26 8.74
N PRO C 9 -24.13 -39.16 8.89
CA PRO C 9 -24.04 -40.52 8.34
C PRO C 9 -23.94 -40.57 6.82
N ASP C 10 -24.37 -39.49 6.17
CA ASP C 10 -24.33 -39.39 4.71
C ASP C 10 -23.10 -38.67 4.21
N TYR C 11 -22.18 -38.35 5.12
CA TYR C 11 -20.97 -37.64 4.74
C TYR C 11 -20.18 -38.34 3.63
N LYS C 12 -19.68 -37.54 2.69
CA LYS C 12 -18.88 -38.01 1.56
C LYS C 12 -17.88 -36.93 1.20
N ALA C 13 -16.72 -37.34 0.67
CA ALA C 13 -15.69 -36.39 0.31
C ALA C 13 -15.62 -36.28 -1.20
N TYR C 14 -15.39 -35.08 -1.69
CA TYR C 14 -15.32 -34.88 -3.14
C TYR C 14 -14.01 -34.22 -3.52
N LEU C 15 -13.60 -34.40 -4.76
CA LEU C 15 -12.36 -33.80 -5.23
C LEU C 15 -12.69 -32.86 -6.38
N MET C 16 -12.15 -31.64 -6.35
CA MET C 16 -12.37 -30.64 -7.40
C MET C 16 -11.37 -30.84 -8.53
N ALA C 17 -11.88 -31.02 -9.74
CA ALA C 17 -11.05 -31.22 -10.93
C ALA C 17 -10.23 -29.97 -11.28
N PRO C 18 -9.21 -30.14 -12.13
CA PRO C 18 -8.38 -29.00 -12.53
C PRO C 18 -9.22 -27.91 -13.18
N LEU C 19 -8.66 -26.72 -13.32
CA LEU C 19 -9.38 -25.59 -13.93
C LEU C 19 -9.33 -25.71 -15.46
N LYS C 20 -8.23 -26.28 -15.98
CA LYS C 20 -8.07 -26.50 -17.41
C LYS C 20 -8.52 -27.90 -17.78
N LYS C 21 -8.98 -28.07 -19.01
CA LYS C 21 -9.45 -29.36 -19.50
C LYS C 21 -8.40 -30.44 -19.24
N ILE C 22 -8.86 -31.62 -18.88
CA ILE C 22 -7.96 -32.74 -18.58
C ILE C 22 -6.87 -32.96 -19.63
N PRO C 23 -7.22 -32.99 -20.94
CA PRO C 23 -6.20 -33.21 -21.97
C PRO C 23 -5.12 -32.13 -22.07
N GLU C 24 -5.29 -31.02 -21.36
CA GLU C 24 -4.29 -29.94 -21.38
C GLU C 24 -3.39 -30.07 -20.15
N VAL C 25 -3.80 -30.92 -19.21
CA VAL C 25 -3.08 -31.15 -17.96
C VAL C 25 -2.42 -32.53 -17.89
N THR C 26 -3.11 -33.54 -18.41
CA THR C 26 -2.64 -34.92 -18.41
C THR C 26 -3.29 -35.60 -19.60
N ASN C 27 -3.61 -36.89 -19.50
CA ASN C 27 -4.27 -37.61 -20.59
C ASN C 27 -5.36 -38.45 -19.96
N TRP C 28 -6.39 -38.78 -20.73
CA TRP C 28 -7.52 -39.55 -20.23
C TRP C 28 -7.15 -40.85 -19.53
N GLU C 29 -6.12 -41.53 -20.04
CA GLU C 29 -5.65 -42.79 -19.49
C GLU C 29 -5.15 -42.59 -18.05
N THR C 30 -4.19 -41.67 -17.90
CA THR C 30 -3.61 -41.33 -16.62
C THR C 30 -4.70 -40.84 -15.67
N PHE C 31 -5.52 -39.91 -16.17
CA PHE C 31 -6.64 -39.33 -15.42
C PHE C 31 -7.49 -40.45 -14.79
N GLU C 32 -7.80 -41.48 -15.57
CA GLU C 32 -8.60 -42.60 -15.08
C GLU C 32 -7.92 -43.28 -13.90
N ASN C 33 -6.59 -43.43 -14.00
CA ASN C 33 -5.80 -44.03 -12.93
C ASN C 33 -5.85 -43.17 -11.67
N ASP C 34 -5.69 -41.86 -11.86
CA ASP C 34 -5.75 -40.91 -10.76
C ASP C 34 -7.08 -41.00 -10.05
N LEU C 35 -8.14 -41.22 -10.80
CA LEU C 35 -9.46 -41.31 -10.20
C LEU C 35 -9.61 -42.57 -9.35
N ARG C 36 -8.99 -43.67 -9.77
CA ARG C 36 -9.04 -44.90 -9.00
C ARG C 36 -8.23 -44.71 -7.72
N TRP C 37 -7.13 -43.96 -7.85
CA TRP C 37 -6.25 -43.64 -6.74
C TRP C 37 -6.99 -42.78 -5.73
N ALA C 38 -7.77 -41.83 -6.23
CA ALA C 38 -8.55 -40.94 -5.37
C ALA C 38 -9.62 -41.74 -4.63
N LYS C 39 -10.20 -42.70 -5.34
CA LYS C 39 -11.25 -43.57 -4.78
C LYS C 39 -10.72 -44.36 -3.59
N GLN C 40 -9.46 -44.77 -3.67
CA GLN C 40 -8.83 -45.50 -2.59
C GLN C 40 -8.70 -44.63 -1.34
N ASN C 41 -8.42 -43.35 -1.56
CA ASN C 41 -8.23 -42.42 -0.47
C ASN C 41 -9.47 -41.75 0.11
N GLY C 42 -10.62 -42.38 -0.09
CA GLY C 42 -11.85 -41.85 0.45
C GLY C 42 -12.72 -40.91 -0.37
N PHE C 43 -12.28 -40.58 -1.59
CA PHE C 43 -13.07 -39.68 -2.44
C PHE C 43 -14.22 -40.42 -3.11
N TYR C 44 -15.41 -39.84 -3.02
CA TYR C 44 -16.60 -40.44 -3.60
C TYR C 44 -16.83 -40.00 -5.04
N ALA C 45 -16.65 -38.72 -5.30
CA ALA C 45 -16.88 -38.16 -6.62
C ALA C 45 -15.95 -37.00 -6.95
N ILE C 46 -15.88 -36.66 -8.24
CA ILE C 46 -15.08 -35.53 -8.69
C ILE C 46 -16.01 -34.42 -9.23
N THR C 47 -15.88 -33.21 -8.70
CA THR C 47 -16.71 -32.10 -9.16
C THR C 47 -15.94 -31.45 -10.30
N VAL C 48 -16.65 -30.95 -11.29
CA VAL C 48 -16.00 -30.35 -12.44
C VAL C 48 -16.83 -29.25 -13.08
N ASP C 49 -16.15 -28.17 -13.43
CA ASP C 49 -16.76 -27.03 -14.08
C ASP C 49 -16.91 -27.29 -15.58
N PHE C 50 -18.13 -27.15 -16.09
CA PHE C 50 -18.38 -27.29 -17.52
C PHE C 50 -18.82 -25.87 -17.87
N TRP C 51 -17.91 -25.14 -18.49
CA TRP C 51 -18.08 -23.74 -18.88
C TRP C 51 -19.05 -23.44 -20.01
N TRP C 52 -19.95 -22.50 -19.76
CA TRP C 52 -20.93 -22.04 -20.74
C TRP C 52 -20.16 -21.56 -21.98
N GLY C 53 -19.01 -20.91 -21.72
CA GLY C 53 -18.16 -20.41 -22.78
C GLY C 53 -17.68 -21.46 -23.77
N ASP C 54 -17.63 -22.73 -23.33
CA ASP C 54 -17.22 -23.83 -24.20
C ASP C 54 -18.44 -24.50 -24.84
N MET C 55 -19.47 -24.70 -24.05
CA MET C 55 -20.68 -25.39 -24.50
C MET C 55 -21.60 -24.71 -25.51
N GLU C 56 -21.65 -23.39 -25.55
CA GLU C 56 -22.52 -22.68 -26.48
C GLU C 56 -21.74 -21.47 -26.99
N LYS C 57 -20.52 -21.74 -27.44
CA LYS C 57 -19.61 -20.70 -27.90
C LYS C 57 -20.01 -19.92 -29.13
N ASN C 58 -20.22 -20.62 -30.23
CA ASN C 58 -20.51 -20.01 -31.52
C ASN C 58 -21.81 -19.25 -31.74
N GLY C 59 -22.86 -19.59 -31.02
CA GLY C 59 -24.11 -18.88 -31.20
C GLY C 59 -25.22 -19.54 -30.42
N ASP C 60 -26.37 -18.88 -30.41
CA ASP C 60 -27.54 -19.38 -29.71
C ASP C 60 -27.89 -20.78 -30.23
N GLN C 61 -28.03 -21.71 -29.31
CA GLN C 61 -28.40 -23.11 -29.59
C GLN C 61 -27.38 -23.92 -30.39
N GLN C 62 -26.15 -23.42 -30.47
CA GLN C 62 -25.07 -24.11 -31.14
C GLN C 62 -24.20 -24.71 -30.03
N PHE C 63 -24.67 -25.84 -29.50
CA PHE C 63 -24.04 -26.55 -28.39
C PHE C 63 -22.87 -27.48 -28.71
N ASP C 64 -22.03 -27.69 -27.70
CA ASP C 64 -20.90 -28.58 -27.83
C ASP C 64 -20.70 -29.24 -26.46
N PHE C 65 -21.25 -30.44 -26.29
CA PHE C 65 -21.15 -31.17 -25.05
C PHE C 65 -20.18 -32.33 -25.13
N SER C 66 -19.42 -32.40 -26.23
CA SER C 66 -18.46 -33.47 -26.46
C SER C 66 -17.37 -33.65 -25.40
N TYR C 67 -16.98 -32.56 -24.74
CA TYR C 67 -15.98 -32.65 -23.68
C TYR C 67 -16.63 -33.26 -22.45
N ALA C 68 -17.83 -32.76 -22.12
CA ALA C 68 -18.57 -33.24 -20.96
C ALA C 68 -18.84 -34.74 -21.06
N GLN C 69 -19.15 -35.20 -22.27
CA GLN C 69 -19.42 -36.62 -22.50
C GLN C 69 -18.14 -37.47 -22.47
N ARG C 70 -17.03 -36.93 -22.96
CA ARG C 70 -15.77 -37.67 -22.92
C ARG C 70 -15.29 -37.76 -21.48
N PHE C 71 -15.47 -36.68 -20.73
CA PHE C 71 -15.08 -36.63 -19.33
C PHE C 71 -15.92 -37.66 -18.57
N ALA C 72 -17.24 -37.65 -18.79
CA ALA C 72 -18.13 -38.59 -18.12
C ALA C 72 -17.75 -40.03 -18.43
N GLN C 73 -17.28 -40.27 -19.65
CA GLN C 73 -16.88 -41.61 -20.07
C GLN C 73 -15.74 -42.14 -19.19
N SER C 74 -14.68 -41.35 -19.04
CA SER C 74 -13.55 -41.76 -18.21
C SER C 74 -13.94 -41.98 -16.76
N VAL C 75 -14.87 -41.18 -16.27
CA VAL C 75 -15.34 -41.33 -14.88
C VAL C 75 -15.99 -42.70 -14.70
N LYS C 76 -16.76 -43.14 -15.70
CA LYS C 76 -17.40 -44.46 -15.66
C LYS C 76 -16.32 -45.54 -15.76
N ASN C 77 -15.33 -45.34 -16.62
CA ASN C 77 -14.25 -46.31 -16.81
C ASN C 77 -13.43 -46.52 -15.54
N ALA C 78 -13.28 -45.48 -14.73
CA ALA C 78 -12.53 -45.55 -13.47
C ALA C 78 -13.39 -45.98 -12.28
N GLY C 79 -14.66 -46.27 -12.55
CA GLY C 79 -15.57 -46.69 -11.50
C GLY C 79 -15.97 -45.63 -10.49
N MET C 80 -15.81 -44.37 -10.87
CA MET C 80 -16.12 -43.23 -10.00
C MET C 80 -17.43 -42.52 -10.35
N LYS C 81 -17.80 -41.55 -9.52
CA LYS C 81 -18.99 -40.74 -9.72
C LYS C 81 -18.50 -39.33 -10.02
N MET C 82 -19.39 -38.47 -10.52
CA MET C 82 -19.04 -37.09 -10.84
C MET C 82 -20.17 -36.14 -10.49
N ILE C 83 -19.80 -34.89 -10.26
CA ILE C 83 -20.75 -33.84 -9.93
C ILE C 83 -20.45 -32.66 -10.85
N PRO C 84 -21.22 -32.53 -11.93
CA PRO C 84 -20.98 -31.41 -12.85
C PRO C 84 -21.49 -30.08 -12.30
N ILE C 85 -20.76 -29.02 -12.61
CA ILE C 85 -21.17 -27.68 -12.23
C ILE C 85 -21.45 -26.99 -13.55
N ILE C 86 -22.69 -26.59 -13.77
CA ILE C 86 -23.04 -25.90 -15.01
C ILE C 86 -22.60 -24.44 -14.84
N SER C 87 -21.34 -24.21 -15.19
CA SER C 87 -20.71 -22.90 -15.02
C SER C 87 -21.03 -21.79 -16.02
N THR C 88 -22.07 -21.05 -15.71
CA THR C 88 -22.53 -19.93 -16.53
C THR C 88 -21.81 -18.61 -16.21
N HIS C 89 -20.65 -18.72 -15.59
CA HIS C 89 -19.83 -17.57 -15.24
C HIS C 89 -18.47 -17.71 -15.94
N GLN C 90 -17.72 -16.61 -15.97
CA GLN C 90 -16.40 -16.58 -16.60
C GLN C 90 -15.31 -17.28 -15.78
N CYS C 91 -14.41 -17.99 -16.46
CA CYS C 91 -13.29 -18.67 -15.79
C CYS C 91 -12.09 -17.76 -15.91
N GLY C 92 -11.49 -17.44 -14.78
CA GLY C 92 -10.30 -16.59 -14.76
C GLY C 92 -10.40 -15.34 -15.62
N GLY C 93 -9.53 -15.27 -16.63
CA GLY C 93 -9.50 -14.13 -17.53
C GLY C 93 -8.69 -12.94 -17.05
N ASN C 94 -8.17 -13.01 -15.82
CA ASN C 94 -7.39 -11.92 -15.23
C ASN C 94 -5.91 -12.23 -14.94
N VAL C 95 -5.37 -11.57 -13.91
CA VAL C 95 -3.98 -11.67 -13.47
C VAL C 95 -3.30 -13.06 -13.49
N GLY C 96 -2.99 -13.53 -14.69
CA GLY C 96 -2.35 -14.84 -14.83
C GLY C 96 -3.17 -15.96 -14.21
N ASP C 97 -4.49 -15.86 -14.33
CA ASP C 97 -5.39 -16.88 -13.78
C ASP C 97 -5.16 -18.18 -14.55
N ASP C 98 -5.61 -19.30 -13.98
CA ASP C 98 -5.39 -20.59 -14.63
C ASP C 98 -6.34 -20.96 -15.77
N CYS C 99 -7.04 -19.97 -16.32
CA CYS C 99 -7.97 -20.22 -17.41
C CYS C 99 -8.46 -18.89 -17.94
N ASN C 100 -9.18 -18.94 -19.05
CA ASN C 100 -9.75 -17.74 -19.66
C ASN C 100 -10.95 -18.19 -20.49
N VAL C 101 -12.11 -18.32 -19.84
CA VAL C 101 -13.32 -18.74 -20.54
C VAL C 101 -14.48 -17.83 -20.21
N PRO C 102 -14.61 -16.71 -20.94
CA PRO C 102 -15.73 -15.81 -20.66
C PRO C 102 -17.04 -16.42 -21.19
N ILE C 103 -18.18 -15.88 -20.76
CA ILE C 103 -19.45 -16.40 -21.26
C ILE C 103 -19.54 -16.05 -22.77
N PRO C 104 -20.36 -16.77 -23.53
CA PRO C 104 -20.48 -16.50 -24.98
C PRO C 104 -20.74 -15.03 -25.27
N SER C 105 -19.87 -14.45 -26.10
CA SER C 105 -19.98 -13.03 -26.45
C SER C 105 -21.27 -12.62 -27.19
N TRP C 106 -21.88 -13.56 -27.90
CA TRP C 106 -23.13 -13.26 -28.61
C TRP C 106 -24.25 -12.94 -27.64
N VAL C 107 -24.11 -13.40 -26.40
CA VAL C 107 -25.12 -13.19 -25.36
C VAL C 107 -25.36 -11.70 -25.11
N TRP C 108 -24.30 -10.91 -25.19
CA TRP C 108 -24.38 -9.48 -24.95
C TRP C 108 -25.22 -8.72 -25.98
N ASN C 109 -25.37 -9.31 -27.16
CA ASN C 109 -26.14 -8.69 -28.24
C ASN C 109 -27.65 -8.87 -28.10
N GLN C 110 -28.07 -9.60 -27.05
CA GLN C 110 -29.49 -9.85 -26.81
C GLN C 110 -30.23 -8.60 -26.32
N LYS C 111 -29.49 -7.67 -25.70
CA LYS C 111 -30.08 -6.44 -25.19
C LYS C 111 -29.36 -5.22 -25.71
N SER C 112 -30.12 -4.14 -25.92
CA SER C 112 -29.54 -2.90 -26.40
C SER C 112 -29.26 -1.96 -25.22
N ASP C 113 -29.88 -2.25 -24.07
CA ASP C 113 -29.69 -1.46 -22.86
C ASP C 113 -28.52 -2.02 -22.01
N ASP C 114 -28.49 -1.69 -20.73
CA ASP C 114 -27.44 -2.20 -19.86
C ASP C 114 -27.99 -3.16 -18.79
N SER C 115 -29.05 -3.87 -19.14
CA SER C 115 -29.68 -4.81 -18.21
C SER C 115 -28.88 -6.07 -17.93
N LEU C 116 -28.01 -6.46 -18.86
CA LEU C 116 -27.24 -7.68 -18.74
C LEU C 116 -26.01 -7.69 -17.85
N TYR C 117 -25.42 -6.52 -17.60
CA TYR C 117 -24.21 -6.47 -16.77
C TYR C 117 -24.31 -5.62 -15.50
N PHE C 118 -23.18 -5.50 -14.81
CA PHE C 118 -23.08 -4.75 -13.55
C PHE C 118 -22.25 -3.49 -13.70
N LYS C 119 -22.49 -2.52 -12.82
CA LYS C 119 -21.78 -1.26 -12.79
C LYS C 119 -21.68 -0.89 -11.30
N SER C 120 -20.45 -0.68 -10.84
CA SER C 120 -20.20 -0.36 -9.44
C SER C 120 -20.47 1.10 -9.11
N GLU C 121 -20.28 1.45 -7.84
CA GLU C 121 -20.47 2.80 -7.33
C GLU C 121 -19.63 3.81 -8.12
N THR C 122 -18.46 3.38 -8.56
CA THR C 122 -17.56 4.26 -9.30
C THR C 122 -17.57 4.05 -10.81
N GLY C 123 -18.57 3.32 -11.30
CA GLY C 123 -18.69 3.09 -12.73
C GLY C 123 -17.97 1.90 -13.35
N THR C 124 -17.39 1.05 -12.51
CA THR C 124 -16.70 -0.13 -13.01
C THR C 124 -17.69 -1.18 -13.54
N VAL C 125 -17.56 -1.53 -14.81
CA VAL C 125 -18.45 -2.51 -15.43
C VAL C 125 -17.93 -3.93 -15.22
N ASN C 126 -18.83 -4.86 -14.94
CA ASN C 126 -18.46 -6.26 -14.74
C ASN C 126 -19.33 -7.12 -15.64
N LYS C 127 -18.70 -8.03 -16.37
CA LYS C 127 -19.42 -8.91 -17.27
C LYS C 127 -18.98 -10.37 -17.06
N GLU C 128 -18.65 -10.70 -15.81
CA GLU C 128 -18.22 -12.06 -15.45
C GLU C 128 -19.36 -13.05 -15.52
N THR C 129 -20.58 -12.54 -15.41
CA THR C 129 -21.78 -13.36 -15.41
C THR C 129 -22.94 -12.40 -15.74
N LEU C 130 -24.11 -12.95 -16.03
CA LEU C 130 -25.27 -12.13 -16.34
C LEU C 130 -25.88 -11.55 -15.07
N ASN C 131 -26.30 -10.30 -15.13
CA ASN C 131 -26.93 -9.64 -14.01
C ASN C 131 -28.29 -10.33 -13.80
N PRO C 132 -28.55 -10.82 -12.56
CA PRO C 132 -29.80 -11.52 -12.23
C PRO C 132 -31.09 -10.71 -12.42
N LEU C 133 -30.96 -9.40 -12.64
CA LEU C 133 -32.13 -8.54 -12.89
C LEU C 133 -32.72 -8.88 -14.25
N ALA C 134 -31.88 -9.34 -15.18
CA ALA C 134 -32.31 -9.71 -16.51
C ALA C 134 -32.90 -11.13 -16.47
N SER C 135 -33.95 -11.33 -15.69
CA SER C 135 -34.60 -12.64 -15.52
C SER C 135 -35.20 -13.24 -16.78
N ASP C 136 -35.57 -12.40 -17.74
CA ASP C 136 -36.13 -12.86 -18.99
C ASP C 136 -35.09 -13.59 -19.83
N VAL C 137 -33.87 -13.03 -19.91
CA VAL C 137 -32.79 -13.64 -20.68
C VAL C 137 -32.27 -14.88 -19.95
N ILE C 138 -32.15 -14.79 -18.63
CA ILE C 138 -31.68 -15.90 -17.83
C ILE C 138 -32.62 -17.11 -17.96
N ARG C 139 -33.93 -16.89 -17.81
CA ARG C 139 -34.88 -17.99 -17.93
C ARG C 139 -34.72 -18.65 -19.29
N LYS C 140 -34.59 -17.85 -20.33
CA LYS C 140 -34.42 -18.41 -21.67
C LYS C 140 -33.12 -19.20 -21.81
N GLU C 141 -31.99 -18.53 -21.62
CA GLU C 141 -30.69 -19.17 -21.79
C GLU C 141 -30.35 -20.31 -20.85
N TYR C 142 -30.57 -20.16 -19.55
CA TYR C 142 -30.27 -21.25 -18.61
C TYR C 142 -31.25 -22.37 -18.87
N GLY C 143 -32.51 -22.03 -19.12
CA GLY C 143 -33.51 -23.04 -19.41
C GLY C 143 -33.04 -23.88 -20.59
N GLU C 144 -32.61 -23.22 -21.66
CA GLU C 144 -32.12 -23.91 -22.84
C GLU C 144 -30.86 -24.74 -22.57
N LEU C 145 -29.93 -24.17 -21.82
CA LEU C 145 -28.66 -24.83 -21.49
C LEU C 145 -28.86 -26.05 -20.59
N TYR C 146 -29.61 -25.91 -19.51
CA TYR C 146 -29.88 -26.99 -18.57
C TYR C 146 -30.52 -28.17 -19.29
N THR C 147 -31.54 -27.87 -20.11
CA THR C 147 -32.28 -28.87 -20.87
C THR C 147 -31.37 -29.60 -21.86
N ALA C 148 -30.57 -28.86 -22.60
CA ALA C 148 -29.66 -29.42 -23.58
C ALA C 148 -28.59 -30.27 -22.91
N PHE C 149 -28.11 -29.82 -21.74
CA PHE C 149 -27.09 -30.54 -21.00
C PHE C 149 -27.67 -31.85 -20.46
N ALA C 150 -28.89 -31.77 -19.95
CA ALA C 150 -29.57 -32.93 -19.41
C ALA C 150 -29.70 -34.01 -20.48
N ALA C 151 -30.11 -33.63 -21.69
CA ALA C 151 -30.27 -34.56 -22.81
C ALA C 151 -28.94 -35.19 -23.22
N ALA C 152 -27.88 -34.41 -23.18
CA ALA C 152 -26.56 -34.89 -23.56
C ALA C 152 -25.90 -35.79 -22.50
N MET C 153 -26.24 -35.57 -21.23
CA MET C 153 -25.68 -36.37 -20.15
C MET C 153 -26.57 -37.55 -19.79
N LYS C 154 -27.73 -37.63 -20.44
CA LYS C 154 -28.68 -38.71 -20.20
C LYS C 154 -28.03 -40.11 -20.24
N PRO C 155 -27.14 -40.37 -21.22
CA PRO C 155 -26.49 -41.69 -21.28
C PRO C 155 -25.54 -41.96 -20.11
N TYR C 156 -25.24 -40.95 -19.30
CA TYR C 156 -24.32 -41.11 -18.18
C TYR C 156 -24.97 -40.84 -16.83
N LYS C 157 -26.29 -40.97 -16.77
CA LYS C 157 -27.00 -40.69 -15.53
C LYS C 157 -26.51 -41.50 -14.32
N ASP C 158 -26.06 -42.72 -14.57
CA ASP C 158 -25.57 -43.59 -13.51
C ASP C 158 -24.29 -43.14 -12.82
N VAL C 159 -23.52 -42.26 -13.46
CA VAL C 159 -22.28 -41.77 -12.84
C VAL C 159 -22.41 -40.35 -12.28
N ILE C 160 -23.60 -39.77 -12.39
CA ILE C 160 -23.87 -38.42 -11.90
C ILE C 160 -24.48 -38.47 -10.51
N ALA C 161 -23.72 -38.04 -9.51
CA ALA C 161 -24.17 -38.06 -8.13
C ALA C 161 -24.96 -36.82 -7.70
N LYS C 162 -24.63 -35.68 -8.27
CA LYS C 162 -25.30 -34.43 -7.93
C LYS C 162 -25.01 -33.40 -9.01
N ILE C 163 -25.79 -32.32 -9.03
CA ILE C 163 -25.61 -31.26 -10.01
C ILE C 163 -25.51 -29.91 -9.31
N TYR C 164 -24.52 -29.13 -9.69
CA TYR C 164 -24.31 -27.80 -9.13
C TYR C 164 -24.63 -26.74 -10.16
N LEU C 165 -25.24 -25.65 -9.70
CA LEU C 165 -25.57 -24.51 -10.55
C LEU C 165 -24.67 -23.36 -10.15
N SER C 166 -24.48 -22.42 -11.06
CA SER C 166 -23.67 -21.23 -10.83
C SER C 166 -24.66 -20.08 -10.67
N GLY C 167 -24.71 -19.51 -9.47
CA GLY C 167 -25.62 -18.42 -9.21
C GLY C 167 -25.00 -17.05 -9.34
N GLY C 168 -23.75 -17.00 -9.81
CA GLY C 168 -23.09 -15.72 -9.96
C GLY C 168 -21.61 -15.87 -10.24
N PRO C 169 -20.81 -14.79 -10.05
CA PRO C 169 -19.37 -14.85 -10.31
C PRO C 169 -18.68 -15.91 -9.47
N ALA C 170 -17.67 -16.55 -10.05
CA ALA C 170 -16.92 -17.62 -9.39
C ALA C 170 -17.82 -18.79 -9.03
N GLY C 171 -19.06 -18.79 -9.56
CA GLY C 171 -19.99 -19.86 -9.30
C GLY C 171 -20.76 -19.71 -8.00
N GLU C 172 -20.71 -18.51 -7.44
CA GLU C 172 -21.38 -18.23 -6.17
C GLU C 172 -22.53 -17.26 -6.35
N LEU C 173 -23.58 -17.45 -5.56
CA LEU C 173 -24.75 -16.59 -5.60
C LEU C 173 -24.42 -15.27 -4.89
N ARG C 174 -24.06 -14.25 -5.64
CA ARG C 174 -23.69 -12.95 -5.09
C ARG C 174 -23.41 -11.96 -6.21
N TYR C 175 -23.12 -10.71 -5.83
CA TYR C 175 -22.77 -9.64 -6.74
C TYR C 175 -21.25 -9.61 -6.80
N PRO C 176 -20.67 -9.18 -7.92
CA PRO C 176 -19.21 -9.12 -8.05
C PRO C 176 -18.66 -7.87 -7.35
N SER C 177 -18.84 -7.81 -6.03
CA SER C 177 -18.43 -6.68 -5.22
C SER C 177 -16.96 -6.59 -4.81
N TYR C 178 -16.20 -7.66 -5.02
CA TYR C 178 -14.78 -7.63 -4.69
C TYR C 178 -13.95 -8.03 -5.88
N THR C 179 -13.42 -7.01 -6.56
CA THR C 179 -12.59 -7.21 -7.73
C THR C 179 -11.42 -6.24 -7.75
N THR C 180 -10.36 -6.63 -8.44
CA THR C 180 -9.17 -5.82 -8.56
C THR C 180 -9.46 -4.52 -9.29
N SER C 181 -10.08 -4.63 -10.46
CA SER C 181 -10.41 -3.46 -11.27
C SER C 181 -11.23 -2.44 -10.50
N ASP C 182 -12.19 -2.92 -9.72
CA ASP C 182 -13.05 -2.03 -8.94
C ASP C 182 -12.31 -1.61 -7.66
N GLY C 183 -11.12 -2.17 -7.46
CA GLY C 183 -10.32 -1.85 -6.30
C GLY C 183 -10.97 -2.27 -5.00
N THR C 184 -11.76 -3.34 -5.05
CA THR C 184 -12.46 -3.82 -3.86
C THR C 184 -12.01 -5.21 -3.44
N GLY C 185 -10.78 -5.56 -3.79
CA GLY C 185 -10.27 -6.87 -3.42
C GLY C 185 -10.01 -6.99 -1.92
N TYR C 186 -9.90 -8.22 -1.44
CA TYR C 186 -9.63 -8.51 -0.03
C TYR C 186 -8.44 -7.67 0.45
N PRO C 187 -8.49 -7.11 1.68
CA PRO C 187 -9.55 -7.16 2.68
C PRO C 187 -10.43 -5.89 2.70
N SER C 188 -10.52 -5.21 1.57
CA SER C 188 -11.32 -3.98 1.48
C SER C 188 -12.82 -4.22 1.51
N ARG C 189 -13.55 -3.16 1.82
CA ARG C 189 -15.00 -3.21 1.84
C ARG C 189 -15.37 -3.33 0.36
N GLY C 190 -16.55 -3.88 0.07
CA GLY C 190 -16.93 -4.00 -1.31
C GLY C 190 -17.74 -2.80 -1.73
N LYS C 191 -18.04 -2.73 -3.02
CA LYS C 191 -18.85 -1.66 -3.56
C LYS C 191 -20.14 -2.26 -4.05
N PHE C 192 -21.24 -1.55 -3.88
CA PHE C 192 -22.53 -2.03 -4.36
C PHE C 192 -22.51 -2.09 -5.88
N GLN C 193 -23.21 -3.05 -6.46
CA GLN C 193 -23.20 -3.22 -7.91
C GLN C 193 -24.57 -3.02 -8.56
N ALA C 194 -25.21 -1.91 -8.26
CA ALA C 194 -26.53 -1.63 -8.82
C ALA C 194 -26.55 -0.24 -9.47
N TYR C 195 -25.55 0.08 -10.28
CA TYR C 195 -25.49 1.41 -10.88
C TYR C 195 -25.72 1.54 -12.37
N THR C 196 -26.16 0.45 -13.00
CA THR C 196 -26.50 0.49 -14.40
C THR C 196 -27.83 1.24 -14.40
N GLU C 197 -28.22 1.80 -15.54
CA GLU C 197 -29.49 2.53 -15.62
C GLU C 197 -30.66 1.59 -15.37
N PHE C 198 -30.51 0.35 -15.81
CA PHE C 198 -31.54 -0.67 -15.63
C PHE C 198 -31.72 -0.97 -14.13
N ALA C 199 -30.62 -1.17 -13.40
CA ALA C 199 -30.68 -1.45 -11.98
C ALA C 199 -31.38 -0.30 -11.26
N LYS C 200 -31.01 0.93 -11.62
CA LYS C 200 -31.62 2.10 -11.02
C LYS C 200 -33.11 2.22 -11.28
N SER C 201 -33.56 1.84 -12.48
CA SER C 201 -34.99 1.92 -12.78
C SER C 201 -35.76 0.81 -12.07
N LYS C 202 -35.13 -0.35 -11.89
CA LYS C 202 -35.77 -1.47 -11.21
C LYS C 202 -36.00 -1.13 -9.74
N PHE C 203 -34.97 -0.56 -9.09
CA PHE C 203 -35.11 -0.16 -7.70
C PHE C 203 -36.20 0.88 -7.58
N ARG C 204 -36.17 1.86 -8.48
CA ARG C 204 -37.15 2.93 -8.47
C ARG C 204 -38.59 2.40 -8.57
N LEU C 205 -38.82 1.43 -9.46
CA LEU C 205 -40.15 0.84 -9.63
C LEU C 205 -40.59 0.05 -8.40
N TRP C 206 -39.64 -0.67 -7.82
CA TRP C 206 -39.89 -1.47 -6.62
C TRP C 206 -40.39 -0.55 -5.50
N VAL C 207 -39.74 0.61 -5.36
CA VAL C 207 -40.12 1.57 -4.34
C VAL C 207 -41.51 2.15 -4.60
N LEU C 208 -41.74 2.63 -5.83
CA LEU C 208 -43.04 3.20 -6.18
C LEU C 208 -44.15 2.17 -6.09
N ASN C 209 -43.80 0.92 -6.38
CA ASN C 209 -44.75 -0.18 -6.30
C ASN C 209 -45.13 -0.39 -4.83
N LYS C 210 -44.15 -0.30 -3.94
CA LYS C 210 -44.36 -0.47 -2.52
C LYS C 210 -45.12 0.69 -1.86
N TYR C 211 -44.74 1.93 -2.19
CA TYR C 211 -45.34 3.11 -1.60
C TYR C 211 -46.47 3.79 -2.35
N GLY C 212 -46.55 3.56 -3.65
CA GLY C 212 -47.63 4.14 -4.44
C GLY C 212 -47.39 5.53 -4.99
N SER C 213 -46.78 6.41 -4.19
CA SER C 213 -46.50 7.77 -4.64
C SER C 213 -45.26 8.31 -3.97
N LEU C 214 -44.75 9.42 -4.51
CA LEU C 214 -43.57 10.07 -3.96
C LEU C 214 -43.85 10.67 -2.56
N ASN C 215 -45.09 11.10 -2.30
CA ASN C 215 -45.47 11.65 -0.98
C ASN C 215 -45.31 10.55 0.07
N GLU C 216 -45.81 9.36 -0.27
CA GLU C 216 -45.72 8.20 0.61
C GLU C 216 -44.27 7.76 0.81
N VAL C 217 -43.47 7.82 -0.26
CA VAL C 217 -42.06 7.46 -0.17
C VAL C 217 -41.35 8.45 0.76
N ASN C 218 -41.68 9.74 0.63
CA ASN C 218 -41.07 10.77 1.46
C ASN C 218 -41.47 10.60 2.92
N LYS C 219 -42.73 10.22 3.15
CA LYS C 219 -43.23 9.98 4.50
C LYS C 219 -42.46 8.83 5.14
N ALA C 220 -42.30 7.74 4.39
CA ALA C 220 -41.59 6.56 4.88
C ALA C 220 -40.12 6.78 5.08
N TRP C 221 -39.48 7.45 4.14
CA TRP C 221 -38.05 7.70 4.21
C TRP C 221 -37.64 8.94 4.98
N GLY C 222 -38.58 9.84 5.23
CA GLY C 222 -38.24 11.06 5.94
C GLY C 222 -37.37 11.93 5.04
N THR C 223 -37.61 11.80 3.75
CA THR C 223 -36.88 12.55 2.74
C THR C 223 -37.81 13.65 2.19
N LYS C 224 -37.29 14.44 1.27
CA LYS C 224 -38.08 15.50 0.66
C LYS C 224 -37.76 15.56 -0.82
N LEU C 225 -37.88 14.41 -1.46
CA LEU C 225 -37.61 14.27 -2.89
C LEU C 225 -38.71 14.99 -3.68
N ILE C 226 -38.31 15.74 -4.69
CA ILE C 226 -39.28 16.45 -5.52
C ILE C 226 -39.46 15.79 -6.89
N SER C 227 -38.70 14.72 -7.11
CA SER C 227 -38.77 13.98 -8.37
C SER C 227 -38.49 12.51 -8.13
N GLU C 228 -39.18 11.65 -8.88
CA GLU C 228 -39.01 10.21 -8.76
C GLU C 228 -37.65 9.78 -9.28
N LEU C 229 -37.02 10.65 -10.07
CA LEU C 229 -35.70 10.35 -10.61
C LEU C 229 -34.66 10.45 -9.52
N ALA C 230 -35.02 11.09 -8.40
CA ALA C 230 -34.11 11.24 -7.26
C ALA C 230 -34.04 9.95 -6.43
N ILE C 231 -34.95 9.02 -6.69
CA ILE C 231 -34.95 7.74 -5.99
C ILE C 231 -33.79 6.95 -6.62
N LEU C 232 -32.69 6.85 -5.87
CA LEU C 232 -31.49 6.18 -6.36
C LEU C 232 -30.81 5.33 -5.29
N PRO C 233 -29.88 4.45 -5.71
CA PRO C 233 -29.15 3.60 -4.77
C PRO C 233 -28.19 4.54 -4.03
N PRO C 234 -27.51 4.05 -2.98
CA PRO C 234 -26.57 4.90 -2.22
C PRO C 234 -25.52 5.61 -3.07
N SER C 235 -25.44 6.93 -2.94
CA SER C 235 -24.44 7.68 -3.70
C SER C 235 -23.04 7.50 -3.07
N ASP C 236 -23.02 7.30 -1.75
CA ASP C 236 -21.77 7.11 -1.01
C ASP C 236 -21.89 5.77 -0.28
N GLY C 237 -21.24 4.74 -0.83
CA GLY C 237 -21.28 3.42 -0.25
C GLY C 237 -20.66 3.28 1.13
N GLU C 238 -19.59 4.02 1.37
CA GLU C 238 -18.91 3.99 2.65
C GLU C 238 -19.79 4.58 3.73
N GLN C 239 -20.42 5.71 3.42
CA GLN C 239 -21.30 6.38 4.35
C GLN C 239 -22.53 5.53 4.61
N PHE C 240 -23.00 4.83 3.58
CA PHE C 240 -24.17 3.97 3.72
C PHE C 240 -23.86 2.78 4.66
N LEU C 241 -22.69 2.19 4.49
CA LEU C 241 -22.26 1.06 5.31
C LEU C 241 -21.93 1.49 6.75
N MET C 242 -21.72 2.79 6.93
CA MET C 242 -21.40 3.37 8.22
C MET C 242 -22.66 3.58 9.06
N ASN C 243 -23.67 4.26 8.51
CA ASN C 243 -24.92 4.48 9.24
C ASN C 243 -26.17 4.64 8.36
N GLY C 244 -25.97 4.70 7.04
CA GLY C 244 -27.09 4.83 6.14
C GLY C 244 -27.99 3.62 6.19
N TYR C 245 -27.42 2.44 6.37
CA TYR C 245 -28.17 1.19 6.43
C TYR C 245 -29.19 1.11 7.56
N LEU C 246 -29.08 2.00 8.54
CA LEU C 246 -29.98 2.02 9.69
C LEU C 246 -31.30 2.75 9.44
N SER C 247 -31.35 3.56 8.38
CA SER C 247 -32.55 4.32 8.04
C SER C 247 -33.56 3.47 7.28
N MET C 248 -34.79 3.96 7.19
CA MET C 248 -35.83 3.24 6.48
C MET C 248 -35.42 3.00 5.04
N TYR C 249 -34.74 3.98 4.46
CA TYR C 249 -34.24 3.88 3.09
C TYR C 249 -33.24 2.73 2.98
N GLY C 250 -32.30 2.70 3.93
CA GLY C 250 -31.27 1.67 3.96
C GLY C 250 -31.87 0.27 4.01
N LYS C 251 -32.88 0.10 4.86
CA LYS C 251 -33.55 -1.19 5.00
C LYS C 251 -34.24 -1.56 3.69
N ASP C 252 -34.92 -0.60 3.06
CA ASP C 252 -35.60 -0.84 1.81
C ASP C 252 -34.65 -1.19 0.69
N TYR C 253 -33.54 -0.45 0.59
CA TYR C 253 -32.55 -0.71 -0.44
C TYR C 253 -31.94 -2.11 -0.30
N LEU C 254 -31.50 -2.44 0.90
CA LEU C 254 -30.92 -3.75 1.17
C LEU C 254 -31.91 -4.90 0.97
N GLU C 255 -33.20 -4.65 1.20
CA GLU C 255 -34.23 -5.67 0.99
C GLU C 255 -34.34 -5.94 -0.50
N TRP C 256 -34.38 -4.87 -1.29
CA TRP C 256 -34.45 -5.00 -2.74
C TRP C 256 -33.17 -5.62 -3.28
N TYR C 257 -32.02 -5.10 -2.82
CA TYR C 257 -30.70 -5.56 -3.26
C TYR C 257 -30.48 -7.06 -3.04
N GLN C 258 -30.74 -7.54 -1.82
CA GLN C 258 -30.60 -8.96 -1.54
C GLN C 258 -31.74 -9.75 -2.19
N GLY C 259 -32.92 -9.14 -2.23
CA GLY C 259 -34.08 -9.78 -2.83
C GLY C 259 -33.84 -10.26 -4.25
N ILE C 260 -33.00 -9.53 -4.99
CA ILE C 260 -32.72 -9.92 -6.36
C ILE C 260 -32.03 -11.27 -6.40
N LEU C 261 -31.11 -11.51 -5.47
CA LEU C 261 -30.40 -12.78 -5.41
C LEU C 261 -31.31 -13.94 -5.00
N GLU C 262 -32.31 -13.64 -4.17
CA GLU C 262 -33.26 -14.64 -3.72
C GLU C 262 -34.19 -15.02 -4.86
N ASN C 263 -34.62 -14.02 -5.63
CA ASN C 263 -35.48 -14.27 -6.78
C ASN C 263 -34.70 -15.09 -7.79
N HIS C 264 -33.42 -14.79 -7.93
CA HIS C 264 -32.56 -15.51 -8.85
C HIS C 264 -32.40 -16.98 -8.40
N THR C 265 -32.30 -17.21 -7.09
CA THR C 265 -32.16 -18.56 -6.53
C THR C 265 -33.37 -19.42 -6.88
N LYS C 266 -34.56 -18.84 -6.70
CA LYS C 266 -35.81 -19.54 -6.99
C LYS C 266 -35.98 -19.78 -8.49
N LEU C 267 -35.46 -18.87 -9.29
CA LEU C 267 -35.56 -19.02 -10.74
C LEU C 267 -34.67 -20.16 -11.23
N ILE C 268 -33.38 -20.12 -10.89
CA ILE C 268 -32.49 -21.18 -11.35
C ILE C 268 -32.84 -22.55 -10.75
N GLY C 269 -33.41 -22.54 -9.55
CA GLY C 269 -33.81 -23.78 -8.91
C GLY C 269 -34.94 -24.43 -9.70
N GLU C 270 -35.92 -23.61 -10.12
CA GLU C 270 -37.05 -24.09 -10.90
C GLU C 270 -36.57 -24.64 -12.23
N LEU C 271 -35.70 -23.89 -12.90
CA LEU C 271 -35.16 -24.29 -14.19
C LEU C 271 -34.39 -25.60 -14.09
N ALA C 272 -33.56 -25.71 -13.04
CA ALA C 272 -32.76 -26.92 -12.83
C ALA C 272 -33.65 -28.11 -12.53
N HIS C 273 -34.60 -27.92 -11.62
CA HIS C 273 -35.50 -29.01 -11.29
C HIS C 273 -36.31 -29.47 -12.49
N ASN C 274 -36.81 -28.54 -13.29
CA ASN C 274 -37.59 -28.92 -14.46
C ASN C 274 -36.74 -29.77 -15.41
N ALA C 275 -35.47 -29.41 -15.55
CA ALA C 275 -34.56 -30.11 -16.46
C ALA C 275 -33.92 -31.40 -15.96
N PHE C 276 -33.68 -31.49 -14.66
CA PHE C 276 -32.98 -32.65 -14.14
C PHE C 276 -33.72 -33.70 -13.31
N ASP C 277 -34.82 -33.33 -12.67
CA ASP C 277 -35.51 -34.28 -11.82
C ASP C 277 -35.90 -35.63 -12.39
N THR C 278 -36.77 -35.64 -13.39
CA THR C 278 -37.21 -36.91 -13.99
C THR C 278 -36.07 -37.77 -14.54
N THR C 279 -35.14 -37.15 -15.26
CA THR C 279 -34.04 -37.86 -15.85
C THR C 279 -32.98 -38.35 -14.86
N PHE C 280 -32.53 -37.46 -13.98
CA PHE C 280 -31.48 -37.80 -13.03
C PHE C 280 -31.89 -38.10 -11.61
N GLN C 281 -32.88 -37.36 -11.11
CA GLN C 281 -33.34 -37.59 -9.75
C GLN C 281 -32.19 -37.49 -8.74
N VAL C 282 -31.33 -36.48 -8.92
CA VAL C 282 -30.20 -36.26 -8.03
C VAL C 282 -30.38 -34.92 -7.30
N PRO C 283 -29.66 -34.71 -6.19
CA PRO C 283 -29.78 -33.44 -5.46
C PRO C 283 -29.17 -32.33 -6.32
N ILE C 284 -29.69 -31.12 -6.16
CA ILE C 284 -29.18 -29.99 -6.90
C ILE C 284 -28.72 -28.95 -5.89
N GLY C 285 -27.55 -28.36 -6.12
CA GLY C 285 -27.06 -27.37 -5.18
C GLY C 285 -26.49 -26.10 -5.79
N ALA C 286 -26.29 -25.11 -4.93
CA ALA C 286 -25.72 -23.82 -5.33
C ALA C 286 -24.79 -23.38 -4.19
N LYS C 287 -23.85 -22.49 -4.50
CA LYS C 287 -22.87 -22.04 -3.53
C LYS C 287 -23.03 -20.63 -2.98
N ILE C 288 -22.64 -20.46 -1.73
CA ILE C 288 -22.67 -19.18 -1.05
C ILE C 288 -21.21 -18.90 -0.71
N ALA C 289 -20.74 -17.70 -1.01
CA ALA C 289 -19.35 -17.33 -0.75
C ALA C 289 -19.09 -17.02 0.71
N GLY C 290 -17.84 -17.22 1.13
CA GLY C 290 -17.46 -16.94 2.50
C GLY C 290 -16.77 -15.59 2.55
N VAL C 291 -17.57 -14.52 2.64
CA VAL C 291 -17.06 -13.15 2.69
C VAL C 291 -16.77 -12.84 4.16
N HIS C 292 -15.61 -13.31 4.61
CA HIS C 292 -15.19 -13.17 5.99
C HIS C 292 -14.50 -11.88 6.44
N TRP C 293 -14.03 -11.07 5.49
CA TRP C 293 -13.37 -9.82 5.83
C TRP C 293 -14.34 -8.68 6.13
N GLN C 294 -13.88 -7.72 6.93
CA GLN C 294 -14.67 -6.57 7.34
C GLN C 294 -15.90 -7.00 8.10
N TYR C 295 -15.85 -8.23 8.60
CA TYR C 295 -16.94 -8.81 9.36
C TYR C 295 -17.22 -8.01 10.63
N ASN C 296 -16.21 -7.90 11.49
CA ASN C 296 -16.39 -7.17 12.74
C ASN C 296 -15.74 -5.79 12.77
N ASN C 297 -15.76 -5.09 11.64
CA ASN C 297 -15.22 -3.74 11.57
C ASN C 297 -16.21 -2.92 12.39
N PRO C 298 -15.73 -2.20 13.42
CA PRO C 298 -16.59 -1.38 14.28
C PRO C 298 -17.33 -0.23 13.61
N THR C 299 -16.70 0.38 12.60
CA THR C 299 -17.32 1.51 11.90
C THR C 299 -18.17 1.08 10.69
N ILE C 300 -17.67 0.13 9.89
CA ILE C 300 -18.40 -0.37 8.74
C ILE C 300 -18.67 -1.88 8.93
N PRO C 301 -19.60 -2.21 9.84
CA PRO C 301 -19.93 -3.62 10.13
C PRO C 301 -20.36 -4.42 8.90
N HIS C 302 -19.71 -5.57 8.71
CA HIS C 302 -20.00 -6.45 7.58
C HIS C 302 -19.87 -5.70 6.26
N GLY C 303 -18.87 -4.82 6.19
CA GLY C 303 -18.62 -3.99 5.03
C GLY C 303 -18.28 -4.66 3.71
N ALA C 304 -18.03 -5.96 3.75
CA ALA C 304 -17.72 -6.71 2.54
C ALA C 304 -18.92 -7.59 2.18
N GLU C 305 -19.66 -8.03 3.20
CA GLU C 305 -20.83 -8.88 3.02
C GLU C 305 -22.02 -8.19 2.38
N LYS C 306 -22.39 -7.03 2.92
CA LYS C 306 -23.52 -6.32 2.38
C LYS C 306 -23.43 -5.99 0.88
N PRO C 307 -22.27 -5.47 0.40
CA PRO C 307 -22.17 -5.16 -1.04
C PRO C 307 -22.24 -6.43 -1.91
N ALA C 308 -21.86 -7.57 -1.33
CA ALA C 308 -21.89 -8.85 -2.02
C ALA C 308 -23.31 -9.37 -2.11
N GLY C 309 -24.21 -8.78 -1.32
CA GLY C 309 -25.60 -9.18 -1.33
C GLY C 309 -26.02 -9.91 -0.08
N TYR C 310 -25.08 -10.15 0.83
CA TYR C 310 -25.37 -10.88 2.05
C TYR C 310 -25.71 -9.98 3.24
N ASN C 311 -26.99 -9.63 3.36
CA ASN C 311 -27.44 -8.79 4.45
C ASN C 311 -28.19 -9.58 5.53
N ASP C 312 -28.98 -10.56 5.10
CA ASP C 312 -29.76 -11.38 6.01
C ASP C 312 -29.63 -12.85 5.57
N TYR C 313 -28.68 -13.55 6.16
CA TYR C 313 -28.44 -14.95 5.82
C TYR C 313 -29.65 -15.84 6.05
N SER C 314 -30.43 -15.54 7.08
CA SER C 314 -31.61 -16.32 7.39
C SER C 314 -32.62 -16.18 6.26
N HIS C 315 -32.91 -14.95 5.86
CA HIS C 315 -33.85 -14.69 4.78
C HIS C 315 -33.32 -15.32 3.50
N LEU C 316 -32.00 -15.23 3.30
CA LEU C 316 -31.36 -15.79 2.10
C LEU C 316 -31.47 -17.32 2.03
N LEU C 317 -31.21 -18.00 3.14
CA LEU C 317 -31.28 -19.46 3.20
C LEU C 317 -32.70 -19.98 2.99
N ASP C 318 -33.70 -19.16 3.30
CA ASP C 318 -35.09 -19.53 3.11
C ASP C 318 -35.34 -19.67 1.61
N ALA C 319 -34.65 -18.88 0.80
CA ALA C 319 -34.82 -18.95 -0.65
C ALA C 319 -34.30 -20.29 -1.16
N PHE C 320 -33.21 -20.78 -0.57
CA PHE C 320 -32.64 -22.06 -0.94
C PHE C 320 -33.59 -23.19 -0.58
N LYS C 321 -34.24 -23.06 0.57
CA LYS C 321 -35.19 -24.05 1.06
C LYS C 321 -36.39 -24.14 0.13
N SER C 322 -37.00 -23.01 -0.19
CA SER C 322 -38.16 -23.01 -1.08
C SER C 322 -37.80 -23.45 -2.52
N ALA C 323 -36.58 -23.18 -2.94
CA ALA C 323 -36.12 -23.56 -4.28
C ALA C 323 -35.68 -25.02 -4.33
N LYS C 324 -35.59 -25.65 -3.16
CA LYS C 324 -35.18 -27.05 -3.06
C LYS C 324 -33.76 -27.22 -3.55
N LEU C 325 -32.86 -26.40 -3.04
CA LEU C 325 -31.45 -26.44 -3.41
C LEU C 325 -30.61 -26.66 -2.14
N ASP C 326 -29.61 -27.53 -2.23
CA ASP C 326 -28.70 -27.78 -1.12
C ASP C 326 -27.71 -26.62 -1.18
N VAL C 327 -27.13 -26.26 -0.04
CA VAL C 327 -26.20 -25.16 -0.03
C VAL C 327 -24.77 -25.60 0.28
N THR C 328 -23.82 -25.00 -0.46
CA THR C 328 -22.41 -25.27 -0.27
C THR C 328 -21.75 -23.98 0.24
N PHE C 329 -21.09 -24.05 1.39
CA PHE C 329 -20.39 -22.92 1.94
C PHE C 329 -18.91 -23.14 1.69
N THR C 330 -18.25 -22.11 1.15
CA THR C 330 -16.85 -22.21 0.76
C THR C 330 -15.79 -21.50 1.61
N CYS C 331 -15.41 -22.08 2.76
CA CYS C 331 -14.40 -21.44 3.64
C CYS C 331 -14.12 -22.16 4.97
N LEU C 332 -14.25 -23.49 4.99
CA LEU C 332 -14.06 -24.31 6.20
C LEU C 332 -12.70 -24.43 6.90
N GLU C 333 -11.61 -24.24 6.16
CA GLU C 333 -10.25 -24.38 6.70
C GLU C 333 -9.62 -23.18 7.45
N MET C 334 -10.37 -22.10 7.62
CA MET C 334 -9.84 -20.88 8.25
C MET C 334 -10.23 -20.61 9.71
N THR C 335 -9.44 -19.76 10.36
CA THR C 335 -9.65 -19.39 11.76
C THR C 335 -10.00 -17.92 11.89
N ASP C 336 -10.64 -17.57 13.00
CA ASP C 336 -11.00 -16.20 13.28
C ASP C 336 -9.78 -15.36 13.60
N LYS C 337 -9.83 -14.09 13.22
CA LYS C 337 -8.75 -13.14 13.49
C LYS C 337 -9.44 -11.97 14.19
N GLY C 338 -10.33 -11.31 13.46
CA GLY C 338 -11.09 -10.21 14.02
C GLY C 338 -10.33 -8.95 14.39
N SER C 339 -9.11 -8.83 13.91
CA SER C 339 -8.31 -7.66 14.23
C SER C 339 -8.07 -6.77 13.00
N TYR C 340 -7.81 -5.49 13.26
CA TYR C 340 -7.53 -4.52 12.21
C TYR C 340 -6.30 -4.99 11.44
N PRO C 341 -6.25 -4.76 10.12
CA PRO C 341 -7.25 -4.10 9.25
C PRO C 341 -8.32 -5.01 8.62
N GLU C 342 -8.00 -6.29 8.43
CA GLU C 342 -8.92 -7.24 7.79
C GLU C 342 -10.24 -7.52 8.48
N TYR C 343 -10.23 -7.63 9.82
CA TYR C 343 -11.44 -7.94 10.60
C TYR C 343 -12.09 -9.24 10.08
N SER C 344 -11.23 -10.23 9.86
CA SER C 344 -11.63 -11.52 9.33
C SER C 344 -12.17 -12.47 10.39
N MET C 345 -13.41 -12.92 10.21
CA MET C 345 -14.04 -13.87 11.14
C MET C 345 -14.63 -15.08 10.38
N PRO C 346 -13.77 -15.86 9.70
CA PRO C 346 -14.15 -17.06 8.93
C PRO C 346 -14.89 -18.11 9.73
N LYS C 347 -14.29 -18.56 10.82
CA LYS C 347 -14.88 -19.60 11.66
C LYS C 347 -16.27 -19.25 12.22
N THR C 348 -16.41 -18.03 12.74
CA THR C 348 -17.71 -17.61 13.27
C THR C 348 -18.75 -17.57 12.15
N LEU C 349 -18.33 -17.15 10.96
CA LEU C 349 -19.23 -17.07 9.82
C LEU C 349 -19.77 -18.47 9.51
N VAL C 350 -18.86 -19.43 9.32
CA VAL C 350 -19.22 -20.81 9.01
C VAL C 350 -20.17 -21.39 10.07
N GLN C 351 -19.90 -21.07 11.33
CA GLN C 351 -20.72 -21.53 12.44
C GLN C 351 -22.12 -20.96 12.38
N ASN C 352 -22.24 -19.68 12.03
CA ASN C 352 -23.55 -19.04 11.93
C ASN C 352 -24.39 -19.67 10.82
N ILE C 353 -23.78 -19.83 9.65
CA ILE C 353 -24.46 -20.42 8.50
C ILE C 353 -24.85 -21.88 8.75
N ALA C 354 -23.92 -22.65 9.32
CA ALA C 354 -24.17 -24.05 9.60
C ALA C 354 -25.37 -24.19 10.53
N THR C 355 -25.43 -23.37 11.56
CA THR C 355 -26.53 -23.40 12.52
C THR C 355 -27.86 -23.06 11.85
N LEU C 356 -27.87 -22.00 11.05
CA LEU C 356 -29.07 -21.58 10.34
C LEU C 356 -29.54 -22.66 9.37
N ALA C 357 -28.59 -23.26 8.66
CA ALA C 357 -28.88 -24.31 7.70
C ALA C 357 -29.52 -25.52 8.39
N ASN C 358 -28.87 -25.98 9.46
CA ASN C 358 -29.36 -27.13 10.20
C ASN C 358 -30.75 -26.91 10.78
N GLU C 359 -31.01 -25.73 11.33
CA GLU C 359 -32.33 -25.48 11.90
C GLU C 359 -33.40 -25.38 10.82
N LYS C 360 -32.98 -25.07 9.59
CA LYS C 360 -33.90 -24.95 8.47
C LYS C 360 -34.03 -26.27 7.70
N GLY C 361 -33.26 -27.28 8.10
CA GLY C 361 -33.32 -28.57 7.44
C GLY C 361 -32.76 -28.55 6.04
N ILE C 362 -31.81 -27.65 5.80
CA ILE C 362 -31.18 -27.53 4.50
C ILE C 362 -29.89 -28.36 4.50
N VAL C 363 -29.73 -29.24 3.52
CA VAL C 363 -28.54 -30.07 3.40
C VAL C 363 -27.34 -29.13 3.19
N LEU C 364 -26.32 -29.32 4.01
CA LEU C 364 -25.14 -28.47 4.01
C LEU C 364 -23.84 -29.13 3.56
N ASN C 365 -23.11 -28.45 2.68
CA ASN C 365 -21.84 -28.97 2.17
C ASN C 365 -20.81 -27.87 2.31
N GLY C 366 -19.54 -28.26 2.26
CA GLY C 366 -18.51 -27.25 2.38
C GLY C 366 -17.28 -27.56 1.59
N GLU C 367 -16.40 -26.58 1.49
CA GLU C 367 -15.15 -26.71 0.78
C GLU C 367 -14.16 -25.66 1.25
N ASN C 368 -12.87 -25.94 1.05
CA ASN C 368 -11.84 -25.01 1.46
C ASN C 368 -11.77 -23.84 0.48
N ALA C 369 -11.46 -22.66 0.99
CA ALA C 369 -11.35 -21.46 0.16
C ALA C 369 -10.04 -21.46 -0.62
N LEU C 370 -8.96 -21.84 0.07
CA LEU C 370 -7.63 -21.88 -0.53
C LEU C 370 -7.01 -23.26 -0.41
N SER C 371 -5.99 -23.51 -1.23
CA SER C 371 -5.29 -24.80 -1.23
C SER C 371 -4.64 -25.12 0.12
N ILE C 372 -4.96 -26.29 0.64
CA ILE C 372 -4.43 -26.75 1.91
C ILE C 372 -3.06 -27.37 1.72
N GLY C 373 -2.08 -26.79 2.40
CA GLY C 373 -0.71 -27.29 2.30
C GLY C 373 -0.26 -28.15 3.46
N ASN C 374 -1.07 -28.26 4.50
CA ASN C 374 -0.68 -29.07 5.66
C ASN C 374 -1.83 -29.72 6.43
N GLU C 375 -1.49 -30.75 7.18
CA GLU C 375 -2.43 -31.52 7.97
C GLU C 375 -3.26 -30.67 8.95
N GLU C 376 -2.62 -29.68 9.57
CA GLU C 376 -3.30 -28.81 10.52
C GLU C 376 -4.57 -28.18 9.92
N GLU C 377 -4.50 -27.78 8.66
CA GLU C 377 -5.66 -27.17 8.01
C GLU C 377 -6.76 -28.23 7.78
N TYR C 378 -6.35 -29.47 7.55
CA TYR C 378 -7.32 -30.55 7.36
C TYR C 378 -8.05 -30.73 8.69
N LYS C 379 -7.28 -30.68 9.78
CA LYS C 379 -7.81 -30.83 11.12
C LYS C 379 -8.90 -29.80 11.39
N ARG C 380 -8.68 -28.57 10.93
CA ARG C 380 -9.67 -27.51 11.12
C ARG C 380 -10.92 -27.80 10.29
N VAL C 381 -10.72 -28.32 9.09
CA VAL C 381 -11.83 -28.65 8.20
C VAL C 381 -12.65 -29.77 8.84
N ALA C 382 -11.95 -30.72 9.45
CA ALA C 382 -12.57 -31.85 10.12
C ALA C 382 -13.45 -31.40 11.26
N GLU C 383 -12.94 -30.48 12.08
CA GLU C 383 -13.71 -29.98 13.22
C GLU C 383 -15.04 -29.37 12.80
N MET C 384 -15.03 -28.60 11.72
CA MET C 384 -16.25 -27.98 11.23
C MET C 384 -17.18 -28.98 10.56
N ALA C 385 -16.60 -29.81 9.70
CA ALA C 385 -17.39 -30.81 8.96
C ALA C 385 -18.11 -31.83 9.83
N PHE C 386 -17.39 -32.37 10.79
CA PHE C 386 -17.95 -33.41 11.66
C PHE C 386 -18.71 -32.94 12.89
N ASN C 387 -18.60 -31.67 13.23
CA ASN C 387 -19.29 -31.14 14.40
C ASN C 387 -20.50 -30.25 14.07
N TYR C 388 -20.66 -29.90 12.80
CA TYR C 388 -21.78 -29.07 12.38
C TYR C 388 -22.65 -29.67 11.28
N ASN C 389 -22.73 -31.00 11.25
CA ASN C 389 -23.56 -31.76 10.31
C ASN C 389 -23.41 -31.58 8.80
N PHE C 390 -22.18 -31.39 8.33
CA PHE C 390 -21.96 -31.25 6.89
C PHE C 390 -22.13 -32.61 6.24
N ALA C 391 -22.97 -32.68 5.21
CA ALA C 391 -23.20 -33.93 4.49
C ALA C 391 -22.08 -34.20 3.48
N GLY C 392 -21.23 -33.21 3.25
CA GLY C 392 -20.15 -33.41 2.31
C GLY C 392 -19.11 -32.32 2.34
N PHE C 393 -17.92 -32.67 1.89
CA PHE C 393 -16.82 -31.73 1.82
C PHE C 393 -16.10 -31.93 0.49
N THR C 394 -15.80 -30.82 -0.18
CA THR C 394 -15.12 -30.85 -1.47
C THR C 394 -13.74 -30.23 -1.32
N LEU C 395 -12.71 -30.97 -1.71
CA LEU C 395 -11.35 -30.48 -1.62
C LEU C 395 -10.93 -29.78 -2.90
N LEU C 396 -10.41 -28.57 -2.73
CA LEU C 396 -9.92 -27.73 -3.81
C LEU C 396 -8.41 -27.70 -3.59
N ARG C 397 -7.61 -28.18 -4.54
CA ARG C 397 -8.07 -28.72 -5.82
C ARG C 397 -7.25 -29.95 -6.23
N TYR C 398 -7.75 -30.68 -7.23
CA TYR C 398 -7.16 -31.90 -7.79
C TYR C 398 -5.66 -32.15 -7.63
N GLN C 399 -4.86 -31.42 -8.39
CA GLN C 399 -3.40 -31.57 -8.38
C GLN C 399 -2.71 -31.46 -7.03
N ASP C 400 -3.28 -30.70 -6.11
CA ASP C 400 -2.69 -30.52 -4.78
C ASP C 400 -2.44 -31.83 -4.01
N VAL C 401 -3.38 -32.77 -4.10
CA VAL C 401 -3.22 -34.06 -3.41
C VAL C 401 -2.70 -35.13 -4.38
N MET C 402 -3.17 -35.08 -5.62
CA MET C 402 -2.76 -36.03 -6.63
C MET C 402 -1.26 -36.13 -6.77
N TYR C 403 -0.59 -35.00 -6.60
CA TYR C 403 0.86 -34.96 -6.76
C TYR C 403 1.67 -34.89 -5.47
N ASN C 404 1.02 -35.16 -4.34
CA ASN C 404 1.67 -35.15 -3.04
C ASN C 404 1.07 -36.26 -2.17
N ASN C 405 1.70 -37.43 -2.19
CA ASN C 405 1.22 -38.58 -1.44
C ASN C 405 1.19 -38.39 0.07
N SER C 406 2.02 -37.48 0.58
CA SER C 406 2.06 -37.20 2.00
C SER C 406 0.73 -36.57 2.43
N LEU C 407 0.36 -35.48 1.77
CA LEU C 407 -0.89 -34.78 2.05
C LEU C 407 -2.09 -35.64 1.67
N MET C 408 -1.93 -36.44 0.62
CA MET C 408 -2.98 -37.35 0.19
C MET C 408 -3.28 -38.31 1.34
N GLY C 409 -2.22 -38.76 2.02
CA GLY C 409 -2.37 -39.67 3.16
C GLY C 409 -3.04 -39.03 4.36
N LYS C 410 -2.72 -37.77 4.62
CA LYS C 410 -3.31 -37.05 5.75
C LYS C 410 -4.80 -36.82 5.49
N PHE C 411 -5.15 -36.64 4.22
CA PHE C 411 -6.55 -36.44 3.84
C PHE C 411 -7.33 -37.72 4.08
N LYS C 412 -6.79 -38.84 3.61
CA LYS C 412 -7.47 -40.12 3.78
C LYS C 412 -7.78 -40.36 5.25
N ASP C 413 -6.73 -40.27 6.07
CA ASP C 413 -6.84 -40.45 7.51
C ASP C 413 -7.85 -39.50 8.16
N LEU C 414 -7.69 -38.21 7.88
CA LEU C 414 -8.54 -37.19 8.48
C LEU C 414 -9.93 -36.94 7.88
N LEU C 415 -10.01 -36.88 6.55
CA LEU C 415 -11.28 -36.58 5.89
C LEU C 415 -11.85 -37.59 4.90
N GLY C 416 -11.03 -38.48 4.36
CA GLY C 416 -11.52 -39.48 3.43
C GLY C 416 -12.13 -40.65 4.19
N VAL C 417 -12.96 -40.34 5.18
CA VAL C 417 -13.60 -41.33 6.03
C VAL C 417 -15.01 -41.74 5.62
N THR C 418 -15.40 -42.93 6.09
CA THR C 418 -16.72 -43.48 5.80
C THR C 418 -17.49 -43.61 7.11
N PRO C 419 -18.61 -42.89 7.26
CA PRO C 419 -19.37 -42.99 8.50
C PRO C 419 -19.98 -44.39 8.66
N VAL C 420 -19.87 -44.95 9.85
CA VAL C 420 -20.43 -46.27 10.15
C VAL C 420 -21.11 -46.25 11.53
N MET C 421 -22.30 -46.81 11.58
CA MET C 421 -23.07 -46.85 12.83
C MET C 421 -22.46 -47.90 13.75
N GLN C 422 -22.28 -47.53 15.01
CA GLN C 422 -21.71 -48.43 16.01
C GLN C 422 -22.43 -48.15 17.32
N THR C 423 -22.54 -49.15 18.18
CA THR C 423 -23.19 -48.96 19.46
C THR C 423 -22.16 -48.92 20.57
N ILE C 424 -22.25 -47.89 21.41
CA ILE C 424 -21.35 -47.69 22.53
C ILE C 424 -22.13 -47.96 23.82
N VAL C 425 -21.63 -48.91 24.61
CA VAL C 425 -22.27 -49.28 25.87
C VAL C 425 -21.33 -49.02 27.03
N VAL C 426 -21.83 -48.31 28.05
CA VAL C 426 -21.07 -47.98 29.24
C VAL C 426 -21.77 -48.60 30.46
N LYS C 427 -21.04 -49.48 31.16
CA LYS C 427 -21.58 -50.18 32.31
C LYS C 427 -21.31 -49.53 33.66
N ASN C 428 -22.22 -49.79 34.59
CA ASN C 428 -22.15 -49.28 35.97
C ASN C 428 -21.60 -47.88 36.15
N VAL C 429 -22.40 -46.90 35.78
CA VAL C 429 -22.02 -45.50 35.87
C VAL C 429 -22.63 -44.88 37.13
N PRO C 430 -21.78 -44.38 38.05
CA PRO C 430 -22.16 -43.75 39.32
C PRO C 430 -22.86 -42.40 39.10
N THR C 431 -24.04 -42.48 38.50
CA THR C 431 -24.82 -41.29 38.19
C THR C 431 -25.95 -41.10 39.20
N THR C 432 -26.62 -39.96 39.12
CA THR C 432 -27.72 -39.65 40.02
C THR C 432 -28.76 -38.83 39.27
N ILE C 433 -29.87 -38.52 39.91
CA ILE C 433 -30.92 -37.73 39.27
C ILE C 433 -30.41 -36.37 38.84
N GLY C 434 -30.72 -36.01 37.59
CA GLY C 434 -30.27 -34.74 37.04
C GLY C 434 -29.10 -34.99 36.12
N ASP C 435 -28.31 -36.01 36.44
CA ASP C 435 -27.14 -36.35 35.64
C ASP C 435 -27.46 -36.87 34.25
N THR C 436 -26.55 -36.58 33.32
CA THR C 436 -26.65 -37.01 31.94
C THR C 436 -25.26 -37.55 31.57
N VAL C 437 -25.21 -38.62 30.80
CA VAL C 437 -23.93 -39.21 30.41
C VAL C 437 -23.56 -38.90 28.94
N TYR C 438 -22.27 -38.65 28.71
CA TYR C 438 -21.77 -38.33 27.38
C TYR C 438 -20.45 -39.04 27.13
N ILE C 439 -20.00 -38.98 25.88
CA ILE C 439 -18.71 -39.54 25.49
C ILE C 439 -18.00 -38.52 24.59
N THR C 440 -16.67 -38.49 24.68
CA THR C 440 -15.87 -37.59 23.88
C THR C 440 -14.55 -38.31 23.62
N GLY C 441 -13.87 -37.93 22.55
CA GLY C 441 -12.62 -38.60 22.23
C GLY C 441 -11.65 -37.78 21.42
N ASN C 442 -10.59 -38.43 20.97
CA ASN C 442 -9.52 -37.78 20.22
C ASN C 442 -9.84 -37.24 18.83
N ARG C 443 -10.67 -37.93 18.07
CA ARG C 443 -10.99 -37.47 16.72
C ARG C 443 -12.07 -36.40 16.65
N ALA C 444 -12.04 -35.62 15.58
CA ALA C 444 -13.03 -34.54 15.36
C ALA C 444 -14.45 -35.10 15.35
N GLU C 445 -14.57 -36.36 14.92
CA GLU C 445 -15.86 -37.07 14.86
C GLU C 445 -16.36 -37.28 16.29
N LEU C 446 -15.41 -37.41 17.22
CA LEU C 446 -15.70 -37.62 18.63
C LEU C 446 -15.66 -36.32 19.47
N GLY C 447 -15.55 -35.18 18.82
CA GLY C 447 -15.54 -33.92 19.54
C GLY C 447 -14.18 -33.43 19.99
N SER C 448 -13.12 -34.18 19.70
CA SER C 448 -11.77 -33.78 20.08
C SER C 448 -11.57 -33.43 21.57
N TRP C 449 -12.10 -34.29 22.43
CA TRP C 449 -12.01 -34.15 23.88
C TRP C 449 -12.81 -33.02 24.50
N ASP C 450 -13.53 -32.28 23.66
CA ASP C 450 -14.35 -31.18 24.14
C ASP C 450 -15.55 -31.71 24.92
N THR C 451 -15.87 -31.05 26.03
CA THR C 451 -16.99 -31.46 26.86
C THR C 451 -18.11 -30.43 26.87
N LYS C 452 -17.84 -29.26 26.29
CA LYS C 452 -18.83 -28.18 26.31
C LYS C 452 -19.97 -28.22 25.27
N GLN C 453 -19.64 -28.22 23.99
CA GLN C 453 -20.68 -28.23 22.95
C GLN C 453 -20.66 -29.40 21.97
N TYR C 454 -19.48 -30.00 21.77
CA TYR C 454 -19.32 -31.12 20.85
C TYR C 454 -19.49 -32.55 21.41
N PRO C 455 -19.60 -32.74 22.74
CA PRO C 455 -19.76 -34.12 23.21
C PRO C 455 -21.00 -34.83 22.67
N ILE C 456 -20.87 -36.14 22.46
CA ILE C 456 -21.94 -36.98 21.96
C ILE C 456 -22.69 -37.59 23.15
N GLN C 457 -23.97 -37.26 23.27
CA GLN C 457 -24.77 -37.77 24.37
C GLN C 457 -25.16 -39.24 24.25
N LEU C 458 -25.17 -39.93 25.39
CA LEU C 458 -25.58 -41.33 25.43
C LEU C 458 -26.90 -41.37 26.17
N TYR C 459 -27.58 -42.51 26.10
CA TYR C 459 -28.87 -42.64 26.75
C TYR C 459 -28.98 -43.83 27.69
N TYR C 460 -29.85 -43.67 28.69
CA TYR C 460 -30.05 -44.71 29.69
C TYR C 460 -31.11 -45.74 29.33
N ASP C 461 -30.68 -46.99 29.23
CA ASP C 461 -31.58 -48.09 28.94
C ASP C 461 -32.07 -48.69 30.26
N SER C 462 -33.32 -48.40 30.60
CA SER C 462 -33.95 -48.91 31.84
C SER C 462 -33.92 -50.43 31.92
N HIS C 463 -34.05 -51.07 30.77
CA HIS C 463 -34.01 -52.53 30.70
C HIS C 463 -32.63 -53.06 31.05
N SER C 464 -31.62 -52.72 30.24
CA SER C 464 -30.27 -53.21 30.51
C SER C 464 -29.60 -52.48 31.66
N ASN C 465 -30.20 -51.39 32.13
CA ASN C 465 -29.63 -50.59 33.22
C ASN C 465 -28.19 -50.19 32.85
N ASP C 466 -28.06 -49.50 31.73
CA ASP C 466 -26.77 -49.06 31.26
C ASP C 466 -26.94 -47.85 30.37
N TRP C 467 -25.82 -47.22 30.04
CA TRP C 467 -25.86 -46.06 29.18
C TRP C 467 -25.27 -46.50 27.86
N ARG C 468 -26.06 -46.29 26.81
CA ARG C 468 -25.63 -46.67 25.48
C ARG C 468 -26.10 -45.66 24.46
N GLY C 469 -25.48 -45.71 23.29
CA GLY C 469 -25.86 -44.80 22.23
C GLY C 469 -25.32 -45.33 20.92
N ASN C 470 -26.05 -45.10 19.84
CA ASN C 470 -25.59 -45.55 18.54
C ASN C 470 -24.95 -44.35 17.88
N VAL C 471 -23.64 -44.37 17.86
CA VAL C 471 -22.86 -43.28 17.32
C VAL C 471 -22.35 -43.58 15.93
N VAL C 472 -22.27 -42.53 15.11
CA VAL C 472 -21.74 -42.66 13.77
C VAL C 472 -20.24 -42.38 13.91
N LEU C 473 -19.44 -43.37 13.54
CA LEU C 473 -18.00 -43.28 13.66
C LEU C 473 -17.28 -43.52 12.35
N PRO C 474 -16.03 -43.04 12.24
CA PRO C 474 -15.26 -43.23 11.01
C PRO C 474 -14.78 -44.69 10.94
N ALA C 475 -15.34 -45.45 10.01
CA ALA C 475 -14.98 -46.85 9.85
C ALA C 475 -13.49 -47.01 9.55
N GLU C 476 -12.87 -48.00 10.19
CA GLU C 476 -11.45 -48.33 10.02
C GLU C 476 -10.43 -47.31 10.53
N ARG C 477 -10.85 -46.46 11.46
CA ARG C 477 -9.95 -45.49 12.05
C ARG C 477 -9.79 -45.83 13.52
N ASN C 478 -8.59 -45.58 14.05
CA ASN C 478 -8.32 -45.83 15.46
C ASN C 478 -8.87 -44.70 16.30
N ILE C 479 -9.71 -45.03 17.28
CA ILE C 479 -10.27 -44.01 18.15
C ILE C 479 -9.96 -44.27 19.62
N GLU C 480 -9.91 -43.19 20.40
CA GLU C 480 -9.69 -43.22 21.84
C GLU C 480 -10.77 -42.34 22.39
N PHE C 481 -11.42 -42.81 23.45
CA PHE C 481 -12.50 -42.04 24.05
C PHE C 481 -12.70 -42.36 25.52
N LYS C 482 -13.60 -41.60 26.13
CA LYS C 482 -13.92 -41.77 27.53
C LYS C 482 -15.31 -41.21 27.73
N ALA C 483 -16.09 -41.85 28.59
CA ALA C 483 -17.41 -41.37 28.89
C ALA C 483 -17.24 -40.45 30.09
N PHE C 484 -18.22 -39.58 30.32
CA PHE C 484 -18.17 -38.68 31.45
C PHE C 484 -19.58 -38.27 31.82
N ILE C 485 -19.77 -37.89 33.08
CA ILE C 485 -21.07 -37.47 33.59
C ILE C 485 -21.12 -35.96 33.67
N LYS C 486 -22.28 -35.40 33.39
CA LYS C 486 -22.50 -33.97 33.46
C LYS C 486 -23.62 -33.76 34.45
N SER C 487 -23.38 -32.89 35.42
CA SER C 487 -24.37 -32.59 36.44
C SER C 487 -25.53 -31.82 35.82
N LYS C 488 -26.65 -31.76 36.55
CA LYS C 488 -27.86 -31.07 36.07
C LYS C 488 -27.51 -29.65 35.60
N ASP C 489 -26.67 -28.96 36.38
CA ASP C 489 -26.25 -27.60 36.05
C ASP C 489 -25.47 -27.53 34.73
N GLY C 490 -24.97 -28.68 34.28
CA GLY C 490 -24.22 -28.75 33.04
C GLY C 490 -22.71 -28.69 33.18
N THR C 491 -22.19 -29.26 34.26
CA THR C 491 -20.73 -29.27 34.47
C THR C 491 -20.21 -30.69 34.61
N VAL C 492 -19.02 -30.93 34.09
CA VAL C 492 -18.41 -32.26 34.16
C VAL C 492 -18.29 -32.66 35.62
N LYS C 493 -18.99 -33.73 35.98
CA LYS C 493 -18.98 -34.24 37.35
C LYS C 493 -17.82 -35.22 37.53
N SER C 494 -17.72 -36.18 36.61
CA SER C 494 -16.66 -37.17 36.68
C SER C 494 -16.39 -37.81 35.32
N TRP C 495 -15.24 -38.46 35.22
CA TRP C 495 -14.82 -39.13 34.00
C TRP C 495 -14.69 -40.62 34.28
N GLN C 496 -14.75 -41.41 33.22
CA GLN C 496 -14.58 -42.86 33.29
C GLN C 496 -13.12 -43.08 33.72
N THR C 497 -12.89 -44.05 34.58
CA THR C 497 -11.53 -44.32 35.07
C THR C 497 -10.51 -44.69 33.99
N ILE C 498 -10.85 -45.66 33.17
CA ILE C 498 -9.97 -46.13 32.10
C ILE C 498 -10.32 -45.57 30.72
N GLN C 499 -9.32 -45.07 30.00
CA GLN C 499 -9.53 -44.53 28.66
C GLN C 499 -9.79 -45.66 27.66
N GLN C 500 -10.94 -45.60 27.00
CA GLN C 500 -11.34 -46.61 26.03
C GLN C 500 -10.74 -46.38 24.65
N SER C 501 -10.82 -47.41 23.81
CA SER C 501 -10.32 -47.31 22.46
C SER C 501 -10.93 -48.35 21.52
N TRP C 502 -10.77 -48.13 20.23
CA TRP C 502 -11.28 -49.01 19.20
C TRP C 502 -10.29 -48.80 18.06
N ASN C 503 -9.29 -49.66 18.03
CA ASN C 503 -8.24 -49.57 17.03
C ASN C 503 -8.23 -50.77 16.08
N PRO C 504 -8.87 -50.63 14.91
CA PRO C 504 -9.61 -49.45 14.46
C PRO C 504 -11.10 -49.68 14.67
N VAL C 505 -11.91 -48.74 14.19
CA VAL C 505 -13.35 -48.88 14.31
C VAL C 505 -13.72 -49.93 13.26
N PRO C 506 -14.51 -50.95 13.65
CA PRO C 506 -14.89 -51.99 12.68
C PRO C 506 -15.72 -51.46 11.52
N LEU C 507 -15.46 -52.00 10.34
CA LEU C 507 -16.15 -51.62 9.11
C LEU C 507 -17.64 -51.95 9.20
N LYS C 508 -17.97 -53.02 9.90
CA LYS C 508 -19.36 -53.43 10.06
C LYS C 508 -19.88 -53.07 11.44
N THR C 509 -21.19 -52.90 11.55
CA THR C 509 -21.80 -52.53 12.82
C THR C 509 -21.63 -53.61 13.90
N THR C 510 -21.16 -53.17 15.06
CA THR C 510 -20.91 -54.03 16.22
C THR C 510 -21.29 -53.25 17.49
N SER C 511 -20.58 -53.50 18.58
CA SER C 511 -20.81 -52.81 19.83
C SER C 511 -19.52 -52.74 20.62
N HIS C 512 -19.41 -51.72 21.45
CA HIS C 512 -18.25 -51.52 22.30
C HIS C 512 -18.76 -51.30 23.71
N THR C 513 -18.63 -52.32 24.55
CA THR C 513 -19.08 -52.24 25.92
C THR C 513 -17.88 -52.07 26.84
N SER C 514 -18.01 -51.22 27.84
CA SER C 514 -16.94 -50.97 28.81
C SER C 514 -17.60 -50.61 30.13
N SER C 515 -16.80 -50.56 31.18
CA SER C 515 -17.32 -50.20 32.50
C SER C 515 -16.72 -48.86 32.93
N TRP C 516 -17.44 -48.18 33.81
CA TRP C 516 -17.00 -46.89 34.33
C TRP C 516 -15.66 -47.04 35.05
N ALA D 1 -9.13 20.50 -23.55
CA ALA D 1 -8.04 20.18 -24.52
C ALA D 1 -7.26 21.44 -24.85
N VAL D 2 -6.27 21.28 -25.72
CA VAL D 2 -5.43 22.40 -26.15
C VAL D 2 -6.29 23.52 -26.73
N ASN D 3 -5.88 24.76 -26.50
CA ASN D 3 -6.59 25.95 -26.99
C ASN D 3 -7.99 26.12 -26.38
N GLY D 4 -8.19 25.52 -25.21
CA GLY D 4 -9.47 25.63 -24.52
C GLY D 4 -10.63 24.81 -25.07
N LYS D 5 -10.35 23.95 -26.05
CA LYS D 5 -11.39 23.11 -26.63
C LYS D 5 -11.41 21.78 -25.88
N GLY D 6 -11.92 20.73 -26.51
CA GLY D 6 -11.98 19.43 -25.85
C GLY D 6 -11.75 18.28 -26.79
N MET D 7 -12.51 17.20 -26.60
CA MET D 7 -12.41 16.04 -27.46
C MET D 7 -13.16 16.32 -28.77
N ASN D 8 -12.59 15.86 -29.86
CA ASN D 8 -13.16 16.04 -31.19
C ASN D 8 -14.51 15.35 -31.23
N PRO D 9 -15.57 16.11 -31.57
CA PRO D 9 -16.92 15.54 -31.64
C PRO D 9 -17.06 14.43 -32.67
N ASP D 10 -16.09 14.32 -33.56
CA ASP D 10 -16.10 13.29 -34.61
C ASP D 10 -15.23 12.07 -34.27
N TYR D 11 -14.67 12.06 -33.07
CA TYR D 11 -13.82 10.97 -32.61
C TYR D 11 -14.46 9.59 -32.74
N LYS D 12 -13.66 8.64 -33.19
CA LYS D 12 -14.08 7.26 -33.36
C LYS D 12 -12.90 6.34 -33.16
N ALA D 13 -13.15 5.14 -32.62
CA ALA D 13 -12.11 4.16 -32.39
C ALA D 13 -12.22 3.05 -33.44
N TYR D 14 -11.08 2.59 -33.93
CA TYR D 14 -11.03 1.56 -34.95
C TYR D 14 -10.13 0.44 -34.48
N LEU D 15 -10.35 -0.75 -35.02
CA LEU D 15 -9.58 -1.92 -34.67
C LEU D 15 -8.84 -2.42 -35.90
N MET D 16 -7.55 -2.69 -35.77
CA MET D 16 -6.73 -3.20 -36.86
C MET D 16 -6.92 -4.70 -36.98
N ALA D 17 -7.18 -5.15 -38.20
CA ALA D 17 -7.39 -6.56 -38.49
C ALA D 17 -6.07 -7.33 -38.39
N PRO D 18 -6.14 -8.67 -38.32
CA PRO D 18 -4.94 -9.49 -38.23
C PRO D 18 -4.07 -9.28 -39.46
N LEU D 19 -2.80 -9.65 -39.35
CA LEU D 19 -1.88 -9.50 -40.47
C LEU D 19 -2.22 -10.49 -41.59
N LYS D 20 -2.53 -11.72 -41.23
CA LYS D 20 -2.89 -12.74 -42.22
C LYS D 20 -4.40 -12.86 -42.42
N LYS D 21 -4.79 -13.45 -43.56
CA LYS D 21 -6.19 -13.62 -43.91
C LYS D 21 -7.05 -14.25 -42.84
N ILE D 22 -8.27 -13.76 -42.71
CA ILE D 22 -9.23 -14.24 -41.70
C ILE D 22 -9.43 -15.76 -41.69
N PRO D 23 -9.55 -16.40 -42.86
CA PRO D 23 -9.74 -17.85 -42.85
C PRO D 23 -8.54 -18.62 -42.29
N GLU D 24 -7.40 -17.93 -42.17
CA GLU D 24 -6.20 -18.54 -41.63
C GLU D 24 -6.14 -18.39 -40.11
N VAL D 25 -6.69 -17.29 -39.60
CA VAL D 25 -6.70 -16.99 -38.17
C VAL D 25 -7.90 -17.60 -37.45
N THR D 26 -9.06 -17.62 -38.11
CA THR D 26 -10.29 -18.16 -37.55
C THR D 26 -11.21 -18.50 -38.72
N ASN D 27 -12.52 -18.32 -38.57
CA ASN D 27 -13.46 -18.59 -39.64
C ASN D 27 -14.40 -17.39 -39.77
N TRP D 28 -15.15 -17.32 -40.87
CA TRP D 28 -16.04 -16.20 -41.10
C TRP D 28 -17.14 -16.01 -40.07
N GLU D 29 -17.71 -17.12 -39.59
CA GLU D 29 -18.80 -17.03 -38.61
C GLU D 29 -18.32 -16.54 -37.24
N THR D 30 -17.09 -16.92 -36.87
CA THR D 30 -16.52 -16.49 -35.58
C THR D 30 -16.08 -15.03 -35.70
N PHE D 31 -15.49 -14.68 -36.84
CA PHE D 31 -15.04 -13.33 -37.12
C PHE D 31 -16.23 -12.35 -37.00
N GLU D 32 -17.39 -12.75 -37.51
CA GLU D 32 -18.57 -11.91 -37.43
C GLU D 32 -19.02 -11.74 -35.99
N ASN D 33 -18.82 -12.76 -35.17
CA ASN D 33 -19.17 -12.69 -33.75
C ASN D 33 -18.22 -11.71 -33.09
N ASP D 34 -16.94 -11.83 -33.45
CA ASP D 34 -15.89 -10.96 -32.92
C ASP D 34 -16.19 -9.50 -33.24
N LEU D 35 -16.62 -9.22 -34.47
CA LEU D 35 -16.93 -7.85 -34.86
C LEU D 35 -18.07 -7.25 -34.05
N ARG D 36 -19.10 -8.05 -33.77
CA ARG D 36 -20.24 -7.60 -32.96
C ARG D 36 -19.77 -7.28 -31.55
N TRP D 37 -18.83 -8.08 -31.05
CA TRP D 37 -18.27 -7.88 -29.73
C TRP D 37 -17.45 -6.58 -29.72
N ALA D 38 -16.69 -6.34 -30.80
CA ALA D 38 -15.88 -5.11 -30.92
C ALA D 38 -16.77 -3.89 -30.92
N LYS D 39 -17.83 -3.93 -31.72
CA LYS D 39 -18.79 -2.83 -31.83
C LYS D 39 -19.39 -2.55 -30.45
N GLN D 40 -19.61 -3.62 -29.69
CA GLN D 40 -20.15 -3.56 -28.34
C GLN D 40 -19.19 -2.81 -27.41
N ASN D 41 -17.91 -2.82 -27.76
CA ASN D 41 -16.89 -2.15 -26.95
C ASN D 41 -16.42 -0.79 -27.44
N GLY D 42 -17.23 -0.17 -28.30
CA GLY D 42 -16.91 1.16 -28.80
C GLY D 42 -16.21 1.29 -30.13
N PHE D 43 -15.88 0.18 -30.78
CA PHE D 43 -15.22 0.23 -32.08
C PHE D 43 -16.23 0.51 -33.21
N TYR D 44 -15.91 1.48 -34.05
CA TYR D 44 -16.75 1.87 -35.16
C TYR D 44 -16.46 1.10 -36.44
N ALA D 45 -15.20 0.72 -36.63
CA ALA D 45 -14.84 0.02 -37.84
C ALA D 45 -13.55 -0.73 -37.68
N ILE D 46 -13.32 -1.64 -38.62
CA ILE D 46 -12.11 -2.45 -38.66
C ILE D 46 -11.26 -2.01 -39.88
N THR D 47 -9.99 -1.71 -39.65
CA THR D 47 -9.10 -1.33 -40.73
C THR D 47 -8.41 -2.61 -41.17
N VAL D 48 -8.21 -2.78 -42.47
CA VAL D 48 -7.63 -4.01 -42.95
C VAL D 48 -6.73 -3.79 -44.16
N ASP D 49 -5.60 -4.49 -44.18
CA ASP D 49 -4.66 -4.41 -45.29
C ASP D 49 -5.10 -5.33 -46.42
N PHE D 50 -5.16 -4.80 -47.63
CA PHE D 50 -5.48 -5.63 -48.78
C PHE D 50 -4.19 -5.46 -49.56
N TRP D 51 -3.43 -6.56 -49.61
CA TRP D 51 -2.12 -6.62 -50.25
C TRP D 51 -2.08 -6.63 -51.77
N TRP D 52 -1.26 -5.77 -52.36
CA TRP D 52 -1.10 -5.70 -53.79
C TRP D 52 -0.62 -7.06 -54.26
N GLY D 53 0.23 -7.69 -53.44
CA GLY D 53 0.77 -9.00 -53.76
C GLY D 53 -0.29 -10.08 -53.90
N ASP D 54 -1.47 -9.81 -53.37
CA ASP D 54 -2.59 -10.74 -53.46
C ASP D 54 -3.55 -10.36 -54.60
N MET D 55 -3.80 -9.06 -54.75
CA MET D 55 -4.73 -8.53 -55.73
C MET D 55 -4.33 -8.53 -57.20
N GLU D 56 -3.03 -8.50 -57.47
CA GLU D 56 -2.54 -8.48 -58.85
C GLU D 56 -1.29 -9.36 -58.91
N LYS D 57 -1.40 -10.54 -58.33
CA LYS D 57 -0.31 -11.49 -58.24
C LYS D 57 0.32 -12.06 -59.52
N ASN D 58 -0.51 -12.64 -60.39
CA ASN D 58 -0.01 -13.28 -61.59
C ASN D 58 0.47 -12.43 -62.76
N GLY D 59 -0.02 -11.20 -62.86
CA GLY D 59 0.43 -10.38 -63.97
C GLY D 59 -0.36 -9.10 -64.06
N ASP D 60 0.08 -8.22 -64.95
CA ASP D 60 -0.56 -6.93 -65.17
C ASP D 60 -2.05 -7.10 -65.49
N GLN D 61 -2.88 -6.46 -64.68
CA GLN D 61 -4.34 -6.46 -64.81
C GLN D 61 -5.02 -7.80 -64.51
N GLN D 62 -4.28 -8.74 -63.93
CA GLN D 62 -4.85 -10.03 -63.57
C GLN D 62 -5.23 -9.88 -62.10
N PHE D 63 -6.37 -9.23 -61.88
CA PHE D 63 -6.87 -8.92 -60.55
C PHE D 63 -7.62 -10.02 -59.84
N ASP D 64 -7.57 -9.98 -58.51
CA ASP D 64 -8.29 -10.91 -57.65
C ASP D 64 -8.76 -10.12 -56.44
N PHE D 65 -10.04 -9.73 -56.46
CA PHE D 65 -10.61 -8.96 -55.37
C PHE D 65 -11.61 -9.80 -54.58
N SER D 66 -11.64 -11.10 -54.83
CA SER D 66 -12.56 -12.02 -54.17
C SER D 66 -12.49 -11.99 -52.65
N TYR D 67 -11.28 -12.06 -52.10
CA TYR D 67 -11.10 -12.01 -50.65
C TYR D 67 -11.61 -10.70 -50.06
N ALA D 68 -11.27 -9.59 -50.71
CA ALA D 68 -11.68 -8.28 -50.25
C ALA D 68 -13.20 -8.17 -50.22
N GLN D 69 -13.85 -8.66 -51.27
CA GLN D 69 -15.32 -8.62 -51.36
C GLN D 69 -15.97 -9.54 -50.31
N ARG D 70 -15.36 -10.70 -50.08
CA ARG D 70 -15.87 -11.66 -49.09
C ARG D 70 -15.70 -11.08 -47.68
N PHE D 71 -14.58 -10.40 -47.44
CA PHE D 71 -14.31 -9.77 -46.16
C PHE D 71 -15.40 -8.73 -45.93
N ALA D 72 -15.66 -7.92 -46.96
CA ALA D 72 -16.69 -6.88 -46.88
C ALA D 72 -18.07 -7.44 -46.58
N GLN D 73 -18.38 -8.61 -47.12
CA GLN D 73 -19.67 -9.25 -46.87
C GLN D 73 -19.82 -9.58 -45.39
N SER D 74 -18.77 -10.13 -44.78
CA SER D 74 -18.82 -10.46 -43.35
C SER D 74 -18.93 -9.21 -42.49
N VAL D 75 -18.30 -8.12 -42.94
CA VAL D 75 -18.36 -6.86 -42.21
C VAL D 75 -19.80 -6.36 -42.28
N LYS D 76 -20.43 -6.53 -43.42
CA LYS D 76 -21.82 -6.12 -43.62
C LYS D 76 -22.75 -6.97 -42.75
N ASN D 77 -22.50 -8.27 -42.69
CA ASN D 77 -23.31 -9.17 -41.87
C ASN D 77 -23.26 -8.80 -40.39
N ALA D 78 -22.06 -8.47 -39.90
CA ALA D 78 -21.87 -8.10 -38.50
C ALA D 78 -22.37 -6.71 -38.17
N GLY D 79 -22.86 -5.99 -39.18
CA GLY D 79 -23.36 -4.63 -38.95
C GLY D 79 -22.25 -3.65 -38.62
N MET D 80 -21.07 -3.86 -39.20
CA MET D 80 -19.91 -3.00 -38.96
C MET D 80 -19.50 -2.18 -40.17
N LYS D 81 -18.49 -1.33 -39.98
CA LYS D 81 -17.92 -0.50 -41.04
C LYS D 81 -16.47 -0.96 -41.20
N MET D 82 -15.88 -0.70 -42.37
CA MET D 82 -14.49 -1.07 -42.59
C MET D 82 -13.71 0.07 -43.24
N ILE D 83 -12.40 0.03 -43.07
CA ILE D 83 -11.50 1.02 -43.66
C ILE D 83 -10.39 0.26 -44.35
N PRO D 84 -10.55 0.03 -45.68
CA PRO D 84 -9.51 -0.69 -46.40
C PRO D 84 -8.21 0.09 -46.63
N ILE D 85 -7.10 -0.62 -46.58
CA ILE D 85 -5.80 -0.03 -46.85
C ILE D 85 -5.36 -0.75 -48.11
N ILE D 86 -5.10 0.00 -49.17
CA ILE D 86 -4.63 -0.60 -50.40
C ILE D 86 -3.12 -0.69 -50.21
N SER D 87 -2.71 -1.81 -49.63
CA SER D 87 -1.31 -2.04 -49.31
C SER D 87 -0.40 -2.41 -50.46
N THR D 88 0.21 -1.39 -51.05
CA THR D 88 1.14 -1.57 -52.16
C THR D 88 2.58 -1.80 -51.68
N HIS D 89 2.71 -2.19 -50.42
CA HIS D 89 4.01 -2.48 -49.80
C HIS D 89 4.06 -3.95 -49.40
N GLN D 90 5.25 -4.44 -49.12
CA GLN D 90 5.46 -5.83 -48.74
C GLN D 90 5.08 -6.08 -47.28
N CYS D 91 4.47 -7.23 -47.03
CA CYS D 91 4.11 -7.59 -45.67
C CYS D 91 5.08 -8.65 -45.18
N GLY D 92 5.71 -8.37 -44.04
CA GLY D 92 6.65 -9.30 -43.43
C GLY D 92 7.79 -9.76 -44.31
N GLY D 93 7.81 -11.05 -44.62
CA GLY D 93 8.87 -11.64 -45.42
C GLY D 93 10.15 -11.78 -44.59
N ASN D 94 10.03 -11.47 -43.30
CA ASN D 94 11.16 -11.52 -42.37
C ASN D 94 11.31 -12.87 -41.68
N VAL D 95 12.24 -12.91 -40.73
CA VAL D 95 12.55 -14.09 -39.94
C VAL D 95 11.30 -14.78 -39.36
N GLY D 96 10.84 -15.84 -40.04
CA GLY D 96 9.66 -16.57 -39.60
C GLY D 96 8.52 -15.63 -39.21
N ASP D 97 8.45 -14.50 -39.91
CA ASP D 97 7.44 -13.48 -39.63
C ASP D 97 6.00 -13.98 -39.75
N ASP D 98 5.11 -13.30 -39.06
CA ASP D 98 3.68 -13.62 -39.06
C ASP D 98 3.06 -13.09 -40.37
N CYS D 99 3.88 -13.01 -41.40
CA CYS D 99 3.43 -12.48 -42.68
C CYS D 99 4.50 -12.61 -43.74
N ASN D 100 4.07 -12.78 -44.99
CA ASN D 100 4.98 -12.85 -46.13
C ASN D 100 4.25 -12.65 -47.45
N VAL D 101 4.05 -11.38 -47.80
CA VAL D 101 3.37 -11.02 -49.04
C VAL D 101 4.14 -9.89 -49.74
N PRO D 102 5.10 -10.25 -50.59
CA PRO D 102 5.89 -9.25 -51.32
C PRO D 102 5.04 -8.67 -52.44
N ILE D 103 5.41 -7.51 -52.96
CA ILE D 103 4.63 -6.92 -54.03
C ILE D 103 4.82 -7.83 -55.26
N PRO D 104 3.87 -7.82 -56.21
CA PRO D 104 3.95 -8.66 -57.41
C PRO D 104 5.34 -8.71 -58.08
N SER D 105 5.89 -9.91 -58.24
CA SER D 105 7.21 -10.10 -58.84
C SER D 105 7.34 -9.54 -60.26
N TRP D 106 6.26 -9.62 -61.04
CA TRP D 106 6.29 -9.11 -62.41
C TRP D 106 6.60 -7.62 -62.49
N VAL D 107 6.32 -6.89 -61.41
CA VAL D 107 6.58 -5.46 -61.38
C VAL D 107 8.07 -5.15 -61.46
N TRP D 108 8.89 -6.03 -60.87
CA TRP D 108 10.34 -5.83 -60.88
C TRP D 108 10.95 -6.06 -62.26
N ASN D 109 10.21 -6.70 -63.15
CA ASN D 109 10.67 -6.98 -64.51
C ASN D 109 10.29 -5.90 -65.50
N GLN D 110 9.77 -4.78 -65.01
CA GLN D 110 9.37 -3.68 -65.90
C GLN D 110 10.58 -2.88 -66.41
N LYS D 111 11.67 -2.89 -65.65
CA LYS D 111 12.89 -2.18 -66.04
C LYS D 111 14.16 -2.92 -65.67
N SER D 112 15.21 -2.70 -66.45
CA SER D 112 16.50 -3.34 -66.20
C SER D 112 17.51 -2.41 -65.53
N ASP D 113 17.08 -1.16 -65.28
CA ASP D 113 17.92 -0.21 -64.57
C ASP D 113 17.56 -0.38 -63.07
N ASP D 114 17.97 0.55 -62.21
CA ASP D 114 17.66 0.41 -60.79
C ASP D 114 16.69 1.48 -60.24
N SER D 115 15.82 1.98 -61.12
CA SER D 115 14.84 3.03 -60.77
C SER D 115 13.72 2.60 -59.82
N LEU D 116 13.45 1.30 -59.76
CA LEU D 116 12.36 0.77 -58.94
C LEU D 116 12.63 0.50 -57.46
N TYR D 117 13.88 0.31 -57.07
CA TYR D 117 14.20 0.01 -55.67
C TYR D 117 15.08 1.02 -54.96
N PHE D 118 15.48 0.67 -53.73
CA PHE D 118 16.31 1.53 -52.91
C PHE D 118 17.68 0.94 -52.64
N LYS D 119 18.65 1.81 -52.41
CA LYS D 119 20.02 1.41 -52.10
C LYS D 119 20.56 2.42 -51.09
N SER D 120 21.06 1.93 -49.97
CA SER D 120 21.57 2.78 -48.90
C SER D 120 23.00 3.27 -49.15
N GLU D 121 23.48 4.07 -48.21
CA GLU D 121 24.83 4.62 -48.26
C GLU D 121 25.85 3.50 -48.37
N THR D 122 25.54 2.37 -47.74
CA THR D 122 26.43 1.21 -47.75
C THR D 122 26.04 0.14 -48.77
N GLY D 123 25.21 0.52 -49.75
CA GLY D 123 24.80 -0.39 -50.79
C GLY D 123 23.76 -1.44 -50.46
N THR D 124 22.95 -1.21 -49.45
CA THR D 124 21.91 -2.17 -49.09
C THR D 124 20.70 -1.92 -49.99
N VAL D 125 20.21 -2.99 -50.61
CA VAL D 125 19.07 -2.91 -51.51
C VAL D 125 17.75 -3.23 -50.81
N ASN D 126 16.76 -2.35 -51.00
CA ASN D 126 15.45 -2.53 -50.40
C ASN D 126 14.36 -2.61 -51.47
N LYS D 127 13.50 -3.63 -51.37
CA LYS D 127 12.42 -3.84 -52.33
C LYS D 127 11.05 -3.97 -51.65
N GLU D 128 10.90 -3.41 -50.46
CA GLU D 128 9.63 -3.49 -49.73
C GLU D 128 8.51 -2.72 -50.42
N THR D 129 8.87 -1.74 -51.22
CA THR D 129 7.89 -0.91 -51.92
C THR D 129 8.60 -0.27 -53.10
N LEU D 130 7.84 0.29 -54.02
CA LEU D 130 8.39 0.94 -55.20
C LEU D 130 8.99 2.29 -54.85
N ASN D 131 10.15 2.59 -55.44
CA ASN D 131 10.81 3.86 -55.22
C ASN D 131 9.90 4.95 -55.81
N PRO D 132 9.56 5.99 -55.01
CA PRO D 132 8.69 7.06 -55.50
C PRO D 132 9.26 7.78 -56.72
N LEU D 133 10.54 7.55 -57.02
CA LEU D 133 11.18 8.17 -58.19
C LEU D 133 10.63 7.59 -59.49
N ALA D 134 10.15 6.34 -59.44
CA ALA D 134 9.57 5.68 -60.59
C ALA D 134 8.11 6.12 -60.71
N SER D 135 7.91 7.42 -60.87
CA SER D 135 6.58 8.01 -60.96
C SER D 135 5.76 7.49 -62.12
N ASP D 136 6.43 7.13 -63.20
CA ASP D 136 5.77 6.60 -64.38
C ASP D 136 5.15 5.22 -64.12
N VAL D 137 5.90 4.34 -63.48
CA VAL D 137 5.40 3.02 -63.17
C VAL D 137 4.30 3.12 -62.12
N ILE D 138 4.50 4.01 -61.15
CA ILE D 138 3.53 4.21 -60.07
C ILE D 138 2.20 4.77 -60.59
N ARG D 139 2.28 5.79 -61.44
CA ARG D 139 1.08 6.41 -62.01
C ARG D 139 0.25 5.35 -62.73
N LYS D 140 0.93 4.47 -63.47
CA LYS D 140 0.25 3.43 -64.19
C LYS D 140 -0.35 2.38 -63.26
N GLU D 141 0.50 1.65 -62.55
CA GLU D 141 0.08 0.58 -61.64
C GLU D 141 -0.87 0.98 -60.51
N TYR D 142 -0.57 2.06 -59.80
CA TYR D 142 -1.43 2.50 -58.72
C TYR D 142 -2.75 3.00 -59.29
N GLY D 143 -2.69 3.72 -60.40
CA GLY D 143 -3.90 4.22 -61.02
C GLY D 143 -4.82 3.08 -61.42
N GLU D 144 -4.25 2.04 -62.04
CA GLU D 144 -5.02 0.86 -62.47
C GLU D 144 -5.58 0.10 -61.27
N LEU D 145 -4.77 -0.07 -60.23
CA LEU D 145 -5.19 -0.78 -59.01
C LEU D 145 -6.33 -0.07 -58.28
N TYR D 146 -6.19 1.23 -58.07
CA TYR D 146 -7.22 2.03 -57.40
C TYR D 146 -8.54 1.99 -58.14
N THR D 147 -8.46 2.04 -59.47
CA THR D 147 -9.65 2.02 -60.32
C THR D 147 -10.33 0.66 -60.33
N ALA D 148 -9.53 -0.39 -60.39
CA ALA D 148 -10.07 -1.74 -60.38
C ALA D 148 -10.65 -2.06 -59.00
N PHE D 149 -10.02 -1.55 -57.94
CA PHE D 149 -10.47 -1.79 -56.59
C PHE D 149 -11.81 -1.11 -56.35
N ALA D 150 -11.94 0.13 -56.82
CA ALA D 150 -13.18 0.88 -56.65
C ALA D 150 -14.37 0.19 -57.30
N ALA D 151 -14.13 -0.37 -58.48
CA ALA D 151 -15.15 -1.08 -59.26
C ALA D 151 -15.59 -2.35 -58.54
N ALA D 152 -14.64 -3.05 -57.93
CA ALA D 152 -14.92 -4.29 -57.20
C ALA D 152 -15.69 -4.04 -55.90
N MET D 153 -15.32 -2.98 -55.19
CA MET D 153 -15.95 -2.65 -53.91
C MET D 153 -17.18 -1.78 -54.02
N LYS D 154 -17.51 -1.35 -55.24
CA LYS D 154 -18.68 -0.52 -55.47
C LYS D 154 -19.95 -1.06 -54.81
N PRO D 155 -20.19 -2.39 -54.87
CA PRO D 155 -21.41 -2.91 -54.23
C PRO D 155 -21.43 -2.80 -52.69
N TYR D 156 -20.26 -2.65 -52.08
CA TYR D 156 -20.16 -2.57 -50.62
C TYR D 156 -19.80 -1.17 -50.13
N LYS D 157 -20.11 -0.17 -50.94
CA LYS D 157 -19.80 1.21 -50.57
C LYS D 157 -20.45 1.63 -49.26
N ASP D 158 -21.59 1.01 -48.95
CA ASP D 158 -22.31 1.32 -47.73
C ASP D 158 -21.61 0.89 -46.44
N VAL D 159 -20.60 0.02 -46.54
CA VAL D 159 -19.86 -0.44 -45.36
C VAL D 159 -18.45 0.14 -45.27
N ILE D 160 -18.04 0.91 -46.28
CA ILE D 160 -16.71 1.51 -46.31
C ILE D 160 -16.77 2.92 -45.72
N ALA D 161 -16.03 3.16 -44.64
CA ALA D 161 -16.02 4.47 -43.98
C ALA D 161 -14.88 5.39 -44.39
N LYS D 162 -13.80 4.80 -44.91
CA LYS D 162 -12.63 5.57 -45.31
C LYS D 162 -11.72 4.63 -46.08
N ILE D 163 -10.79 5.20 -46.82
CA ILE D 163 -9.84 4.42 -47.59
C ILE D 163 -8.44 4.94 -47.31
N TYR D 164 -7.53 4.03 -46.94
CA TYR D 164 -6.15 4.37 -46.65
C TYR D 164 -5.30 4.00 -47.85
N LEU D 165 -4.23 4.75 -48.07
CA LEU D 165 -3.29 4.48 -49.15
C LEU D 165 -1.93 4.20 -48.50
N SER D 166 -1.10 3.43 -49.20
CA SER D 166 0.24 3.12 -48.70
C SER D 166 1.27 4.06 -49.38
N GLY D 167 1.92 4.90 -48.60
CA GLY D 167 2.90 5.82 -49.16
C GLY D 167 4.32 5.29 -49.20
N GLY D 168 4.54 4.11 -48.64
CA GLY D 168 5.87 3.55 -48.62
C GLY D 168 5.97 2.33 -47.75
N PRO D 169 7.13 2.10 -47.11
CA PRO D 169 7.41 0.96 -46.23
C PRO D 169 6.43 0.93 -45.05
N ALA D 170 5.93 -0.27 -44.76
CA ALA D 170 4.98 -0.47 -43.67
C ALA D 170 3.71 0.38 -43.82
N GLY D 171 3.44 0.85 -45.03
CA GLY D 171 2.26 1.65 -45.27
C GLY D 171 2.42 3.10 -44.87
N GLU D 172 3.66 3.52 -44.65
CA GLU D 172 3.93 4.88 -44.24
C GLU D 172 4.71 5.64 -45.31
N LEU D 173 4.41 6.92 -45.46
CA LEU D 173 5.11 7.77 -46.43
C LEU D 173 6.50 8.08 -45.87
N ARG D 174 7.49 7.32 -46.31
CA ARG D 174 8.87 7.51 -45.85
C ARG D 174 9.81 6.63 -46.68
N TYR D 175 11.09 6.67 -46.33
CA TYR D 175 12.09 5.85 -47.01
C TYR D 175 12.38 4.69 -46.07
N PRO D 176 12.85 3.56 -46.60
CA PRO D 176 13.17 2.40 -45.76
C PRO D 176 14.54 2.62 -45.07
N SER D 177 14.66 3.74 -44.37
CA SER D 177 15.90 4.11 -43.71
C SER D 177 16.29 3.28 -42.50
N TYR D 178 15.29 2.73 -41.80
CA TYR D 178 15.59 1.91 -40.63
C TYR D 178 15.23 0.44 -40.81
N THR D 179 16.25 -0.37 -41.10
CA THR D 179 16.05 -1.80 -41.31
C THR D 179 17.20 -2.60 -40.68
N THR D 180 16.90 -3.85 -40.33
CA THR D 180 17.88 -4.74 -39.72
C THR D 180 19.06 -5.03 -40.65
N SER D 181 18.75 -5.29 -41.92
CA SER D 181 19.77 -5.60 -42.93
C SER D 181 20.76 -4.46 -43.14
N ASP D 182 20.26 -3.23 -43.16
CA ASP D 182 21.10 -2.06 -43.37
C ASP D 182 21.80 -1.66 -42.08
N GLY D 183 21.51 -2.39 -41.00
CA GLY D 183 22.09 -2.10 -39.70
C GLY D 183 21.65 -0.75 -39.16
N THR D 184 20.46 -0.30 -39.57
CA THR D 184 19.94 0.99 -39.15
C THR D 184 18.67 0.86 -38.31
N GLY D 185 18.47 -0.32 -37.72
CA GLY D 185 17.30 -0.52 -36.89
C GLY D 185 17.36 0.33 -35.62
N TYR D 186 16.20 0.54 -35.01
CA TYR D 186 16.09 1.31 -33.77
C TYR D 186 17.08 0.72 -32.75
N PRO D 187 17.79 1.57 -31.97
CA PRO D 187 17.78 3.03 -31.93
C PRO D 187 18.89 3.74 -32.70
N SER D 188 19.44 3.09 -33.73
CA SER D 188 20.52 3.67 -34.51
C SER D 188 20.07 4.78 -35.44
N ARG D 189 21.02 5.55 -35.94
CA ARG D 189 20.70 6.62 -36.88
C ARG D 189 20.37 5.92 -38.19
N GLY D 190 19.64 6.59 -39.07
CA GLY D 190 19.31 5.98 -40.34
C GLY D 190 20.26 6.35 -41.47
N LYS D 191 20.28 5.54 -42.51
CA LYS D 191 21.11 5.81 -43.68
C LYS D 191 20.21 6.34 -44.79
N PHE D 192 20.71 7.28 -45.59
CA PHE D 192 19.94 7.83 -46.69
C PHE D 192 19.73 6.73 -47.75
N GLN D 193 18.58 6.77 -48.42
CA GLN D 193 18.25 5.74 -49.41
C GLN D 193 18.17 6.29 -50.84
N ALA D 194 19.17 7.05 -51.25
CA ALA D 194 19.17 7.61 -52.59
C ALA D 194 20.48 7.33 -53.32
N TYR D 195 20.96 6.10 -53.21
CA TYR D 195 22.23 5.75 -53.84
C TYR D 195 22.15 4.83 -55.07
N THR D 196 20.99 4.76 -55.69
CA THR D 196 20.86 3.96 -56.91
C THR D 196 21.29 4.95 -57.97
N GLU D 197 21.76 4.46 -59.11
CA GLU D 197 22.20 5.35 -60.17
C GLU D 197 21.04 6.23 -60.64
N PHE D 198 19.85 5.66 -60.67
CA PHE D 198 18.67 6.40 -61.08
C PHE D 198 18.42 7.58 -60.15
N ALA D 199 18.63 7.37 -58.84
CA ALA D 199 18.43 8.42 -57.84
C ALA D 199 19.47 9.54 -57.98
N LYS D 200 20.71 9.15 -58.24
CA LYS D 200 21.81 10.09 -58.41
C LYS D 200 21.59 11.04 -59.60
N SER D 201 21.18 10.49 -60.73
CA SER D 201 20.92 11.30 -61.91
C SER D 201 19.76 12.23 -61.67
N LYS D 202 18.73 11.73 -60.99
CA LYS D 202 17.57 12.54 -60.69
C LYS D 202 17.95 13.73 -59.82
N PHE D 203 18.82 13.49 -58.83
CA PHE D 203 19.27 14.58 -57.95
C PHE D 203 20.10 15.56 -58.79
N ARG D 204 21.02 15.02 -59.58
CA ARG D 204 21.89 15.78 -60.46
C ARG D 204 21.05 16.68 -61.38
N LEU D 205 20.01 16.09 -61.99
CA LEU D 205 19.11 16.82 -62.88
C LEU D 205 18.35 17.91 -62.15
N TRP D 206 17.92 17.61 -60.93
CA TRP D 206 17.17 18.58 -60.11
C TRP D 206 18.07 19.79 -59.78
N VAL D 207 19.30 19.50 -59.37
CA VAL D 207 20.26 20.55 -59.05
C VAL D 207 20.52 21.40 -60.29
N LEU D 208 21.06 20.75 -61.32
CA LEU D 208 21.38 21.41 -62.59
C LEU D 208 20.19 22.21 -63.13
N ASN D 209 18.99 21.69 -62.90
CA ASN D 209 17.78 22.36 -63.36
C ASN D 209 17.51 23.61 -62.55
N LYS D 210 17.89 23.57 -61.27
CA LYS D 210 17.66 24.71 -60.38
C LYS D 210 18.62 25.87 -60.60
N TYR D 211 19.90 25.55 -60.79
CA TYR D 211 20.94 26.55 -60.98
C TYR D 211 21.34 26.82 -62.43
N GLY D 212 21.00 25.89 -63.32
CA GLY D 212 21.31 26.08 -64.73
C GLY D 212 22.71 25.66 -65.14
N SER D 213 23.72 26.28 -64.56
CA SER D 213 25.09 25.96 -64.92
C SER D 213 25.91 25.36 -63.78
N LEU D 214 26.80 24.44 -64.11
CA LEU D 214 27.67 23.81 -63.13
C LEU D 214 28.37 24.92 -62.36
N ASN D 215 28.65 26.01 -63.07
CA ASN D 215 29.29 27.19 -62.50
C ASN D 215 28.37 27.74 -61.41
N GLU D 216 27.11 28.02 -61.78
CA GLU D 216 26.11 28.55 -60.85
C GLU D 216 25.96 27.63 -59.63
N VAL D 217 26.07 26.33 -59.86
CA VAL D 217 25.98 25.34 -58.79
C VAL D 217 27.15 25.53 -57.85
N ASN D 218 28.35 25.62 -58.43
CA ASN D 218 29.57 25.82 -57.65
C ASN D 218 29.49 27.11 -56.87
N LYS D 219 28.91 28.15 -57.48
CA LYS D 219 28.77 29.42 -56.80
C LYS D 219 27.87 29.29 -55.58
N ALA D 220 26.64 28.81 -55.80
CA ALA D 220 25.65 28.62 -54.72
C ALA D 220 26.17 27.71 -53.59
N TRP D 221 26.78 26.59 -53.96
CA TRP D 221 27.32 25.66 -52.98
C TRP D 221 28.71 26.08 -52.50
N GLY D 222 29.29 27.07 -53.18
CA GLY D 222 30.61 27.54 -52.80
C GLY D 222 31.60 26.38 -52.90
N THR D 223 31.42 25.55 -53.93
CA THR D 223 32.27 24.40 -54.14
C THR D 223 33.02 24.50 -55.45
N LYS D 224 33.94 23.57 -55.67
CA LYS D 224 34.69 23.53 -56.92
C LYS D 224 34.55 22.17 -57.59
N LEU D 225 33.37 21.96 -58.17
CA LEU D 225 33.09 20.72 -58.87
C LEU D 225 33.57 20.91 -60.31
N ILE D 226 34.27 19.92 -60.83
CA ILE D 226 34.78 19.97 -62.19
C ILE D 226 33.71 19.57 -63.20
N SER D 227 32.83 18.65 -62.81
CA SER D 227 31.75 18.17 -63.68
C SER D 227 30.48 17.86 -62.91
N GLU D 228 29.39 17.65 -63.64
CA GLU D 228 28.10 17.33 -63.05
C GLU D 228 28.13 15.94 -62.43
N LEU D 229 29.00 15.09 -62.96
CA LEU D 229 29.14 13.73 -62.47
C LEU D 229 29.65 13.66 -61.03
N ALA D 230 30.03 14.82 -60.49
CA ALA D 230 30.51 14.91 -59.11
C ALA D 230 29.38 15.38 -58.21
N ILE D 231 28.29 15.86 -58.82
CA ILE D 231 27.11 16.32 -58.10
C ILE D 231 26.45 15.06 -57.55
N LEU D 232 26.83 14.67 -56.34
CA LEU D 232 26.30 13.47 -55.71
C LEU D 232 25.73 13.70 -54.32
N PRO D 233 24.93 12.75 -53.83
CA PRO D 233 24.32 12.83 -52.49
C PRO D 233 25.46 12.63 -51.49
N PRO D 234 25.24 12.93 -50.19
CA PRO D 234 26.29 12.77 -49.20
C PRO D 234 27.07 11.45 -49.22
N SER D 235 28.39 11.56 -49.33
CA SER D 235 29.28 10.41 -49.35
C SER D 235 29.41 9.81 -47.94
N ASP D 236 29.07 10.61 -46.94
CA ASP D 236 29.13 10.17 -45.54
C ASP D 236 27.90 10.74 -44.84
N GLY D 237 26.96 9.85 -44.51
CA GLY D 237 25.73 10.27 -43.85
C GLY D 237 25.92 10.80 -42.44
N GLU D 238 26.80 10.19 -41.67
CA GLU D 238 27.07 10.62 -40.30
C GLU D 238 27.59 12.04 -40.25
N GLN D 239 28.61 12.32 -41.06
CA GLN D 239 29.20 13.65 -41.14
C GLN D 239 28.14 14.63 -41.63
N PHE D 240 27.35 14.21 -42.62
CA PHE D 240 26.31 15.06 -43.16
C PHE D 240 25.28 15.41 -42.07
N LEU D 241 24.97 14.44 -41.22
CA LEU D 241 24.01 14.65 -40.13
C LEU D 241 24.63 15.48 -39.00
N MET D 242 25.95 15.37 -38.84
CA MET D 242 26.67 16.13 -37.82
C MET D 242 26.69 17.62 -38.15
N ASN D 243 27.01 17.95 -39.40
CA ASN D 243 27.06 19.35 -39.80
C ASN D 243 26.93 19.59 -41.31
N GLY D 244 27.04 18.54 -42.11
CA GLY D 244 26.91 18.72 -43.54
C GLY D 244 25.57 19.31 -43.95
N TYR D 245 24.54 19.01 -43.17
CA TYR D 245 23.18 19.49 -43.43
C TYR D 245 23.04 21.00 -43.34
N LEU D 246 23.96 21.65 -42.65
CA LEU D 246 23.89 23.10 -42.47
C LEU D 246 24.24 23.91 -43.71
N SER D 247 24.96 23.30 -44.65
CA SER D 247 25.38 23.98 -45.87
C SER D 247 24.27 24.16 -46.90
N MET D 248 24.50 25.01 -47.89
CA MET D 248 23.53 25.25 -48.95
C MET D 248 23.29 23.93 -49.67
N TYR D 249 24.37 23.19 -49.88
CA TYR D 249 24.28 21.88 -50.52
C TYR D 249 23.34 21.03 -49.69
N GLY D 250 23.64 20.96 -48.40
CA GLY D 250 22.85 20.18 -47.45
C GLY D 250 21.38 20.55 -47.48
N LYS D 251 21.12 21.85 -47.59
CA LYS D 251 19.75 22.33 -47.64
C LYS D 251 19.09 21.92 -48.97
N ASP D 252 19.89 21.82 -50.02
CA ASP D 252 19.38 21.43 -51.34
C ASP D 252 19.10 19.94 -51.44
N TYR D 253 20.00 19.13 -50.92
CA TYR D 253 19.80 17.68 -50.95
C TYR D 253 18.54 17.31 -50.19
N LEU D 254 18.40 17.83 -48.99
CA LEU D 254 17.23 17.54 -48.18
C LEU D 254 15.95 17.99 -48.86
N GLU D 255 15.99 19.12 -49.54
CA GLU D 255 14.81 19.62 -50.25
C GLU D 255 14.41 18.63 -51.36
N TRP D 256 15.41 18.08 -52.04
CA TRP D 256 15.17 17.10 -53.08
C TRP D 256 14.63 15.83 -52.44
N TYR D 257 15.38 15.33 -51.45
CA TYR D 257 15.04 14.10 -50.74
C TYR D 257 13.62 14.07 -50.19
N GLN D 258 13.19 15.15 -49.54
CA GLN D 258 11.85 15.20 -48.99
C GLN D 258 10.83 15.54 -50.06
N GLY D 259 11.26 16.25 -51.10
CA GLY D 259 10.38 16.61 -52.19
C GLY D 259 9.82 15.39 -52.91
N ILE D 260 10.62 14.34 -52.97
CA ILE D 260 10.21 13.10 -53.62
C ILE D 260 8.95 12.56 -52.92
N LEU D 261 9.00 12.56 -51.59
CA LEU D 261 7.88 12.09 -50.79
C LEU D 261 6.66 12.99 -50.96
N GLU D 262 6.90 14.29 -51.02
CA GLU D 262 5.81 15.26 -51.18
C GLU D 262 5.15 15.15 -52.54
N ASN D 263 5.94 14.83 -53.56
CA ASN D 263 5.42 14.67 -54.92
C ASN D 263 4.63 13.37 -55.00
N HIS D 264 5.15 12.35 -54.31
CA HIS D 264 4.51 11.03 -54.27
C HIS D 264 3.13 11.20 -53.64
N THR D 265 3.09 11.94 -52.55
CA THR D 265 1.84 12.20 -51.84
C THR D 265 0.82 12.84 -52.78
N LYS D 266 1.28 13.81 -53.57
CA LYS D 266 0.39 14.50 -54.49
C LYS D 266 -0.08 13.61 -55.65
N LEU D 267 0.80 12.74 -56.12
CA LEU D 267 0.49 11.82 -57.22
C LEU D 267 -0.60 10.85 -56.78
N ILE D 268 -0.29 10.03 -55.77
CA ILE D 268 -1.25 9.04 -55.28
C ILE D 268 -2.55 9.64 -54.75
N GLY D 269 -2.49 10.87 -54.25
CA GLY D 269 -3.69 11.53 -53.77
C GLY D 269 -4.59 11.84 -54.95
N GLU D 270 -3.97 12.20 -56.07
CA GLU D 270 -4.68 12.53 -57.32
C GLU D 270 -5.36 11.28 -57.87
N LEU D 271 -4.61 10.19 -57.94
CA LEU D 271 -5.12 8.93 -58.44
C LEU D 271 -6.27 8.40 -57.57
N ALA D 272 -6.08 8.45 -56.25
CA ALA D 272 -7.09 7.97 -55.32
C ALA D 272 -8.38 8.76 -55.44
N HIS D 273 -8.28 10.08 -55.39
CA HIS D 273 -9.47 10.91 -55.50
C HIS D 273 -10.21 10.67 -56.81
N ASN D 274 -9.46 10.45 -57.88
CA ASN D 274 -10.08 10.19 -59.16
C ASN D 274 -10.83 8.87 -59.13
N ALA D 275 -10.25 7.87 -58.48
CA ALA D 275 -10.86 6.56 -58.42
C ALA D 275 -12.01 6.38 -57.43
N PHE D 276 -11.95 7.08 -56.30
CA PHE D 276 -12.96 6.91 -55.24
C PHE D 276 -14.01 7.98 -54.99
N ASP D 277 -13.68 9.24 -55.28
CA ASP D 277 -14.61 10.34 -55.01
C ASP D 277 -16.05 10.20 -55.47
N THR D 278 -16.26 9.85 -56.74
CA THR D 278 -17.61 9.71 -57.29
C THR D 278 -18.40 8.57 -56.66
N THR D 279 -17.82 7.38 -56.68
CA THR D 279 -18.46 6.20 -56.14
C THR D 279 -18.65 6.19 -54.62
N PHE D 280 -17.54 6.26 -53.89
CA PHE D 280 -17.59 6.18 -52.44
C PHE D 280 -17.78 7.46 -51.65
N GLN D 281 -17.20 8.56 -52.12
CA GLN D 281 -17.30 9.85 -51.44
C GLN D 281 -16.97 9.79 -49.95
N VAL D 282 -15.80 9.25 -49.63
CA VAL D 282 -15.34 9.12 -48.26
C VAL D 282 -13.95 9.72 -48.10
N PRO D 283 -13.52 9.99 -46.85
CA PRO D 283 -12.19 10.55 -46.59
C PRO D 283 -11.13 9.55 -47.04
N ILE D 284 -10.01 10.06 -47.54
CA ILE D 284 -8.90 9.23 -47.97
C ILE D 284 -7.71 9.66 -47.10
N GLY D 285 -6.91 8.71 -46.64
CA GLY D 285 -5.80 9.09 -45.79
C GLY D 285 -4.52 8.38 -46.10
N ALA D 286 -3.45 8.79 -45.40
CA ALA D 286 -2.13 8.19 -45.54
C ALA D 286 -1.47 8.30 -44.17
N LYS D 287 -0.38 7.59 -43.97
CA LYS D 287 0.31 7.57 -42.67
C LYS D 287 1.71 8.14 -42.67
N ILE D 288 2.12 8.63 -41.51
CA ILE D 288 3.44 9.18 -41.28
C ILE D 288 3.97 8.43 -40.06
N ALA D 289 5.18 7.89 -40.17
CA ALA D 289 5.77 7.12 -39.08
C ALA D 289 6.25 8.01 -37.92
N GLY D 290 6.34 7.43 -36.73
CA GLY D 290 6.81 8.16 -35.57
C GLY D 290 8.27 7.78 -35.37
N VAL D 291 9.18 8.46 -36.07
CA VAL D 291 10.60 8.18 -35.96
C VAL D 291 11.16 9.03 -34.82
N HIS D 292 10.82 8.62 -33.60
CA HIS D 292 11.18 9.32 -32.36
C HIS D 292 12.62 9.26 -31.85
N TRP D 293 13.40 8.27 -32.28
CA TRP D 293 14.77 8.15 -31.79
C TRP D 293 15.78 9.05 -32.49
N GLN D 294 16.87 9.33 -31.79
CA GLN D 294 17.95 10.22 -32.24
C GLN D 294 17.38 11.62 -32.46
N TYR D 295 16.24 11.87 -31.84
CA TYR D 295 15.54 13.13 -31.96
C TYR D 295 16.40 14.26 -31.41
N ASN D 296 16.76 14.17 -30.13
CA ASN D 296 17.56 15.21 -29.48
C ASN D 296 19.03 14.84 -29.33
N ASN D 297 19.57 14.09 -30.27
CA ASN D 297 20.99 13.72 -30.21
C ASN D 297 21.77 15.01 -30.43
N PRO D 298 22.74 15.29 -29.56
CA PRO D 298 23.58 16.50 -29.64
C PRO D 298 24.48 16.57 -30.88
N THR D 299 25.14 15.48 -31.23
CA THR D 299 26.02 15.49 -32.39
C THR D 299 25.29 15.28 -33.72
N ILE D 300 24.40 14.29 -33.77
CA ILE D 300 23.63 14.01 -34.98
C ILE D 300 22.14 14.25 -34.72
N PRO D 301 21.73 15.52 -34.71
CA PRO D 301 20.33 15.91 -34.47
C PRO D 301 19.32 15.35 -35.46
N HIS D 302 18.29 14.68 -34.93
CA HIS D 302 17.25 14.06 -35.76
C HIS D 302 17.87 13.09 -36.75
N GLY D 303 18.87 12.36 -36.27
CA GLY D 303 19.60 11.40 -37.09
C GLY D 303 18.83 10.19 -37.59
N ALA D 304 17.55 10.12 -37.26
CA ALA D 304 16.72 9.00 -37.71
C ALA D 304 15.58 9.51 -38.60
N GLU D 305 15.09 10.71 -38.31
CA GLU D 305 14.02 11.33 -39.08
C GLU D 305 14.46 11.78 -40.46
N LYS D 306 15.60 12.47 -40.54
CA LYS D 306 16.12 12.95 -41.82
C LYS D 306 16.34 11.85 -42.85
N PRO D 307 17.01 10.75 -42.46
CA PRO D 307 17.21 9.68 -43.44
C PRO D 307 15.86 9.10 -43.86
N ALA D 308 14.90 9.10 -42.93
CA ALA D 308 13.57 8.58 -43.22
C ALA D 308 12.81 9.49 -44.18
N GLY D 309 13.38 10.65 -44.47
CA GLY D 309 12.75 11.58 -45.38
C GLY D 309 12.04 12.71 -44.67
N TYR D 310 12.07 12.70 -43.33
CA TYR D 310 11.40 13.73 -42.54
C TYR D 310 12.38 14.82 -42.10
N ASN D 311 12.40 15.91 -42.85
CA ASN D 311 13.29 17.02 -42.53
C ASN D 311 12.51 18.26 -42.12
N ASP D 312 11.29 18.42 -42.64
CA ASP D 312 10.46 19.57 -42.35
C ASP D 312 9.00 19.15 -42.37
N TYR D 313 8.46 18.86 -41.20
CA TYR D 313 7.08 18.42 -41.07
C TYR D 313 6.07 19.43 -41.55
N SER D 314 6.38 20.71 -41.38
CA SER D 314 5.46 21.75 -41.81
C SER D 314 5.30 21.70 -43.33
N HIS D 315 6.42 21.50 -44.02
CA HIS D 315 6.36 21.44 -45.47
C HIS D 315 5.77 20.11 -45.94
N LEU D 316 6.02 19.05 -45.17
CA LEU D 316 5.49 17.72 -45.49
C LEU D 316 3.97 17.70 -45.39
N LEU D 317 3.45 18.23 -44.29
CA LEU D 317 2.01 18.29 -44.06
C LEU D 317 1.27 19.15 -45.08
N ASP D 318 1.98 20.10 -45.67
CA ASP D 318 1.40 20.96 -46.70
C ASP D 318 1.04 20.14 -47.95
N ALA D 319 1.80 19.07 -48.19
CA ALA D 319 1.55 18.19 -49.33
C ALA D 319 0.29 17.36 -49.11
N PHE D 320 -0.01 17.04 -47.85
CA PHE D 320 -1.23 16.29 -47.51
C PHE D 320 -2.44 17.19 -47.72
N LYS D 321 -2.31 18.43 -47.25
CA LYS D 321 -3.36 19.43 -47.38
C LYS D 321 -3.72 19.64 -48.85
N SER D 322 -2.71 19.82 -49.70
CA SER D 322 -2.97 20.03 -51.14
C SER D 322 -3.52 18.77 -51.83
N ALA D 323 -3.04 17.59 -51.43
CA ALA D 323 -3.50 16.34 -52.01
C ALA D 323 -4.86 15.94 -51.44
N LYS D 324 -5.33 16.68 -50.43
CA LYS D 324 -6.61 16.43 -49.77
C LYS D 324 -6.65 15.04 -49.12
N LEU D 325 -5.60 14.73 -48.36
CA LEU D 325 -5.48 13.45 -47.64
C LEU D 325 -5.43 13.73 -46.13
N ASP D 326 -6.17 12.92 -45.36
CA ASP D 326 -6.16 13.04 -43.91
C ASP D 326 -4.85 12.40 -43.48
N VAL D 327 -4.33 12.79 -42.32
CA VAL D 327 -3.07 12.22 -41.88
C VAL D 327 -3.23 11.34 -40.65
N THR D 328 -2.43 10.27 -40.61
CA THR D 328 -2.45 9.36 -39.46
C THR D 328 -1.03 9.27 -38.92
N PHE D 329 -0.86 9.62 -37.65
CA PHE D 329 0.43 9.52 -37.01
C PHE D 329 0.40 8.19 -36.27
N THR D 330 1.39 7.35 -36.53
CA THR D 330 1.46 6.00 -35.99
C THR D 330 2.15 5.70 -34.65
N CYS D 331 2.29 6.67 -33.76
CA CYS D 331 2.97 6.41 -32.47
C CYS D 331 2.44 7.29 -31.34
N LEU D 332 1.32 6.93 -30.72
CA LEU D 332 0.72 7.74 -29.63
C LEU D 332 0.75 7.22 -28.20
N GLU D 333 1.30 6.03 -27.97
CA GLU D 333 1.30 5.46 -26.61
C GLU D 333 2.62 5.50 -25.86
N MET D 334 3.59 6.25 -26.36
CA MET D 334 4.89 6.33 -25.71
C MET D 334 5.16 7.63 -24.97
N THR D 335 6.21 7.61 -24.15
CA THR D 335 6.62 8.77 -23.35
C THR D 335 8.00 9.25 -23.79
N ASP D 336 8.29 10.52 -23.51
CA ASP D 336 9.60 11.08 -23.84
C ASP D 336 10.65 10.42 -22.95
N LYS D 337 11.88 10.35 -23.45
CA LYS D 337 12.99 9.76 -22.70
C LYS D 337 14.14 10.77 -22.81
N GLY D 338 14.48 11.11 -24.05
CA GLY D 338 15.52 12.07 -24.35
C GLY D 338 16.92 11.79 -23.83
N SER D 339 17.16 10.55 -23.44
CA SER D 339 18.44 10.15 -22.89
C SER D 339 19.30 9.31 -23.83
N TYR D 340 20.60 9.37 -23.60
CA TYR D 340 21.56 8.60 -24.38
C TYR D 340 21.29 7.13 -24.04
N PRO D 341 21.48 6.21 -25.02
CA PRO D 341 21.87 6.42 -26.41
C PRO D 341 20.72 6.55 -27.42
N GLU D 342 19.48 6.41 -26.97
CA GLU D 342 18.33 6.49 -27.87
C GLU D 342 17.86 7.89 -28.23
N TYR D 343 17.89 8.81 -27.26
CA TYR D 343 17.44 10.19 -27.46
C TYR D 343 16.03 10.18 -28.05
N SER D 344 15.19 9.34 -27.44
CA SER D 344 13.79 9.14 -27.82
C SER D 344 12.82 10.16 -27.22
N MET D 345 12.13 10.90 -28.08
CA MET D 345 11.17 11.91 -27.63
C MET D 345 9.85 11.70 -28.37
N PRO D 346 9.20 10.55 -28.15
CA PRO D 346 7.92 10.22 -28.80
C PRO D 346 6.78 11.21 -28.56
N LYS D 347 6.57 11.59 -27.30
CA LYS D 347 5.49 12.51 -26.95
C LYS D 347 5.66 13.92 -27.51
N THR D 348 6.91 14.40 -27.54
CA THR D 348 7.19 15.73 -28.06
C THR D 348 6.88 15.76 -29.55
N LEU D 349 7.33 14.71 -30.26
CA LEU D 349 7.09 14.58 -31.71
C LEU D 349 5.59 14.61 -32.02
N VAL D 350 4.81 13.84 -31.25
CA VAL D 350 3.36 13.79 -31.44
C VAL D 350 2.72 15.14 -31.25
N GLN D 351 3.02 15.80 -30.12
CA GLN D 351 2.47 17.11 -29.84
C GLN D 351 2.83 18.11 -30.94
N ASN D 352 4.04 18.01 -31.47
CA ASN D 352 4.50 18.88 -32.54
C ASN D 352 3.66 18.68 -33.81
N ILE D 353 3.54 17.43 -34.25
CA ILE D 353 2.75 17.08 -35.43
C ILE D 353 1.29 17.48 -35.26
N ALA D 354 0.71 17.16 -34.11
CA ALA D 354 -0.67 17.48 -33.83
C ALA D 354 -0.92 18.97 -33.94
N THR D 355 0.04 19.76 -33.50
CA THR D 355 -0.07 21.21 -33.56
C THR D 355 -0.09 21.72 -35.00
N LEU D 356 0.85 21.28 -35.82
CA LEU D 356 0.90 21.70 -37.22
C LEU D 356 -0.37 21.29 -37.95
N ALA D 357 -0.80 20.05 -37.73
CA ALA D 357 -2.00 19.53 -38.37
C ALA D 357 -3.20 20.41 -38.10
N ASN D 358 -3.51 20.61 -36.82
CA ASN D 358 -4.65 21.43 -36.44
C ASN D 358 -4.50 22.84 -36.99
N GLU D 359 -3.28 23.38 -36.92
CA GLU D 359 -2.99 24.71 -37.41
C GLU D 359 -3.31 24.80 -38.92
N LYS D 360 -2.99 23.75 -39.65
CA LYS D 360 -3.22 23.70 -41.09
C LYS D 360 -4.61 23.20 -41.47
N GLY D 361 -5.41 22.83 -40.47
CA GLY D 361 -6.75 22.32 -40.72
C GLY D 361 -6.76 20.93 -41.34
N ILE D 362 -5.81 20.09 -40.96
CA ILE D 362 -5.73 18.72 -41.47
C ILE D 362 -6.31 17.74 -40.46
N VAL D 363 -7.20 16.86 -40.93
CA VAL D 363 -7.82 15.86 -40.07
C VAL D 363 -6.74 14.90 -39.60
N LEU D 364 -6.61 14.81 -38.28
CA LEU D 364 -5.60 13.98 -37.67
C LEU D 364 -6.19 12.72 -37.04
N ASN D 365 -5.50 11.61 -37.24
CA ASN D 365 -5.89 10.33 -36.71
C ASN D 365 -4.63 9.76 -36.05
N GLY D 366 -4.81 8.93 -35.03
CA GLY D 366 -3.68 8.35 -34.33
C GLY D 366 -3.65 6.84 -34.35
N GLU D 367 -2.51 6.29 -33.95
CA GLU D 367 -2.33 4.85 -33.95
C GLU D 367 -1.19 4.49 -32.99
N ASN D 368 -1.29 3.34 -32.31
CA ASN D 368 -0.23 2.91 -31.42
C ASN D 368 0.83 2.16 -32.23
N ALA D 369 2.10 2.41 -31.92
CA ALA D 369 3.21 1.79 -32.64
C ALA D 369 3.42 0.33 -32.26
N LEU D 370 3.28 0.02 -30.98
CA LEU D 370 3.49 -1.34 -30.51
C LEU D 370 2.28 -1.80 -29.72
N SER D 371 2.15 -3.12 -29.58
CA SER D 371 1.03 -3.69 -28.83
C SER D 371 0.99 -3.15 -27.40
N ILE D 372 -0.23 -2.95 -26.92
CA ILE D 372 -0.49 -2.45 -25.57
C ILE D 372 -1.01 -3.57 -24.69
N GLY D 373 -0.27 -3.87 -23.62
CA GLY D 373 -0.68 -4.93 -22.72
C GLY D 373 -0.94 -4.46 -21.30
N ASN D 374 -1.11 -3.15 -21.14
CA ASN D 374 -1.34 -2.55 -19.81
C ASN D 374 -2.20 -1.31 -19.97
N GLU D 375 -3.16 -1.11 -19.08
CA GLU D 375 -4.06 0.04 -19.15
C GLU D 375 -3.35 1.39 -19.12
N GLU D 376 -2.15 1.44 -18.56
CA GLU D 376 -1.39 2.68 -18.47
C GLU D 376 -1.16 3.29 -19.85
N GLU D 377 -0.78 2.46 -20.81
CA GLU D 377 -0.54 2.91 -22.17
C GLU D 377 -1.83 3.46 -22.81
N TYR D 378 -2.98 2.92 -22.40
CA TYR D 378 -4.27 3.39 -22.91
C TYR D 378 -4.50 4.81 -22.38
N LYS D 379 -4.05 5.04 -21.16
CA LYS D 379 -4.20 6.35 -20.54
C LYS D 379 -3.35 7.37 -21.27
N ARG D 380 -2.16 6.96 -21.69
CA ARG D 380 -1.28 7.85 -22.43
C ARG D 380 -1.91 8.21 -23.78
N VAL D 381 -2.49 7.22 -24.46
CA VAL D 381 -3.16 7.44 -25.74
C VAL D 381 -4.32 8.41 -25.57
N ALA D 382 -5.16 8.16 -24.56
CA ALA D 382 -6.32 9.00 -24.29
C ALA D 382 -5.92 10.45 -24.04
N GLU D 383 -4.83 10.66 -23.32
CA GLU D 383 -4.39 12.02 -23.05
C GLU D 383 -4.15 12.77 -24.36
N MET D 384 -3.41 12.13 -25.27
CA MET D 384 -3.10 12.76 -26.56
C MET D 384 -4.32 12.85 -27.48
N ALA D 385 -5.04 11.75 -27.64
CA ALA D 385 -6.21 11.72 -28.50
C ALA D 385 -7.26 12.77 -28.13
N PHE D 386 -7.56 12.89 -26.85
CA PHE D 386 -8.58 13.83 -26.38
C PHE D 386 -8.15 15.26 -26.09
N ASN D 387 -6.84 15.50 -26.11
CA ASN D 387 -6.34 16.84 -25.85
C ASN D 387 -5.69 17.52 -27.05
N TYR D 388 -5.46 16.73 -28.11
CA TYR D 388 -4.86 17.25 -29.34
C TYR D 388 -5.74 17.10 -30.59
N ASN D 389 -7.04 17.09 -30.37
CA ASN D 389 -8.07 17.04 -31.42
C ASN D 389 -8.06 15.87 -32.42
N PHE D 390 -7.64 14.69 -31.99
CA PHE D 390 -7.64 13.55 -32.90
C PHE D 390 -9.07 13.16 -33.26
N ALA D 391 -9.30 12.87 -34.53
CA ALA D 391 -10.63 12.47 -35.02
C ALA D 391 -10.81 10.96 -34.99
N GLY D 392 -9.73 10.24 -34.70
CA GLY D 392 -9.82 8.79 -34.65
C GLY D 392 -8.57 8.19 -34.07
N PHE D 393 -8.71 6.97 -33.56
CA PHE D 393 -7.61 6.21 -33.00
C PHE D 393 -7.77 4.75 -33.41
N THR D 394 -6.73 4.17 -34.00
CA THR D 394 -6.78 2.78 -34.43
C THR D 394 -5.91 1.94 -33.51
N LEU D 395 -6.49 0.86 -32.99
CA LEU D 395 -5.76 -0.04 -32.10
C LEU D 395 -5.14 -1.26 -32.78
N LEU D 396 -3.83 -1.36 -32.68
CA LEU D 396 -3.09 -2.52 -33.18
C LEU D 396 -2.96 -3.38 -31.93
N ARG D 397 -3.48 -4.60 -31.95
CA ARG D 397 -4.13 -5.19 -33.10
C ARG D 397 -5.23 -6.13 -32.60
N TYR D 398 -6.11 -6.52 -33.51
CA TYR D 398 -7.23 -7.43 -33.25
C TYR D 398 -7.07 -8.36 -32.05
N GLN D 399 -6.25 -9.39 -32.20
CA GLN D 399 -6.03 -10.38 -31.16
C GLN D 399 -5.64 -9.89 -29.76
N ASP D 400 -5.09 -8.69 -29.66
CA ASP D 400 -4.66 -8.15 -28.36
C ASP D 400 -5.79 -8.00 -27.34
N VAL D 401 -6.94 -7.51 -27.80
CA VAL D 401 -8.10 -7.29 -26.95
C VAL D 401 -9.20 -8.33 -27.17
N MET D 402 -9.22 -8.92 -28.36
CA MET D 402 -10.25 -9.91 -28.69
C MET D 402 -10.15 -11.14 -27.80
N TYR D 403 -8.93 -11.55 -27.48
CA TYR D 403 -8.71 -12.72 -26.65
C TYR D 403 -8.27 -12.36 -25.23
N ASN D 404 -8.63 -11.15 -24.79
CA ASN D 404 -8.30 -10.66 -23.45
C ASN D 404 -9.38 -9.66 -23.03
N ASN D 405 -10.42 -10.19 -22.40
CA ASN D 405 -11.54 -9.37 -21.95
C ASN D 405 -11.20 -8.28 -20.93
N SER D 406 -10.17 -8.49 -20.13
CA SER D 406 -9.79 -7.48 -19.13
C SER D 406 -9.26 -6.24 -19.84
N LEU D 407 -8.42 -6.44 -20.85
CA LEU D 407 -7.88 -5.32 -21.62
C LEU D 407 -8.98 -4.67 -22.44
N MET D 408 -9.89 -5.50 -22.97
CA MET D 408 -11.00 -5.01 -23.77
C MET D 408 -11.86 -4.07 -22.95
N GLY D 409 -12.15 -4.44 -21.72
CA GLY D 409 -12.95 -3.60 -20.84
C GLY D 409 -12.28 -2.28 -20.52
N LYS D 410 -10.95 -2.31 -20.34
CA LYS D 410 -10.20 -1.09 -20.06
C LYS D 410 -10.26 -0.19 -21.29
N PHE D 411 -10.17 -0.80 -22.47
CA PHE D 411 -10.24 -0.04 -23.71
C PHE D 411 -11.61 0.62 -23.86
N LYS D 412 -12.66 -0.16 -23.62
CA LYS D 412 -14.02 0.34 -23.73
C LYS D 412 -14.20 1.58 -22.87
N ASP D 413 -13.72 1.48 -21.63
CA ASP D 413 -13.80 2.56 -20.65
C ASP D 413 -13.03 3.82 -21.05
N LEU D 414 -11.74 3.68 -21.28
CA LEU D 414 -10.87 4.78 -21.62
C LEU D 414 -10.95 5.36 -23.03
N LEU D 415 -11.01 4.48 -24.04
CA LEU D 415 -11.01 4.92 -25.44
C LEU D 415 -12.21 4.62 -26.35
N GLY D 416 -13.02 3.61 -26.04
CA GLY D 416 -14.15 3.31 -26.90
C GLY D 416 -15.38 4.13 -26.53
N VAL D 417 -15.19 5.44 -26.41
CA VAL D 417 -16.26 6.35 -26.00
C VAL D 417 -16.99 7.06 -27.14
N THR D 418 -18.22 7.47 -26.85
CA THR D 418 -19.05 8.19 -27.80
C THR D 418 -19.15 9.63 -27.32
N PRO D 419 -18.66 10.57 -28.12
CA PRO D 419 -18.68 12.01 -27.79
C PRO D 419 -20.11 12.56 -27.81
N VAL D 420 -20.47 13.31 -26.79
CA VAL D 420 -21.80 13.88 -26.72
C VAL D 420 -21.67 15.32 -26.20
N MET D 421 -22.42 16.23 -26.80
CA MET D 421 -22.37 17.62 -26.39
C MET D 421 -23.26 17.82 -25.18
N GLN D 422 -22.74 18.57 -24.21
CA GLN D 422 -23.45 18.86 -22.98
C GLN D 422 -23.19 20.32 -22.63
N THR D 423 -24.12 20.93 -21.91
CA THR D 423 -23.97 22.31 -21.48
C THR D 423 -23.62 22.34 -20.00
N ILE D 424 -22.50 22.97 -19.67
CA ILE D 424 -22.07 23.08 -18.28
C ILE D 424 -22.43 24.50 -17.83
N VAL D 425 -23.17 24.60 -16.73
CA VAL D 425 -23.58 25.90 -16.18
C VAL D 425 -23.08 26.04 -14.75
N VAL D 426 -22.41 27.16 -14.48
CA VAL D 426 -21.90 27.45 -13.14
C VAL D 426 -22.43 28.80 -12.74
N LYS D 427 -23.09 28.83 -11.60
CA LYS D 427 -23.69 30.07 -11.10
C LYS D 427 -22.91 30.63 -9.92
N ASN D 428 -23.16 31.91 -9.65
CA ASN D 428 -22.54 32.62 -8.54
C ASN D 428 -21.01 32.68 -8.55
N VAL D 429 -20.42 32.77 -9.74
CA VAL D 429 -18.97 32.84 -9.85
C VAL D 429 -18.51 34.27 -9.57
N PRO D 430 -17.62 34.45 -8.58
CA PRO D 430 -17.08 35.76 -8.20
C PRO D 430 -15.90 36.25 -9.04
N THR D 431 -16.15 36.56 -10.31
CA THR D 431 -15.11 37.03 -11.20
C THR D 431 -14.93 38.55 -11.17
N THR D 432 -13.77 39.00 -11.63
CA THR D 432 -13.45 40.42 -11.69
C THR D 432 -13.14 40.69 -13.15
N ILE D 433 -13.08 41.96 -13.54
CA ILE D 433 -12.78 42.33 -14.93
C ILE D 433 -11.50 41.63 -15.36
N GLY D 434 -11.55 40.91 -16.48
CA GLY D 434 -10.37 40.21 -16.95
C GLY D 434 -10.27 38.77 -16.52
N ASP D 435 -11.18 38.33 -15.65
CA ASP D 435 -11.17 36.95 -15.18
C ASP D 435 -11.93 36.03 -16.13
N THR D 436 -11.34 34.87 -16.41
CA THR D 436 -11.95 33.88 -17.28
C THR D 436 -12.22 32.59 -16.50
N VAL D 437 -13.38 31.98 -16.73
CA VAL D 437 -13.75 30.76 -16.03
C VAL D 437 -13.52 29.54 -16.93
N TYR D 438 -12.94 28.50 -16.33
CA TYR D 438 -12.65 27.24 -17.02
C TYR D 438 -13.08 26.08 -16.15
N ILE D 439 -13.10 24.88 -16.74
CA ILE D 439 -13.41 23.67 -15.99
C ILE D 439 -12.36 22.63 -16.37
N THR D 440 -12.01 21.78 -15.41
CA THR D 440 -11.05 20.72 -15.62
C THR D 440 -11.59 19.52 -14.81
N GLY D 441 -11.21 18.31 -15.18
CA GLY D 441 -11.73 17.14 -14.49
C GLY D 441 -10.86 15.92 -14.53
N ASN D 442 -11.33 14.84 -13.89
CA ASN D 442 -10.57 13.60 -13.78
C ASN D 442 -10.21 12.83 -15.04
N ARG D 443 -11.13 12.77 -16.00
CA ARG D 443 -10.86 12.04 -17.24
C ARG D 443 -10.03 12.82 -18.26
N ALA D 444 -9.35 12.09 -19.14
CA ALA D 444 -8.51 12.69 -20.18
C ALA D 444 -9.27 13.67 -21.05
N GLU D 445 -10.57 13.43 -21.21
CA GLU D 445 -11.43 14.29 -22.03
C GLU D 445 -11.62 15.66 -21.38
N LEU D 446 -11.34 15.73 -20.08
CA LEU D 446 -11.47 16.97 -19.32
C LEU D 446 -10.13 17.57 -18.90
N GLY D 447 -9.05 17.10 -19.51
CA GLY D 447 -7.73 17.63 -19.20
C GLY D 447 -7.00 17.04 -18.01
N SER D 448 -7.58 16.02 -17.38
CA SER D 448 -6.96 15.36 -16.25
C SER D 448 -6.46 16.34 -15.17
N TRP D 449 -7.34 17.25 -14.76
CA TRP D 449 -7.05 18.24 -13.73
C TRP D 449 -6.04 19.30 -14.08
N ASP D 450 -5.57 19.31 -15.34
CA ASP D 450 -4.60 20.30 -15.76
C ASP D 450 -5.26 21.68 -15.85
N THR D 451 -4.50 22.70 -15.47
CA THR D 451 -4.99 24.07 -15.51
C THR D 451 -4.17 24.93 -16.46
N LYS D 452 -3.10 24.35 -17.01
CA LYS D 452 -2.22 25.09 -17.91
C LYS D 452 -2.60 25.11 -19.40
N GLN D 453 -2.68 23.94 -20.04
CA GLN D 453 -3.03 23.92 -21.47
C GLN D 453 -4.36 23.26 -21.80
N TYR D 454 -4.70 22.22 -21.05
CA TYR D 454 -5.90 21.44 -21.29
C TYR D 454 -7.30 21.88 -20.79
N PRO D 455 -7.40 22.85 -19.88
CA PRO D 455 -8.75 23.23 -19.42
C PRO D 455 -9.72 23.73 -20.50
N ILE D 456 -11.01 23.47 -20.29
CA ILE D 456 -12.07 23.89 -21.20
C ILE D 456 -12.63 25.21 -20.69
N GLN D 457 -12.65 26.22 -21.56
CA GLN D 457 -13.12 27.53 -21.18
C GLN D 457 -14.63 27.70 -21.21
N LEU D 458 -15.14 28.51 -20.29
CA LEU D 458 -16.57 28.80 -20.22
C LEU D 458 -16.79 30.26 -20.60
N TYR D 459 -18.00 30.59 -21.00
CA TYR D 459 -18.34 31.93 -21.44
C TYR D 459 -19.49 32.53 -20.66
N TYR D 460 -19.32 33.78 -20.26
CA TYR D 460 -20.34 34.47 -19.50
C TYR D 460 -21.60 34.69 -20.34
N ASP D 461 -22.74 34.44 -19.71
CA ASP D 461 -24.04 34.59 -20.34
C ASP D 461 -24.63 35.85 -19.72
N SER D 462 -24.63 36.93 -20.48
CA SER D 462 -25.16 38.22 -20.02
C SER D 462 -26.64 38.18 -19.71
N HIS D 463 -27.37 37.28 -20.36
CA HIS D 463 -28.81 37.16 -20.15
C HIS D 463 -29.17 36.37 -18.90
N SER D 464 -28.43 35.28 -18.65
CA SER D 464 -28.68 34.44 -17.47
C SER D 464 -27.81 34.82 -16.27
N ASN D 465 -26.81 35.66 -16.52
CA ASN D 465 -25.89 36.08 -15.48
C ASN D 465 -25.21 34.87 -14.84
N ASP D 466 -24.55 34.09 -15.68
CA ASP D 466 -23.83 32.91 -15.22
C ASP D 466 -22.80 32.51 -16.26
N TRP D 467 -21.99 31.52 -15.93
CA TRP D 467 -20.97 31.06 -16.84
C TRP D 467 -21.34 29.70 -17.37
N ARG D 468 -21.35 29.56 -18.69
CA ARG D 468 -21.70 28.29 -19.30
C ARG D 468 -20.94 28.01 -20.57
N GLY D 469 -20.96 26.76 -21.01
CA GLY D 469 -20.26 26.39 -22.23
C GLY D 469 -20.70 25.03 -22.69
N ASN D 470 -20.66 24.80 -23.99
CA ASN D 470 -21.04 23.51 -24.54
C ASN D 470 -19.78 22.69 -24.72
N VAL D 471 -19.68 21.61 -23.96
CA VAL D 471 -18.52 20.73 -23.97
C VAL D 471 -18.86 19.37 -24.53
N VAL D 472 -17.89 18.75 -25.18
CA VAL D 472 -18.07 17.41 -25.75
C VAL D 472 -17.49 16.47 -24.69
N LEU D 473 -18.35 15.66 -24.10
CA LEU D 473 -17.97 14.71 -23.03
C LEU D 473 -18.15 13.26 -23.46
N PRO D 474 -17.51 12.32 -22.73
CA PRO D 474 -17.67 10.91 -23.11
C PRO D 474 -19.02 10.39 -22.59
N ALA D 475 -19.88 9.94 -23.50
CA ALA D 475 -21.19 9.45 -23.12
C ALA D 475 -21.11 8.22 -22.22
N GLU D 476 -22.00 8.19 -21.24
CA GLU D 476 -22.09 7.08 -20.30
C GLU D 476 -20.86 6.77 -19.46
N ARG D 477 -20.10 7.79 -19.11
CA ARG D 477 -18.92 7.65 -18.27
C ARG D 477 -19.10 8.55 -17.06
N ASN D 478 -18.56 8.13 -15.92
CA ASN D 478 -18.65 8.91 -14.69
C ASN D 478 -17.56 9.96 -14.75
N ILE D 479 -17.88 11.21 -14.45
CA ILE D 479 -16.86 12.26 -14.47
C ILE D 479 -16.88 13.11 -13.21
N GLU D 480 -15.73 13.66 -12.87
CA GLU D 480 -15.58 14.53 -11.71
C GLU D 480 -14.93 15.78 -12.26
N PHE D 481 -15.45 16.94 -11.90
CA PHE D 481 -14.89 18.19 -12.39
C PHE D 481 -15.12 19.34 -11.43
N LYS D 482 -14.37 20.43 -11.64
CA LYS D 482 -14.48 21.63 -10.83
C LYS D 482 -14.20 22.81 -11.71
N ALA D 483 -14.91 23.90 -11.46
CA ALA D 483 -14.68 25.12 -12.22
C ALA D 483 -13.62 25.89 -11.45
N PHE D 484 -12.91 26.76 -12.16
CA PHE D 484 -11.89 27.59 -11.55
C PHE D 484 -11.75 28.91 -12.31
N ILE D 485 -11.32 29.95 -11.61
CA ILE D 485 -11.12 31.27 -12.20
C ILE D 485 -9.65 31.49 -12.51
N LYS D 486 -9.38 32.13 -13.65
CA LYS D 486 -8.01 32.46 -14.05
C LYS D 486 -7.95 33.98 -14.18
N SER D 487 -6.94 34.59 -13.58
CA SER D 487 -6.79 36.04 -13.64
C SER D 487 -6.23 36.45 -15.00
N LYS D 488 -6.21 37.76 -15.25
CA LYS D 488 -5.71 38.32 -16.50
C LYS D 488 -4.30 37.79 -16.83
N ASP D 489 -3.45 37.70 -15.80
CA ASP D 489 -2.09 37.20 -15.99
C ASP D 489 -2.04 35.69 -16.18
N GLY D 490 -3.20 35.09 -16.40
CA GLY D 490 -3.29 33.66 -16.62
C GLY D 490 -2.96 32.77 -15.45
N THR D 491 -3.18 33.25 -14.24
CA THR D 491 -2.90 32.44 -13.06
C THR D 491 -4.20 32.03 -12.36
N VAL D 492 -4.21 30.80 -11.86
CA VAL D 492 -5.37 30.27 -11.15
C VAL D 492 -5.62 31.15 -9.94
N LYS D 493 -6.79 31.75 -9.88
CA LYS D 493 -7.19 32.62 -8.80
C LYS D 493 -7.93 31.83 -7.71
N SER D 494 -8.92 31.04 -8.11
CA SER D 494 -9.69 30.26 -7.16
C SER D 494 -10.40 29.06 -7.80
N TRP D 495 -10.88 28.15 -6.96
CA TRP D 495 -11.57 26.95 -7.39
C TRP D 495 -12.99 26.90 -6.86
N GLN D 496 -13.84 26.14 -7.54
CA GLN D 496 -15.22 25.95 -7.12
C GLN D 496 -15.13 25.23 -5.79
N THR D 497 -15.96 25.62 -4.83
CA THR D 497 -15.90 25.03 -3.49
C THR D 497 -16.10 23.51 -3.42
N ILE D 498 -17.08 23.00 -4.16
CA ILE D 498 -17.36 21.59 -4.15
C ILE D 498 -17.12 20.92 -5.49
N GLN D 499 -16.54 19.73 -5.45
CA GLN D 499 -16.26 18.96 -6.65
C GLN D 499 -17.56 18.44 -7.21
N GLN D 500 -17.73 18.61 -8.51
CA GLN D 500 -18.93 18.17 -9.19
C GLN D 500 -18.73 16.82 -9.85
N SER D 501 -19.84 16.15 -10.12
CA SER D 501 -19.77 14.86 -10.78
C SER D 501 -21.00 14.65 -11.62
N TRP D 502 -20.90 13.75 -12.58
CA TRP D 502 -22.00 13.40 -13.45
C TRP D 502 -21.80 11.92 -13.61
N ASN D 503 -22.62 11.14 -12.90
CA ASN D 503 -22.52 9.69 -12.91
C ASN D 503 -23.77 8.97 -13.43
N PRO D 504 -23.79 8.64 -14.72
CA PRO D 504 -22.75 8.95 -15.70
C PRO D 504 -23.20 10.13 -16.57
N VAL D 505 -22.39 10.48 -17.56
CA VAL D 505 -22.76 11.55 -18.48
C VAL D 505 -23.89 10.97 -19.32
N PRO D 506 -25.03 11.66 -19.40
CA PRO D 506 -26.20 11.24 -20.15
C PRO D 506 -25.91 11.04 -21.63
N LEU D 507 -26.66 10.15 -22.27
CA LEU D 507 -26.48 9.90 -23.68
C LEU D 507 -27.11 11.02 -24.49
N LYS D 508 -28.11 11.68 -23.91
CA LYS D 508 -28.81 12.79 -24.55
C LYS D 508 -28.29 14.12 -24.04
N THR D 509 -28.30 15.13 -24.90
CA THR D 509 -27.82 16.45 -24.55
C THR D 509 -28.73 17.14 -23.56
N THR D 510 -28.13 17.61 -22.46
CA THR D 510 -28.81 18.32 -21.39
C THR D 510 -27.79 19.30 -20.84
N SER D 511 -27.93 19.66 -19.57
CA SER D 511 -27.01 20.58 -18.93
C SER D 511 -26.77 20.18 -17.48
N HIS D 512 -25.60 20.55 -16.97
CA HIS D 512 -25.23 20.28 -15.60
C HIS D 512 -25.06 21.64 -14.96
N THR D 513 -26.00 22.00 -14.09
CA THR D 513 -25.95 23.28 -13.41
C THR D 513 -25.46 23.12 -11.99
N SER D 514 -24.63 24.05 -11.55
CA SER D 514 -24.09 24.02 -10.19
C SER D 514 -23.72 25.42 -9.75
N SER D 515 -23.45 25.57 -8.47
CA SER D 515 -23.05 26.86 -7.92
C SER D 515 -21.61 26.80 -7.49
N TRP D 516 -20.95 27.96 -7.53
CA TRP D 516 -19.56 28.09 -7.13
C TRP D 516 -19.39 27.71 -5.66
#